data_2KW0
#
_entry.id   2KW0
#
_entity_poly.entity_id   1
_entity_poly.type   'polypeptide(L)'
_entity_poly.pdbx_seq_one_letter_code
;MTIDVLQFKDEAQEQQFRQLTEELRCPKCQNNSIADSNSMIATDLRQKVYELMQEGKSKKEIVDYMVARYGNFVTYDPPL
TPLEHHHHHH
;
_entity_poly.pdbx_strand_id   A
#
# COMPACT_ATOMS: atom_id res chain seq x y z
N THR A 2 1.91 -17.91 0.05
CA THR A 2 0.83 -17.67 -0.93
C THR A 2 -0.30 -16.89 -0.27
N ILE A 3 -0.61 -15.73 -0.82
CA ILE A 3 -1.57 -14.83 -0.21
C ILE A 3 -3.00 -15.11 -0.70
N ASP A 4 -3.41 -14.48 -1.79
CA ASP A 4 -4.81 -14.52 -2.20
C ASP A 4 -4.91 -14.35 -3.71
N VAL A 5 -5.98 -13.71 -4.19
CA VAL A 5 -6.10 -13.34 -5.58
C VAL A 5 -5.07 -12.25 -5.89
N LEU A 6 -4.55 -11.66 -4.82
CA LEU A 6 -3.55 -10.60 -4.92
C LEU A 6 -2.23 -11.18 -5.41
N GLN A 7 -2.14 -11.36 -6.72
CA GLN A 7 -0.95 -11.95 -7.33
C GLN A 7 -0.17 -10.90 -8.10
N PHE A 8 1.15 -11.04 -8.07
CA PHE A 8 2.03 -10.17 -8.84
C PHE A 8 2.49 -10.92 -10.07
N LYS A 9 2.34 -10.28 -11.21
CA LYS A 9 2.67 -10.85 -12.50
C LYS A 9 4.12 -11.31 -12.55
N ASP A 10 4.96 -10.62 -11.80
CA ASP A 10 6.37 -10.95 -11.69
C ASP A 10 6.93 -10.27 -10.45
N GLU A 11 8.25 -10.13 -10.38
CA GLU A 11 8.85 -9.41 -9.27
C GLU A 11 8.61 -7.92 -9.45
N ALA A 12 8.50 -7.49 -10.69
CA ALA A 12 8.28 -6.08 -11.01
C ALA A 12 6.93 -5.60 -10.51
N GLN A 13 5.90 -6.43 -10.65
CA GLN A 13 4.58 -6.08 -10.15
C GLN A 13 4.64 -5.98 -8.63
N GLU A 14 5.55 -6.76 -8.05
CA GLU A 14 5.77 -6.76 -6.63
C GLU A 14 6.62 -5.56 -6.22
N GLN A 15 7.43 -5.06 -7.16
CA GLN A 15 8.18 -3.82 -6.96
C GLN A 15 7.22 -2.64 -6.98
N GLN A 16 6.20 -2.73 -7.81
CA GLN A 16 5.10 -1.76 -7.79
C GLN A 16 4.42 -1.81 -6.44
N PHE A 17 4.14 -3.02 -5.99
CA PHE A 17 3.58 -3.24 -4.66
C PHE A 17 4.51 -2.67 -3.60
N ARG A 18 5.80 -2.88 -3.82
CA ARG A 18 6.86 -2.36 -2.96
C ARG A 18 6.67 -0.87 -2.70
N GLN A 19 6.50 -0.12 -3.78
CA GLN A 19 6.29 1.31 -3.69
C GLN A 19 4.90 1.63 -3.15
N LEU A 20 3.90 0.98 -3.70
CA LEU A 20 2.52 1.29 -3.41
C LEU A 20 2.19 1.06 -1.92
N THR A 21 2.97 0.22 -1.26
CA THR A 21 2.78 0.00 0.17
C THR A 21 3.77 0.81 1.01
N GLU A 22 4.95 1.10 0.48
CA GLU A 22 5.99 1.76 1.27
C GLU A 22 6.03 3.27 1.05
N GLU A 23 5.25 3.76 0.10
CA GLU A 23 5.08 5.20 -0.07
C GLU A 23 3.94 5.70 0.79
N LEU A 24 3.28 4.77 1.47
CA LEU A 24 2.16 5.10 2.33
C LEU A 24 2.64 5.30 3.76
N ARG A 25 2.14 6.34 4.41
CA ARG A 25 2.55 6.68 5.76
C ARG A 25 1.68 5.98 6.80
N CYS A 26 2.31 5.27 7.71
CA CYS A 26 1.62 4.75 8.88
C CYS A 26 2.04 5.57 10.11
N PRO A 27 1.09 5.98 10.94
CA PRO A 27 1.34 6.88 12.08
C PRO A 27 2.05 6.20 13.27
N LYS A 28 3.15 5.51 12.98
CA LYS A 28 3.97 4.89 14.02
C LYS A 28 5.41 4.76 13.55
N CYS A 29 6.33 5.31 14.33
CA CYS A 29 7.75 5.33 14.00
C CYS A 29 8.34 3.93 13.93
N GLN A 30 7.72 2.99 14.64
CA GLN A 30 8.16 1.61 14.62
C GLN A 30 7.18 0.73 13.86
N ASN A 31 7.05 1.01 12.58
CA ASN A 31 6.18 0.23 11.70
C ASN A 31 6.55 0.50 10.25
N ASN A 32 6.64 -0.55 9.44
CA ASN A 32 7.10 -0.41 8.06
C ASN A 32 5.92 -0.22 7.12
N SER A 33 5.29 0.95 7.21
CA SER A 33 4.15 1.29 6.37
C SER A 33 3.09 0.19 6.44
N ILE A 34 2.56 -0.22 5.30
CA ILE A 34 1.62 -1.32 5.27
C ILE A 34 2.19 -2.50 4.51
N ALA A 35 3.48 -2.41 4.19
CA ALA A 35 4.12 -3.37 3.31
C ALA A 35 4.29 -4.73 3.97
N ASP A 36 5.20 -4.82 4.92
CA ASP A 36 5.49 -6.09 5.58
C ASP A 36 5.07 -6.06 7.03
N SER A 37 4.26 -5.07 7.39
CA SER A 37 3.76 -4.96 8.75
C SER A 37 2.79 -6.09 9.06
N ASN A 38 2.14 -6.59 8.00
CA ASN A 38 1.21 -7.74 8.08
C ASN A 38 0.00 -7.44 8.95
N SER A 39 -0.14 -6.17 9.32
CA SER A 39 -1.27 -5.71 10.12
C SER A 39 -2.59 -6.06 9.43
N MET A 40 -3.57 -6.46 10.23
CA MET A 40 -4.89 -6.81 9.71
C MET A 40 -5.37 -5.75 8.72
N ILE A 41 -5.38 -4.52 9.20
CA ILE A 41 -5.88 -3.39 8.44
C ILE A 41 -4.90 -3.02 7.32
N ALA A 42 -3.61 -3.26 7.55
CA ALA A 42 -2.61 -3.01 6.52
C ALA A 42 -2.88 -3.86 5.28
N THR A 43 -3.26 -5.11 5.52
CA THR A 43 -3.63 -6.02 4.45
C THR A 43 -4.89 -5.53 3.73
N ASP A 44 -5.85 -5.01 4.49
CA ASP A 44 -7.06 -4.42 3.93
C ASP A 44 -6.69 -3.38 2.88
N LEU A 45 -5.74 -2.53 3.24
CA LEU A 45 -5.28 -1.46 2.36
C LEU A 45 -4.52 -2.03 1.16
N ARG A 46 -3.75 -3.08 1.40
CA ARG A 46 -2.97 -3.70 0.33
C ARG A 46 -3.86 -4.31 -0.74
N GLN A 47 -5.05 -4.73 -0.34
CA GLN A 47 -6.04 -5.19 -1.29
C GLN A 47 -6.40 -4.06 -2.25
N LYS A 48 -6.55 -2.87 -1.70
CA LYS A 48 -6.82 -1.68 -2.52
C LYS A 48 -5.67 -1.46 -3.49
N VAL A 49 -4.45 -1.58 -2.96
CA VAL A 49 -3.24 -1.47 -3.77
C VAL A 49 -3.28 -2.45 -4.95
N TYR A 50 -3.78 -3.66 -4.70
CA TYR A 50 -3.91 -4.66 -5.76
C TYR A 50 -4.97 -4.25 -6.76
N GLU A 51 -6.16 -3.88 -6.27
CA GLU A 51 -7.26 -3.49 -7.14
C GLU A 51 -6.85 -2.34 -8.05
N LEU A 52 -6.25 -1.33 -7.45
CA LEU A 52 -5.85 -0.14 -8.18
C LEU A 52 -4.84 -0.46 -9.29
N MET A 53 -4.06 -1.51 -9.10
CA MET A 53 -3.11 -1.96 -10.13
C MET A 53 -3.85 -2.30 -11.41
N GLN A 54 -4.87 -3.15 -11.28
CA GLN A 54 -5.63 -3.61 -12.42
C GLN A 54 -6.61 -2.56 -12.90
N GLU A 55 -7.03 -1.67 -12.00
CA GLU A 55 -7.90 -0.57 -12.38
C GLU A 55 -7.20 0.36 -13.35
N GLY A 56 -5.90 0.51 -13.18
CA GLY A 56 -5.12 1.33 -14.08
C GLY A 56 -4.70 2.63 -13.43
N LYS A 57 -4.48 2.57 -12.13
CA LYS A 57 -4.07 3.74 -11.37
C LYS A 57 -2.56 3.95 -11.52
N SER A 58 -2.12 5.16 -11.24
CA SER A 58 -0.70 5.48 -11.22
C SER A 58 -0.17 5.35 -9.80
N LYS A 59 1.15 5.35 -9.62
CA LYS A 59 1.73 5.15 -8.29
C LYS A 59 1.13 6.10 -7.26
N LYS A 60 1.24 7.39 -7.53
CA LYS A 60 0.71 8.40 -6.62
C LYS A 60 -0.80 8.36 -6.60
N GLU A 61 -1.38 7.90 -7.71
CA GLU A 61 -2.82 7.72 -7.81
C GLU A 61 -3.30 6.60 -6.89
N ILE A 62 -2.56 5.50 -6.84
CA ILE A 62 -2.89 4.38 -5.93
C ILE A 62 -2.91 4.88 -4.48
N VAL A 63 -1.82 5.53 -4.08
CA VAL A 63 -1.71 6.01 -2.71
C VAL A 63 -2.70 7.14 -2.45
N ASP A 64 -2.98 7.96 -3.46
CA ASP A 64 -3.98 9.00 -3.33
C ASP A 64 -5.36 8.40 -3.13
N TYR A 65 -5.61 7.29 -3.83
CA TYR A 65 -6.85 6.57 -3.68
C TYR A 65 -6.94 6.05 -2.25
N MET A 66 -5.80 5.60 -1.74
CA MET A 66 -5.71 5.16 -0.36
C MET A 66 -6.02 6.31 0.59
N VAL A 67 -5.35 7.43 0.39
CA VAL A 67 -5.47 8.55 1.33
C VAL A 67 -6.82 9.26 1.22
N ALA A 68 -7.38 9.27 0.02
CA ALA A 68 -8.68 9.89 -0.20
C ALA A 68 -9.80 9.08 0.43
N ARG A 69 -9.73 7.76 0.28
CA ARG A 69 -10.82 6.89 0.73
C ARG A 69 -10.53 6.31 2.13
N TYR A 70 -9.27 6.18 2.47
CA TYR A 70 -8.86 5.55 3.73
C TYR A 70 -7.96 6.49 4.53
N GLY A 71 -8.10 7.78 4.29
CA GLY A 71 -7.23 8.77 4.90
C GLY A 71 -7.46 8.98 6.39
N ASN A 72 -8.13 8.02 7.03
CA ASN A 72 -8.28 8.05 8.47
C ASN A 72 -7.02 7.50 9.11
N PHE A 73 -6.58 6.37 8.61
CA PHE A 73 -5.37 5.73 9.08
C PHE A 73 -4.21 6.01 8.15
N VAL A 74 -4.50 6.10 6.86
CA VAL A 74 -3.45 6.24 5.86
C VAL A 74 -3.19 7.72 5.56
N THR A 75 -1.99 8.02 5.10
CA THR A 75 -1.62 9.38 4.73
C THR A 75 -0.50 9.36 3.70
N TYR A 76 -0.53 10.28 2.74
CA TYR A 76 0.51 10.34 1.73
C TYR A 76 1.56 11.36 2.13
N ASP A 77 2.66 10.85 2.65
CA ASP A 77 3.78 11.66 3.11
C ASP A 77 5.01 10.80 3.23
N PRO A 78 6.21 11.40 3.27
CA PRO A 78 7.43 10.67 3.55
C PRO A 78 7.30 9.91 4.87
N PRO A 79 7.57 8.60 4.86
CA PRO A 79 7.36 7.75 6.02
C PRO A 79 8.43 7.93 7.08
N LEU A 80 8.67 6.90 7.88
CA LEU A 80 9.62 6.99 8.97
C LEU A 80 11.04 6.81 8.44
N THR A 81 11.17 6.82 7.13
CA THR A 81 12.46 6.74 6.49
C THR A 81 13.26 8.02 6.74
N PRO A 82 14.43 7.90 7.38
CA PRO A 82 15.30 9.05 7.67
C PRO A 82 15.94 9.62 6.42
N THR A 2 -1.66 -20.07 0.16
CA THR A 2 -0.42 -19.28 0.36
C THR A 2 -0.71 -17.95 1.03
N ILE A 3 -1.48 -17.11 0.36
CA ILE A 3 -1.90 -15.84 0.93
C ILE A 3 -3.34 -15.51 0.55
N ASP A 4 -3.57 -14.96 -0.62
CA ASP A 4 -4.89 -14.52 -1.00
C ASP A 4 -5.06 -14.60 -2.51
N VAL A 5 -6.05 -13.87 -3.04
CA VAL A 5 -6.26 -13.80 -4.49
C VAL A 5 -5.25 -12.82 -5.11
N LEU A 6 -4.52 -12.13 -4.24
CA LEU A 6 -3.56 -11.12 -4.65
C LEU A 6 -2.33 -11.76 -5.28
N GLN A 7 -2.45 -12.14 -6.54
CA GLN A 7 -1.36 -12.80 -7.26
C GLN A 7 -0.57 -11.79 -8.09
N PHE A 8 0.73 -11.79 -7.91
CA PHE A 8 1.62 -10.92 -8.67
C PHE A 8 2.06 -11.62 -9.94
N LYS A 9 1.85 -10.92 -11.06
CA LYS A 9 2.20 -11.39 -12.38
C LYS A 9 3.65 -11.89 -12.44
N ASP A 10 4.49 -11.22 -11.67
CA ASP A 10 5.87 -11.61 -11.49
C ASP A 10 6.40 -10.91 -10.26
N GLU A 11 7.71 -10.88 -10.08
CA GLU A 11 8.28 -10.16 -8.95
C GLU A 11 8.15 -8.66 -9.17
N ALA A 12 8.08 -8.24 -10.43
CA ALA A 12 7.95 -6.84 -10.77
C ALA A 12 6.62 -6.28 -10.30
N GLN A 13 5.55 -7.07 -10.44
CA GLN A 13 4.24 -6.65 -9.95
C GLN A 13 4.31 -6.46 -8.45
N GLU A 14 5.11 -7.30 -7.81
CA GLU A 14 5.32 -7.23 -6.38
C GLU A 14 6.19 -6.01 -6.02
N GLN A 15 7.02 -5.57 -6.96
CA GLN A 15 7.84 -4.38 -6.77
C GLN A 15 6.96 -3.14 -6.82
N GLN A 16 5.98 -3.16 -7.71
CA GLN A 16 4.97 -2.11 -7.74
C GLN A 16 4.23 -2.10 -6.42
N PHE A 17 3.88 -3.29 -5.95
CA PHE A 17 3.25 -3.47 -4.66
C PHE A 17 4.15 -2.89 -3.57
N ARG A 18 5.45 -3.12 -3.71
CA ARG A 18 6.46 -2.61 -2.78
C ARG A 18 6.34 -1.09 -2.65
N GLN A 19 6.35 -0.40 -3.77
CA GLN A 19 6.32 1.06 -3.78
C GLN A 19 4.97 1.58 -3.32
N LEU A 20 3.93 0.93 -3.79
CA LEU A 20 2.57 1.37 -3.51
C LEU A 20 2.24 1.20 -2.03
N THR A 21 2.95 0.30 -1.35
CA THR A 21 2.75 0.12 0.07
C THR A 21 3.77 0.93 0.88
N GLU A 22 4.90 1.28 0.27
CA GLU A 22 5.96 2.00 0.98
C GLU A 22 5.78 3.51 0.94
N GLU A 23 5.20 4.03 -0.14
CA GLU A 23 4.91 5.47 -0.22
C GLU A 23 3.70 5.82 0.62
N LEU A 24 3.06 4.80 1.18
CA LEU A 24 1.89 5.00 2.01
C LEU A 24 2.27 4.92 3.49
N ARG A 25 1.88 5.96 4.22
CA ARG A 25 2.11 6.02 5.65
C ARG A 25 0.97 5.38 6.41
N CYS A 26 1.33 4.58 7.41
CA CYS A 26 0.37 4.13 8.39
C CYS A 26 0.57 4.95 9.67
N PRO A 27 -0.52 5.29 10.38
CA PRO A 27 -0.46 6.10 11.61
C PRO A 27 0.25 5.39 12.75
N LYS A 28 1.56 5.27 12.63
CA LYS A 28 2.39 4.58 13.60
C LYS A 28 3.81 5.12 13.55
N CYS A 29 4.50 5.09 14.68
CA CYS A 29 5.89 5.53 14.73
C CYS A 29 6.83 4.33 14.64
N GLN A 30 6.30 3.16 14.95
CA GLN A 30 7.06 1.92 14.89
C GLN A 30 6.80 1.19 13.57
N ASN A 31 5.89 1.73 12.79
CA ASN A 31 5.55 1.18 11.48
C ASN A 31 5.45 2.32 10.48
N ASN A 32 6.30 2.31 9.47
CA ASN A 32 6.35 3.40 8.50
C ASN A 32 5.36 3.19 7.38
N SER A 33 5.45 2.03 6.75
CA SER A 33 4.66 1.73 5.57
C SER A 33 3.93 0.40 5.75
N ILE A 34 2.83 0.23 5.02
CA ILE A 34 2.00 -0.97 5.13
C ILE A 34 2.61 -2.15 4.37
N ALA A 35 3.82 -1.95 3.84
CA ALA A 35 4.51 -2.98 3.08
C ALA A 35 4.89 -4.16 3.96
N ASP A 36 5.67 -3.90 4.99
CA ASP A 36 6.09 -4.94 5.92
C ASP A 36 5.60 -4.60 7.31
N SER A 37 4.37 -4.11 7.36
CA SER A 37 3.77 -3.65 8.60
C SER A 37 3.31 -4.80 9.48
N ASN A 38 3.08 -4.50 10.75
CA ASN A 38 2.62 -5.49 11.71
C ASN A 38 1.12 -5.37 11.93
N SER A 39 0.49 -4.49 11.17
CA SER A 39 -0.93 -4.25 11.31
C SER A 39 -1.72 -5.17 10.39
N MET A 40 -2.73 -5.80 10.96
CA MET A 40 -3.61 -6.70 10.24
C MET A 40 -4.40 -5.93 9.21
N ILE A 41 -4.78 -4.71 9.57
CA ILE A 41 -5.61 -3.87 8.73
C ILE A 41 -4.83 -3.40 7.50
N ALA A 42 -3.50 -3.32 7.65
CA ALA A 42 -2.64 -2.92 6.52
C ALA A 42 -2.86 -3.84 5.32
N THR A 43 -3.21 -5.09 5.60
CA THR A 43 -3.51 -6.05 4.55
C THR A 43 -4.74 -5.63 3.75
N ASP A 44 -5.77 -5.17 4.44
CA ASP A 44 -6.99 -4.68 3.80
C ASP A 44 -6.65 -3.56 2.82
N LEU A 45 -5.79 -2.66 3.27
CA LEU A 45 -5.33 -1.54 2.46
C LEU A 45 -4.52 -2.04 1.27
N ARG A 46 -3.68 -3.04 1.51
CA ARG A 46 -2.86 -3.61 0.47
C ARG A 46 -3.69 -4.29 -0.61
N GLN A 47 -4.87 -4.77 -0.23
CA GLN A 47 -5.83 -5.30 -1.21
C GLN A 47 -6.24 -4.19 -2.17
N LYS A 48 -6.46 -2.99 -1.63
CA LYS A 48 -6.80 -1.84 -2.46
C LYS A 48 -5.69 -1.60 -3.47
N VAL A 49 -4.46 -1.59 -2.97
CA VAL A 49 -3.28 -1.43 -3.81
C VAL A 49 -3.29 -2.43 -4.97
N TYR A 50 -3.70 -3.66 -4.70
CA TYR A 50 -3.77 -4.68 -5.74
C TYR A 50 -4.89 -4.36 -6.73
N GLU A 51 -6.06 -4.00 -6.22
CA GLU A 51 -7.18 -3.60 -7.07
C GLU A 51 -6.79 -2.42 -7.95
N LEU A 52 -6.16 -1.44 -7.33
CA LEU A 52 -5.73 -0.22 -7.99
C LEU A 52 -4.79 -0.51 -9.15
N MET A 53 -4.02 -1.60 -9.05
CA MET A 53 -3.14 -2.02 -10.12
C MET A 53 -3.94 -2.32 -11.38
N GLN A 54 -5.01 -3.11 -11.22
CA GLN A 54 -5.84 -3.49 -12.36
C GLN A 54 -6.83 -2.38 -12.69
N GLU A 55 -6.99 -1.43 -11.77
CA GLU A 55 -7.79 -0.24 -12.04
C GLU A 55 -7.03 0.70 -12.97
N GLY A 56 -5.72 0.49 -13.04
CA GLY A 56 -4.89 1.27 -13.92
C GLY A 56 -4.53 2.59 -13.31
N LYS A 57 -4.44 2.60 -11.98
CA LYS A 57 -4.05 3.79 -11.26
C LYS A 57 -2.57 4.05 -11.46
N SER A 58 -2.16 5.27 -11.19
CA SER A 58 -0.77 5.64 -11.24
C SER A 58 -0.15 5.45 -9.86
N LYS A 59 1.17 5.47 -9.75
CA LYS A 59 1.84 5.26 -8.47
C LYS A 59 1.29 6.20 -7.40
N LYS A 60 1.36 7.50 -7.67
CA LYS A 60 0.84 8.51 -6.75
C LYS A 60 -0.68 8.40 -6.68
N GLU A 61 -1.29 7.99 -7.77
CA GLU A 61 -2.73 7.83 -7.84
C GLU A 61 -3.21 6.72 -6.91
N ILE A 62 -2.50 5.60 -6.88
CA ILE A 62 -2.83 4.50 -5.99
C ILE A 62 -2.84 4.97 -4.54
N VAL A 63 -1.76 5.61 -4.12
CA VAL A 63 -1.65 6.07 -2.75
C VAL A 63 -2.62 7.24 -2.47
N ASP A 64 -2.81 8.11 -3.45
CA ASP A 64 -3.79 9.18 -3.33
C ASP A 64 -5.19 8.60 -3.17
N TYR A 65 -5.45 7.56 -3.93
CA TYR A 65 -6.72 6.84 -3.87
C TYR A 65 -6.93 6.32 -2.47
N MET A 66 -5.86 5.78 -1.91
CA MET A 66 -5.89 5.23 -0.56
C MET A 66 -6.17 6.31 0.47
N VAL A 67 -5.42 7.40 0.44
CA VAL A 67 -5.60 8.46 1.43
C VAL A 67 -6.94 9.17 1.24
N ALA A 68 -7.41 9.21 0.02
CA ALA A 68 -8.66 9.86 -0.29
C ALA A 68 -9.84 9.13 0.34
N ARG A 69 -9.82 7.80 0.25
CA ARG A 69 -10.92 6.98 0.73
C ARG A 69 -10.65 6.42 2.13
N TYR A 70 -9.43 5.94 2.34
CA TYR A 70 -9.06 5.29 3.58
C TYR A 70 -8.19 6.20 4.43
N GLY A 71 -8.40 7.51 4.29
CA GLY A 71 -7.54 8.49 4.94
C GLY A 71 -7.71 8.56 6.45
N ASN A 72 -8.53 7.68 7.00
CA ASN A 72 -8.66 7.57 8.45
C ASN A 72 -7.71 6.53 8.98
N PHE A 73 -7.14 5.76 8.06
CA PHE A 73 -6.24 4.67 8.42
C PHE A 73 -4.94 4.76 7.62
N VAL A 74 -4.92 5.65 6.63
CA VAL A 74 -3.75 5.80 5.76
C VAL A 74 -3.44 7.28 5.57
N THR A 75 -2.20 7.58 5.16
CA THR A 75 -1.79 8.94 4.87
C THR A 75 -0.61 8.94 3.90
N TYR A 76 -0.57 9.90 2.99
CA TYR A 76 0.53 9.96 2.02
C TYR A 76 1.59 10.94 2.50
N ASP A 77 2.68 10.41 3.02
CA ASP A 77 3.76 11.21 3.59
C ASP A 77 5.04 10.39 3.62
N PRO A 78 6.21 11.06 3.61
CA PRO A 78 7.49 10.39 3.84
C PRO A 78 7.54 9.79 5.25
N PRO A 79 8.16 8.61 5.41
CA PRO A 79 8.14 7.88 6.68
C PRO A 79 8.99 8.56 7.75
N LEU A 80 9.29 7.83 8.82
CA LEU A 80 10.11 8.36 9.91
C LEU A 80 11.58 8.43 9.51
N THR A 81 11.83 8.13 8.23
CA THR A 81 13.16 8.20 7.67
C THR A 81 13.73 9.62 7.80
N PRO A 82 15.04 9.75 8.10
CA PRO A 82 15.70 11.05 8.21
C PRO A 82 15.64 11.83 6.90
N THR A 2 3.01 -13.67 -3.83
CA THR A 2 2.37 -14.49 -2.76
C THR A 2 2.04 -13.62 -1.55
N ILE A 3 0.84 -13.82 -1.00
CA ILE A 3 0.37 -13.09 0.19
C ILE A 3 -1.08 -13.45 0.50
N ASP A 4 -1.90 -13.54 -0.54
CA ASP A 4 -3.32 -13.81 -0.41
C ASP A 4 -3.84 -14.29 -1.76
N VAL A 5 -5.11 -14.04 -2.05
CA VAL A 5 -5.65 -14.31 -3.38
C VAL A 5 -5.04 -13.33 -4.38
N LEU A 6 -4.35 -12.33 -3.84
CA LEU A 6 -3.72 -11.28 -4.63
C LEU A 6 -2.46 -11.81 -5.29
N GLN A 7 -2.64 -12.48 -6.42
CA GLN A 7 -1.52 -13.01 -7.17
C GLN A 7 -0.91 -11.94 -8.06
N PHE A 8 0.36 -11.65 -7.85
CA PHE A 8 1.08 -10.73 -8.72
C PHE A 8 1.20 -11.32 -10.11
N LYS A 9 0.81 -10.53 -11.08
CA LYS A 9 0.84 -10.90 -12.48
C LYS A 9 2.23 -11.39 -12.87
N ASP A 10 3.23 -10.83 -12.22
CA ASP A 10 4.61 -11.22 -12.39
C ASP A 10 5.44 -10.50 -11.34
N GLU A 11 6.75 -10.51 -11.49
CA GLU A 11 7.61 -9.81 -10.56
C GLU A 11 7.32 -8.31 -10.59
N ALA A 12 6.98 -7.79 -11.77
CA ALA A 12 6.70 -6.36 -11.94
C ALA A 12 5.56 -5.91 -11.04
N GLN A 13 4.50 -6.71 -10.99
CA GLN A 13 3.36 -6.39 -10.15
C GLN A 13 3.82 -6.36 -8.70
N GLU A 14 4.74 -7.25 -8.38
CA GLU A 14 5.29 -7.33 -7.04
C GLU A 14 6.20 -6.12 -6.76
N GLN A 15 6.94 -5.68 -7.78
CA GLN A 15 7.78 -4.49 -7.68
C GLN A 15 6.92 -3.28 -7.39
N GLN A 16 5.83 -3.15 -8.15
CA GLN A 16 4.87 -2.08 -7.97
C GLN A 16 4.31 -2.13 -6.54
N PHE A 17 4.01 -3.34 -6.09
CA PHE A 17 3.50 -3.57 -4.75
C PHE A 17 4.48 -3.03 -3.72
N ARG A 18 5.77 -3.31 -3.93
CA ARG A 18 6.83 -2.83 -3.05
C ARG A 18 6.70 -1.33 -2.79
N GLN A 19 6.59 -0.57 -3.87
CA GLN A 19 6.57 0.89 -3.78
C GLN A 19 5.23 1.38 -3.24
N LEU A 20 4.16 0.79 -3.73
CA LEU A 20 2.82 1.26 -3.39
C LEU A 20 2.52 1.05 -1.90
N THR A 21 3.20 0.09 -1.29
CA THR A 21 3.01 -0.15 0.13
C THR A 21 4.06 0.59 0.97
N GLU A 22 5.13 1.06 0.33
CA GLU A 22 6.17 1.78 1.04
C GLU A 22 5.85 3.28 1.14
N GLU A 23 5.45 3.88 0.02
CA GLU A 23 5.16 5.31 0.02
C GLU A 23 3.83 5.58 0.72
N LEU A 24 3.01 4.54 0.82
CA LEU A 24 1.79 4.65 1.60
C LEU A 24 2.12 4.55 3.08
N ARG A 25 1.90 5.64 3.79
CA ARG A 25 2.23 5.72 5.19
C ARG A 25 1.07 5.23 6.04
N CYS A 26 1.40 4.56 7.13
CA CYS A 26 0.42 4.28 8.15
C CYS A 26 0.66 5.23 9.32
N PRO A 27 -0.37 5.54 10.11
CA PRO A 27 -0.26 6.45 11.26
C PRO A 27 0.54 5.85 12.42
N LYS A 28 1.75 5.38 12.10
CA LYS A 28 2.63 4.76 13.09
C LYS A 28 4.08 4.84 12.61
N CYS A 29 4.90 5.57 13.35
CA CYS A 29 6.31 5.72 13.02
C CYS A 29 7.05 4.40 13.21
N GLN A 30 6.58 3.63 14.18
CA GLN A 30 7.18 2.34 14.50
C GLN A 30 6.58 1.24 13.63
N ASN A 31 6.49 1.52 12.34
CA ASN A 31 5.95 0.58 11.37
C ASN A 31 6.28 1.07 9.97
N ASN A 32 6.18 2.39 9.79
CA ASN A 32 6.55 3.08 8.56
C ASN A 32 5.56 2.83 7.44
N SER A 33 5.63 1.63 6.87
CA SER A 33 4.86 1.30 5.68
C SER A 33 4.11 -0.01 5.87
N ILE A 34 2.99 -0.17 5.17
CA ILE A 34 2.15 -1.35 5.30
C ILE A 34 2.71 -2.53 4.49
N ALA A 35 3.84 -2.30 3.85
CA ALA A 35 4.49 -3.32 3.02
C ALA A 35 4.64 -4.64 3.75
N ASP A 36 5.28 -4.59 4.91
CA ASP A 36 5.39 -5.76 5.77
C ASP A 36 5.09 -5.37 7.21
N SER A 37 3.82 -5.33 7.53
CA SER A 37 3.39 -4.98 8.88
C SER A 37 2.72 -6.16 9.57
N ASN A 38 2.31 -7.15 8.76
CA ASN A 38 1.58 -8.33 9.25
C ASN A 38 0.20 -7.98 9.80
N SER A 39 -0.10 -6.69 9.86
CA SER A 39 -1.37 -6.21 10.38
C SER A 39 -2.50 -6.54 9.42
N MET A 40 -3.60 -7.02 9.99
CA MET A 40 -4.80 -7.38 9.24
C MET A 40 -5.27 -6.23 8.38
N ILE A 41 -5.26 -5.04 8.97
CA ILE A 41 -5.76 -3.86 8.31
C ILE A 41 -4.74 -3.37 7.27
N ALA A 42 -3.45 -3.62 7.52
CA ALA A 42 -2.42 -3.34 6.53
C ALA A 42 -2.69 -4.15 5.28
N THR A 43 -3.13 -5.39 5.48
CA THR A 43 -3.54 -6.25 4.40
C THR A 43 -4.77 -5.68 3.68
N ASP A 44 -5.71 -5.17 4.47
CA ASP A 44 -6.91 -4.52 3.93
C ASP A 44 -6.55 -3.46 2.90
N LEU A 45 -5.63 -2.60 3.27
CA LEU A 45 -5.19 -1.51 2.41
C LEU A 45 -4.42 -2.05 1.21
N ARG A 46 -3.61 -3.08 1.43
CA ARG A 46 -2.81 -3.68 0.37
C ARG A 46 -3.69 -4.32 -0.69
N GLN A 47 -4.88 -4.76 -0.30
CA GLN A 47 -5.86 -5.25 -1.25
C GLN A 47 -6.28 -4.12 -2.19
N LYS A 48 -6.50 -2.93 -1.62
CA LYS A 48 -6.82 -1.76 -2.42
C LYS A 48 -5.67 -1.44 -3.36
N VAL A 49 -4.46 -1.48 -2.81
CA VAL A 49 -3.26 -1.31 -3.60
C VAL A 49 -3.22 -2.27 -4.78
N TYR A 50 -3.63 -3.51 -4.56
CA TYR A 50 -3.67 -4.50 -5.63
C TYR A 50 -4.78 -4.19 -6.64
N GLU A 51 -5.97 -3.85 -6.14
CA GLU A 51 -7.09 -3.52 -7.01
C GLU A 51 -6.73 -2.35 -7.92
N LEU A 52 -6.21 -1.29 -7.32
CA LEU A 52 -5.85 -0.07 -8.05
C LEU A 52 -4.82 -0.34 -9.15
N MET A 53 -3.98 -1.36 -8.95
CA MET A 53 -3.01 -1.76 -9.96
C MET A 53 -3.72 -2.13 -11.26
N GLN A 54 -4.75 -2.95 -11.16
CA GLN A 54 -5.47 -3.42 -12.32
C GLN A 54 -6.58 -2.47 -12.71
N GLU A 55 -6.97 -1.58 -11.80
CA GLU A 55 -7.92 -0.53 -12.11
C GLU A 55 -7.30 0.45 -13.09
N GLY A 56 -5.98 0.54 -13.06
CA GLY A 56 -5.27 1.37 -14.01
C GLY A 56 -4.79 2.66 -13.38
N LYS A 57 -4.56 2.62 -12.08
CA LYS A 57 -4.15 3.80 -11.34
C LYS A 57 -2.65 3.99 -11.46
N SER A 58 -2.21 5.21 -11.20
CA SER A 58 -0.79 5.54 -11.20
C SER A 58 -0.23 5.40 -9.79
N LYS A 59 1.08 5.42 -9.64
CA LYS A 59 1.70 5.18 -8.34
C LYS A 59 1.15 6.13 -7.28
N LYS A 60 1.24 7.42 -7.54
CA LYS A 60 0.67 8.43 -6.65
C LYS A 60 -0.82 8.26 -6.57
N GLU A 61 -1.43 7.95 -7.70
CA GLU A 61 -2.86 7.77 -7.78
C GLU A 61 -3.35 6.63 -6.88
N ILE A 62 -2.58 5.55 -6.76
CA ILE A 62 -2.94 4.46 -5.87
C ILE A 62 -2.98 4.94 -4.43
N VAL A 63 -1.89 5.55 -3.98
CA VAL A 63 -1.80 6.00 -2.61
C VAL A 63 -2.75 7.16 -2.36
N ASP A 64 -2.90 8.03 -3.35
CA ASP A 64 -3.83 9.14 -3.26
C ASP A 64 -5.26 8.63 -3.20
N TYR A 65 -5.52 7.55 -3.91
CA TYR A 65 -6.83 6.92 -3.87
C TYR A 65 -7.10 6.44 -2.45
N MET A 66 -6.10 5.80 -1.88
CA MET A 66 -6.18 5.28 -0.54
C MET A 66 -6.37 6.40 0.47
N VAL A 67 -5.62 7.48 0.33
CA VAL A 67 -5.71 8.57 1.28
C VAL A 67 -7.00 9.37 1.10
N ALA A 68 -7.51 9.40 -0.12
CA ALA A 68 -8.76 10.08 -0.41
C ALA A 68 -9.94 9.40 0.27
N ARG A 69 -10.02 8.07 0.13
CA ARG A 69 -11.14 7.31 0.70
C ARG A 69 -10.79 6.79 2.08
N TYR A 70 -9.68 6.07 2.17
CA TYR A 70 -9.27 5.39 3.40
C TYR A 70 -8.33 6.26 4.22
N GLY A 71 -8.42 7.57 4.04
CA GLY A 71 -7.47 8.49 4.65
C GLY A 71 -7.63 8.63 6.16
N ASN A 72 -8.49 7.81 6.74
CA ASN A 72 -8.64 7.78 8.19
C ASN A 72 -7.80 6.64 8.75
N PHE A 73 -7.27 5.81 7.86
CA PHE A 73 -6.42 4.70 8.24
C PHE A 73 -5.10 4.75 7.50
N VAL A 74 -5.06 5.47 6.39
CA VAL A 74 -3.88 5.55 5.56
C VAL A 74 -3.37 7.00 5.48
N THR A 75 -2.16 7.18 4.97
CA THR A 75 -1.61 8.52 4.80
C THR A 75 -0.58 8.55 3.67
N TYR A 76 -0.54 9.64 2.91
CA TYR A 76 0.51 9.84 1.93
C TYR A 76 1.59 10.73 2.54
N ASP A 77 2.72 10.14 2.88
CA ASP A 77 3.78 10.87 3.58
C ASP A 77 5.15 10.31 3.25
N PRO A 78 6.18 11.11 3.48
CA PRO A 78 7.56 10.64 3.50
C PRO A 78 7.78 9.76 4.73
N PRO A 79 8.69 8.78 4.65
CA PRO A 79 8.93 7.85 5.74
C PRO A 79 9.83 8.47 6.79
N LEU A 80 10.22 7.65 7.76
CA LEU A 80 11.09 8.10 8.86
C LEU A 80 12.54 8.05 8.43
N THR A 81 12.72 7.95 7.13
CA THR A 81 14.03 7.93 6.50
C THR A 81 14.92 9.08 6.99
N PRO A 82 16.17 8.78 7.37
CA PRO A 82 17.14 9.78 7.80
C PRO A 82 17.57 10.70 6.66
N THR A 2 0.89 -16.97 -4.47
CA THR A 2 1.47 -15.92 -3.61
C THR A 2 0.91 -16.00 -2.19
N ILE A 3 -0.40 -15.84 -2.06
CA ILE A 3 -1.06 -15.84 -0.76
C ILE A 3 -2.57 -15.89 -0.90
N ASP A 4 -3.11 -15.13 -1.84
CA ASP A 4 -4.55 -15.01 -2.01
C ASP A 4 -4.85 -14.88 -3.50
N VAL A 5 -5.91 -14.16 -3.85
CA VAL A 5 -6.17 -13.79 -5.23
C VAL A 5 -5.11 -12.78 -5.68
N LEU A 6 -4.42 -12.24 -4.69
CA LEU A 6 -3.35 -11.29 -4.89
C LEU A 6 -2.10 -12.02 -5.40
N GLN A 7 -2.11 -12.32 -6.69
CA GLN A 7 -0.99 -13.01 -7.32
C GLN A 7 0.00 -12.03 -7.92
N PHE A 8 1.27 -12.21 -7.62
CA PHE A 8 2.31 -11.40 -8.26
C PHE A 8 3.04 -12.24 -9.27
N LYS A 9 3.05 -11.72 -10.49
CA LYS A 9 3.69 -12.35 -11.63
C LYS A 9 5.15 -12.65 -11.36
N ASP A 10 5.77 -11.77 -10.61
CA ASP A 10 7.19 -11.86 -10.32
C ASP A 10 7.49 -10.89 -9.19
N GLU A 11 8.71 -10.89 -8.67
CA GLU A 11 9.10 -9.94 -7.64
C GLU A 11 8.86 -8.51 -8.15
N ALA A 12 8.93 -8.35 -9.47
CA ALA A 12 8.69 -7.05 -10.10
C ALA A 12 7.28 -6.55 -9.82
N GLN A 13 6.29 -7.43 -9.96
CA GLN A 13 4.91 -7.06 -9.68
C GLN A 13 4.78 -6.67 -8.22
N GLU A 14 5.57 -7.36 -7.41
CA GLU A 14 5.59 -7.13 -5.97
C GLU A 14 6.41 -5.88 -5.62
N GLN A 15 7.24 -5.41 -6.57
CA GLN A 15 8.00 -4.18 -6.38
C GLN A 15 7.07 -2.98 -6.52
N GLN A 16 6.14 -3.05 -7.46
CA GLN A 16 5.12 -2.02 -7.56
C GLN A 16 4.31 -2.00 -6.28
N PHE A 17 3.98 -3.20 -5.82
CA PHE A 17 3.32 -3.37 -4.53
C PHE A 17 4.18 -2.77 -3.43
N ARG A 18 5.50 -2.94 -3.55
CA ARG A 18 6.46 -2.38 -2.61
C ARG A 18 6.32 -0.87 -2.52
N GLN A 19 6.34 -0.21 -3.67
CA GLN A 19 6.28 1.25 -3.70
C GLN A 19 4.90 1.73 -3.28
N LEU A 20 3.89 1.07 -3.80
CA LEU A 20 2.51 1.44 -3.55
C LEU A 20 2.16 1.28 -2.06
N THR A 21 2.89 0.44 -1.35
CA THR A 21 2.67 0.26 0.08
C THR A 21 3.63 1.09 0.93
N GLU A 22 4.85 1.33 0.42
CA GLU A 22 5.88 2.00 1.23
C GLU A 22 5.86 3.52 1.02
N GLU A 23 5.15 3.98 0.01
CA GLU A 23 5.01 5.42 -0.20
C GLU A 23 3.83 5.94 0.62
N LEU A 24 3.17 5.02 1.31
CA LEU A 24 2.03 5.33 2.15
C LEU A 24 2.46 5.41 3.61
N ARG A 25 2.04 6.46 4.31
CA ARG A 25 2.42 6.66 5.69
C ARG A 25 1.38 6.07 6.64
N CYS A 26 1.87 5.56 7.76
CA CYS A 26 1.02 5.08 8.84
C CYS A 26 1.55 5.61 10.16
N PRO A 27 0.66 6.06 11.06
CA PRO A 27 1.04 6.72 12.32
C PRO A 27 1.61 5.75 13.36
N LYS A 28 2.82 5.26 13.10
CA LYS A 28 3.52 4.39 14.04
C LYS A 28 5.01 4.33 13.67
N CYS A 29 5.86 4.70 14.62
CA CYS A 29 7.30 4.71 14.42
C CYS A 29 7.83 3.31 14.14
N GLN A 30 7.18 2.33 14.73
CA GLN A 30 7.61 0.95 14.57
C GLN A 30 6.71 0.24 13.56
N ASN A 31 6.31 1.01 12.55
CA ASN A 31 5.49 0.52 11.46
C ASN A 31 5.84 1.33 10.22
N ASN A 32 6.86 0.89 9.49
CA ASN A 32 7.45 1.70 8.42
C ASN A 32 6.44 2.04 7.32
N SER A 33 5.49 1.15 7.09
CA SER A 33 4.47 1.36 6.08
C SER A 33 3.37 0.33 6.25
N ILE A 34 2.44 0.24 5.32
CA ILE A 34 1.47 -0.83 5.38
C ILE A 34 2.12 -2.14 4.96
N ALA A 35 3.28 -2.04 4.33
CA ALA A 35 4.08 -3.21 3.97
C ALA A 35 4.78 -3.76 5.22
N ASP A 36 5.48 -2.87 5.91
CA ASP A 36 6.09 -3.22 7.20
C ASP A 36 5.11 -2.83 8.30
N SER A 37 4.12 -3.70 8.52
CA SER A 37 3.03 -3.36 9.42
C SER A 37 2.74 -4.47 10.41
N ASN A 38 2.15 -4.08 11.53
CA ASN A 38 1.69 -5.03 12.54
C ASN A 38 0.17 -5.03 12.59
N SER A 39 -0.43 -4.26 11.69
CA SER A 39 -1.87 -4.04 11.72
C SER A 39 -2.59 -4.99 10.79
N MET A 40 -3.66 -5.58 11.31
CA MET A 40 -4.53 -6.49 10.57
C MET A 40 -5.22 -5.74 9.45
N ILE A 41 -5.48 -4.47 9.70
CA ILE A 41 -6.23 -3.63 8.79
C ILE A 41 -5.36 -3.26 7.58
N ALA A 42 -4.05 -3.26 7.77
CA ALA A 42 -3.10 -2.99 6.69
C ALA A 42 -3.32 -3.95 5.53
N THR A 43 -3.75 -5.18 5.85
CA THR A 43 -4.06 -6.19 4.84
C THR A 43 -5.19 -5.71 3.93
N ASP A 44 -6.20 -5.09 4.51
CA ASP A 44 -7.28 -4.45 3.76
C ASP A 44 -6.71 -3.52 2.70
N LEU A 45 -5.75 -2.71 3.13
CA LEU A 45 -5.10 -1.73 2.28
C LEU A 45 -4.25 -2.41 1.22
N ARG A 46 -3.63 -3.54 1.58
CA ARG A 46 -2.83 -4.32 0.63
C ARG A 46 -3.68 -4.69 -0.58
N GLN A 47 -4.92 -5.06 -0.30
CA GLN A 47 -5.85 -5.47 -1.35
C GLN A 47 -6.19 -4.30 -2.26
N LYS A 48 -6.40 -3.12 -1.68
CA LYS A 48 -6.69 -1.93 -2.46
C LYS A 48 -5.54 -1.60 -3.39
N VAL A 49 -4.32 -1.69 -2.85
CA VAL A 49 -3.11 -1.50 -3.63
C VAL A 49 -3.10 -2.43 -4.85
N TYR A 50 -3.55 -3.67 -4.66
CA TYR A 50 -3.56 -4.63 -5.75
C TYR A 50 -4.70 -4.34 -6.73
N GLU A 51 -5.87 -3.99 -6.20
CA GLU A 51 -7.00 -3.64 -7.06
C GLU A 51 -6.68 -2.46 -7.95
N LEU A 52 -6.14 -1.41 -7.34
CA LEU A 52 -5.84 -0.16 -8.05
C LEU A 52 -4.87 -0.41 -9.21
N MET A 53 -4.02 -1.42 -9.07
CA MET A 53 -3.08 -1.77 -10.13
C MET A 53 -3.82 -2.11 -11.42
N GLN A 54 -4.84 -2.96 -11.31
CA GLN A 54 -5.59 -3.39 -12.48
C GLN A 54 -6.71 -2.41 -12.80
N GLU A 55 -7.09 -1.58 -11.83
CA GLU A 55 -8.07 -0.54 -12.06
C GLU A 55 -7.53 0.49 -13.05
N GLY A 56 -6.22 0.68 -13.03
CA GLY A 56 -5.58 1.57 -13.97
C GLY A 56 -5.09 2.83 -13.30
N LYS A 57 -4.73 2.69 -12.03
CA LYS A 57 -4.24 3.80 -11.24
C LYS A 57 -2.73 3.94 -11.43
N SER A 58 -2.25 5.15 -11.26
CA SER A 58 -0.82 5.45 -11.35
C SER A 58 -0.21 5.34 -9.96
N LYS A 59 1.11 5.35 -9.86
CA LYS A 59 1.76 5.19 -8.55
C LYS A 59 1.24 6.18 -7.53
N LYS A 60 1.31 7.46 -7.87
CA LYS A 60 0.79 8.51 -7.00
C LYS A 60 -0.72 8.40 -6.90
N GLU A 61 -1.34 8.02 -8.01
CA GLU A 61 -2.79 7.85 -8.07
C GLU A 61 -3.27 6.72 -7.14
N ILE A 62 -2.46 5.67 -6.96
CA ILE A 62 -2.80 4.61 -6.01
C ILE A 62 -2.72 5.14 -4.58
N VAL A 63 -1.60 5.75 -4.23
CA VAL A 63 -1.40 6.21 -2.86
C VAL A 63 -2.35 7.35 -2.53
N ASP A 64 -2.62 8.21 -3.52
CA ASP A 64 -3.60 9.27 -3.37
C ASP A 64 -4.99 8.67 -3.15
N TYR A 65 -5.26 7.58 -3.85
CA TYR A 65 -6.54 6.88 -3.76
C TYR A 65 -6.70 6.33 -2.36
N MET A 66 -5.61 5.77 -1.85
CA MET A 66 -5.57 5.21 -0.51
C MET A 66 -5.96 6.26 0.52
N VAL A 67 -5.25 7.37 0.53
CA VAL A 67 -5.50 8.43 1.51
C VAL A 67 -6.85 9.09 1.29
N ALA A 68 -7.28 9.12 0.04
CA ALA A 68 -8.54 9.76 -0.32
C ALA A 68 -9.73 9.03 0.28
N ARG A 69 -9.73 7.71 0.19
CA ARG A 69 -10.84 6.91 0.69
C ARG A 69 -10.57 6.38 2.09
N TYR A 70 -9.33 5.95 2.32
CA TYR A 70 -8.94 5.32 3.58
C TYR A 70 -8.13 6.28 4.44
N GLY A 71 -8.48 7.55 4.39
CA GLY A 71 -7.68 8.57 5.06
C GLY A 71 -7.96 8.68 6.55
N ASN A 72 -8.27 7.56 7.19
CA ASN A 72 -8.43 7.54 8.63
C ASN A 72 -7.17 6.99 9.27
N PHE A 73 -6.65 5.95 8.65
CA PHE A 73 -5.45 5.29 9.11
C PHE A 73 -4.27 5.61 8.20
N VAL A 74 -4.57 5.88 6.93
CA VAL A 74 -3.53 6.07 5.95
C VAL A 74 -3.30 7.56 5.66
N THR A 75 -2.10 7.90 5.23
CA THR A 75 -1.75 9.27 4.89
C THR A 75 -0.57 9.30 3.92
N TYR A 76 -0.58 10.21 2.96
CA TYR A 76 0.52 10.29 2.00
C TYR A 76 1.58 11.25 2.51
N ASP A 77 2.67 10.68 3.01
CA ASP A 77 3.76 11.42 3.63
C ASP A 77 5.01 10.56 3.64
N PRO A 78 6.20 11.17 3.79
CA PRO A 78 7.43 10.42 4.07
C PRO A 78 7.27 9.61 5.35
N PRO A 79 7.45 8.27 5.27
CA PRO A 79 7.00 7.36 6.31
C PRO A 79 7.61 7.64 7.69
N LEU A 80 8.85 7.20 7.89
CA LEU A 80 9.56 7.45 9.14
C LEU A 80 10.92 8.04 8.85
N THR A 81 11.14 8.35 7.58
CA THR A 81 12.41 8.91 7.14
C THR A 81 12.53 10.38 7.54
N PRO A 82 13.66 10.76 8.14
CA PRO A 82 13.95 12.16 8.50
C PRO A 82 14.05 13.05 7.27
N THR A 2 -1.19 -17.99 5.50
CA THR A 2 -1.86 -18.06 4.18
C THR A 2 -1.64 -16.77 3.40
N ILE A 3 -1.14 -16.89 2.17
CA ILE A 3 -0.95 -15.72 1.32
C ILE A 3 -2.28 -15.32 0.70
N ASP A 4 -2.43 -14.02 0.46
CA ASP A 4 -3.68 -13.48 -0.05
C ASP A 4 -3.95 -13.91 -1.48
N VAL A 5 -5.11 -13.51 -1.99
CA VAL A 5 -5.51 -13.82 -3.36
C VAL A 5 -4.81 -12.88 -4.33
N LEU A 6 -4.03 -11.97 -3.77
CA LEU A 6 -3.31 -10.97 -4.55
C LEU A 6 -2.06 -11.60 -5.18
N GLN A 7 -2.24 -12.24 -6.31
CA GLN A 7 -1.13 -12.94 -6.97
C GLN A 7 -0.44 -12.02 -7.97
N PHE A 8 0.79 -11.65 -7.66
CA PHE A 8 1.60 -10.82 -8.54
C PHE A 8 1.96 -11.59 -9.79
N LYS A 9 1.73 -10.94 -10.93
CA LYS A 9 2.03 -11.49 -12.25
C LYS A 9 3.48 -11.93 -12.34
N ASP A 10 4.32 -11.26 -11.58
CA ASP A 10 5.76 -11.46 -11.59
C ASP A 10 6.32 -10.65 -10.45
N GLU A 11 7.60 -10.80 -10.11
CA GLU A 11 8.15 -9.98 -9.03
C GLU A 11 8.06 -8.51 -9.42
N ALA A 12 7.96 -8.26 -10.73
CA ALA A 12 7.76 -6.92 -11.26
C ALA A 12 6.49 -6.29 -10.71
N GLN A 13 5.40 -7.06 -10.70
CA GLN A 13 4.14 -6.55 -10.16
C GLN A 13 4.32 -6.25 -8.69
N GLU A 14 5.11 -7.07 -8.04
CA GLU A 14 5.39 -6.91 -6.62
C GLU A 14 6.32 -5.71 -6.38
N GLN A 15 7.12 -5.36 -7.39
CA GLN A 15 7.97 -4.17 -7.31
C GLN A 15 7.09 -2.92 -7.26
N GLN A 16 6.01 -2.94 -8.02
CA GLN A 16 5.00 -1.89 -7.92
C GLN A 16 4.40 -1.89 -6.53
N PHE A 17 4.03 -3.08 -6.07
CA PHE A 17 3.46 -3.27 -4.74
C PHE A 17 4.42 -2.77 -3.68
N ARG A 18 5.71 -2.96 -3.93
CA ARG A 18 6.78 -2.53 -3.02
C ARG A 18 6.66 -1.04 -2.70
N GLN A 19 6.60 -0.23 -3.74
CA GLN A 19 6.52 1.22 -3.56
C GLN A 19 5.14 1.64 -3.09
N LEU A 20 4.11 0.96 -3.58
CA LEU A 20 2.73 1.32 -3.27
C LEU A 20 2.42 1.07 -1.79
N THR A 21 3.17 0.16 -1.16
CA THR A 21 2.98 -0.11 0.26
C THR A 21 3.98 0.65 1.13
N GLU A 22 5.02 1.21 0.52
CA GLU A 22 6.04 1.93 1.27
C GLU A 22 5.81 3.43 1.27
N GLU A 23 5.31 3.97 0.17
CA GLU A 23 5.03 5.41 0.09
C GLU A 23 3.74 5.75 0.82
N LEU A 24 3.03 4.72 1.25
CA LEU A 24 1.82 4.90 2.02
C LEU A 24 2.11 4.76 3.51
N ARG A 25 1.96 5.85 4.24
CA ARG A 25 2.21 5.84 5.67
C ARG A 25 0.98 5.40 6.44
N CYS A 26 1.22 4.58 7.45
CA CYS A 26 0.24 4.35 8.49
C CYS A 26 0.59 5.25 9.66
N PRO A 27 -0.39 5.68 10.46
CA PRO A 27 -0.18 6.58 11.59
C PRO A 27 0.57 5.93 12.76
N LYS A 28 1.52 5.06 12.43
CA LYS A 28 2.34 4.40 13.42
C LYS A 28 3.76 4.98 13.43
N CYS A 29 4.34 5.11 12.22
CA CYS A 29 5.72 5.57 12.04
C CYS A 29 6.72 4.51 12.52
N GLN A 30 6.44 3.91 13.66
CA GLN A 30 7.24 2.85 14.20
C GLN A 30 6.81 1.52 13.58
N ASN A 31 6.93 1.47 12.26
CA ASN A 31 6.50 0.32 11.46
C ASN A 31 6.75 0.66 9.98
N ASN A 32 7.10 -0.35 9.19
CA ASN A 32 7.42 -0.13 7.78
C ASN A 32 6.16 0.07 6.96
N SER A 33 5.51 1.21 7.16
CA SER A 33 4.31 1.59 6.42
C SER A 33 3.24 0.49 6.47
N ILE A 34 2.97 -0.15 5.35
CA ILE A 34 2.06 -1.30 5.34
C ILE A 34 2.71 -2.47 4.61
N ALA A 35 3.99 -2.32 4.27
CA ALA A 35 4.71 -3.34 3.55
C ALA A 35 5.16 -4.44 4.50
N ASP A 36 6.12 -4.12 5.36
CA ASP A 36 6.56 -5.04 6.41
C ASP A 36 5.59 -4.97 7.57
N SER A 37 4.40 -5.48 7.36
CA SER A 37 3.37 -5.47 8.38
C SER A 37 2.54 -6.74 8.32
N ASN A 38 2.22 -7.28 9.48
CA ASN A 38 1.44 -8.49 9.58
C ASN A 38 0.01 -8.16 9.96
N SER A 39 -0.28 -6.87 10.00
CA SER A 39 -1.59 -6.37 10.37
C SER A 39 -2.63 -6.72 9.31
N MET A 40 -3.76 -7.25 9.79
CA MET A 40 -4.90 -7.58 8.95
C MET A 40 -5.37 -6.33 8.21
N ILE A 41 -5.27 -5.21 8.88
CA ILE A 41 -5.74 -3.94 8.35
C ILE A 41 -4.75 -3.42 7.32
N ALA A 42 -3.47 -3.73 7.50
CA ALA A 42 -2.47 -3.41 6.50
C ALA A 42 -2.80 -4.15 5.21
N THR A 43 -3.20 -5.41 5.37
CA THR A 43 -3.66 -6.22 4.25
C THR A 43 -4.89 -5.60 3.60
N ASP A 44 -5.80 -5.09 4.42
CA ASP A 44 -7.03 -4.44 3.96
C ASP A 44 -6.69 -3.38 2.91
N LEU A 45 -5.74 -2.53 3.26
CA LEU A 45 -5.28 -1.46 2.39
C LEU A 45 -4.51 -2.01 1.20
N ARG A 46 -3.71 -3.05 1.44
CA ARG A 46 -2.88 -3.63 0.39
C ARG A 46 -3.72 -4.32 -0.67
N GLN A 47 -4.88 -4.81 -0.28
CA GLN A 47 -5.83 -5.35 -1.25
C GLN A 47 -6.32 -4.24 -2.19
N LYS A 48 -6.49 -3.04 -1.64
CA LYS A 48 -6.83 -1.88 -2.46
C LYS A 48 -5.67 -1.55 -3.39
N VAL A 49 -4.45 -1.60 -2.86
CA VAL A 49 -3.24 -1.42 -3.66
C VAL A 49 -3.21 -2.37 -4.84
N TYR A 50 -3.65 -3.61 -4.63
CA TYR A 50 -3.72 -4.59 -5.70
C TYR A 50 -4.81 -4.24 -6.71
N GLU A 51 -6.00 -3.91 -6.21
CA GLU A 51 -7.13 -3.59 -7.08
C GLU A 51 -6.82 -2.39 -7.97
N LEU A 52 -6.30 -1.33 -7.37
CA LEU A 52 -5.95 -0.11 -8.08
C LEU A 52 -4.98 -0.38 -9.23
N MET A 53 -4.15 -1.42 -9.08
CA MET A 53 -3.24 -1.84 -10.14
C MET A 53 -4.00 -2.19 -11.41
N GLN A 54 -4.99 -3.10 -11.28
CA GLN A 54 -5.76 -3.53 -12.43
C GLN A 54 -6.80 -2.49 -12.83
N GLU A 55 -7.13 -1.59 -11.91
CA GLU A 55 -8.03 -0.49 -12.23
C GLU A 55 -7.36 0.47 -13.19
N GLY A 56 -6.03 0.56 -13.10
CA GLY A 56 -5.28 1.37 -14.03
C GLY A 56 -4.79 2.65 -13.39
N LYS A 57 -4.59 2.59 -12.08
CA LYS A 57 -4.15 3.75 -11.34
C LYS A 57 -2.64 3.92 -11.50
N SER A 58 -2.16 5.12 -11.23
CA SER A 58 -0.73 5.41 -11.25
C SER A 58 -0.18 5.27 -9.84
N LYS A 59 1.14 5.30 -9.69
CA LYS A 59 1.75 5.04 -8.39
C LYS A 59 1.23 6.00 -7.32
N LYS A 60 1.34 7.30 -7.59
CA LYS A 60 0.81 8.31 -6.69
C LYS A 60 -0.70 8.25 -6.66
N GLU A 61 -1.29 7.84 -7.77
CA GLU A 61 -2.73 7.69 -7.86
C GLU A 61 -3.24 6.60 -6.93
N ILE A 62 -2.52 5.48 -6.84
CA ILE A 62 -2.89 4.41 -5.90
C ILE A 62 -2.91 4.95 -4.48
N VAL A 63 -1.81 5.59 -4.07
CA VAL A 63 -1.68 6.08 -2.72
C VAL A 63 -2.61 7.26 -2.47
N ASP A 64 -2.81 8.09 -3.48
CA ASP A 64 -3.77 9.19 -3.40
C ASP A 64 -5.17 8.64 -3.20
N TYR A 65 -5.46 7.55 -3.90
CA TYR A 65 -6.75 6.89 -3.77
C TYR A 65 -6.93 6.40 -2.36
N MET A 66 -5.85 5.84 -1.82
CA MET A 66 -5.81 5.35 -0.47
C MET A 66 -6.16 6.44 0.52
N VAL A 67 -5.43 7.54 0.47
CA VAL A 67 -5.65 8.64 1.41
C VAL A 67 -7.00 9.30 1.18
N ALA A 68 -7.45 9.28 -0.07
CA ALA A 68 -8.71 9.91 -0.44
C ALA A 68 -9.88 9.21 0.25
N ARG A 69 -9.89 7.88 0.20
CA ARG A 69 -10.98 7.10 0.80
C ARG A 69 -10.60 6.60 2.19
N TYR A 70 -9.46 5.93 2.27
CA TYR A 70 -9.02 5.28 3.49
C TYR A 70 -8.16 6.22 4.34
N GLY A 71 -8.41 7.52 4.21
CA GLY A 71 -7.56 8.51 4.86
C GLY A 71 -7.58 8.45 6.37
N ASN A 72 -8.54 7.72 6.94
CA ASN A 72 -8.63 7.57 8.39
C ASN A 72 -7.67 6.49 8.89
N PHE A 73 -7.06 5.79 7.94
CA PHE A 73 -6.14 4.71 8.29
C PHE A 73 -4.80 4.89 7.56
N VAL A 74 -4.78 5.78 6.58
CA VAL A 74 -3.61 5.92 5.71
C VAL A 74 -3.22 7.39 5.55
N THR A 75 -1.98 7.63 5.09
CA THR A 75 -1.53 8.97 4.76
C THR A 75 -0.38 8.92 3.75
N TYR A 76 -0.41 9.80 2.75
CA TYR A 76 0.66 9.84 1.76
C TYR A 76 1.80 10.73 2.23
N ASP A 77 2.91 10.10 2.58
CA ASP A 77 4.07 10.80 3.13
C ASP A 77 5.33 9.99 2.86
N PRO A 78 6.52 10.62 2.90
CA PRO A 78 7.79 9.89 2.81
C PRO A 78 7.94 8.91 3.97
N PRO A 79 8.89 7.96 3.90
CA PRO A 79 9.04 6.96 4.94
C PRO A 79 9.70 7.54 6.19
N LEU A 80 10.10 6.67 7.10
CA LEU A 80 10.79 7.08 8.32
C LEU A 80 12.28 7.08 8.07
N THR A 81 12.60 7.10 6.79
CA THR A 81 13.97 7.10 6.32
C THR A 81 14.81 8.19 6.99
N PRO A 82 15.92 7.79 7.64
CA PRO A 82 16.88 8.72 8.23
C PRO A 82 17.65 9.48 7.15
N THR A 2 2.11 -18.59 -1.21
CA THR A 2 0.77 -18.09 -1.57
C THR A 2 0.16 -17.31 -0.40
N ILE A 3 0.29 -15.99 -0.49
CA ILE A 3 -0.23 -15.08 0.54
C ILE A 3 -1.75 -15.16 0.63
N ASP A 4 -2.44 -14.73 -0.40
CA ASP A 4 -3.89 -14.60 -0.33
C ASP A 4 -4.49 -14.82 -1.70
N VAL A 5 -5.67 -14.25 -1.96
CA VAL A 5 -6.25 -14.27 -3.30
C VAL A 5 -5.59 -13.18 -4.13
N LEU A 6 -4.81 -12.35 -3.45
CA LEU A 6 -4.13 -11.22 -4.06
C LEU A 6 -2.86 -11.69 -4.74
N GLN A 7 -3.04 -12.43 -5.82
CA GLN A 7 -1.92 -13.03 -6.51
C GLN A 7 -1.27 -12.05 -7.48
N PHE A 8 0.04 -11.90 -7.34
CA PHE A 8 0.81 -11.11 -8.27
C PHE A 8 1.19 -11.97 -9.46
N LYS A 9 0.82 -11.46 -10.63
CA LYS A 9 0.98 -12.13 -11.90
C LYS A 9 2.40 -12.67 -12.07
N ASP A 10 3.35 -11.93 -11.54
CA ASP A 10 4.75 -12.32 -11.52
C ASP A 10 5.46 -11.50 -10.47
N GLU A 11 6.77 -11.48 -10.48
CA GLU A 11 7.50 -10.64 -9.53
C GLU A 11 7.33 -9.18 -9.90
N ALA A 12 7.10 -8.92 -11.19
CA ALA A 12 6.92 -7.56 -11.67
C ALA A 12 5.70 -6.92 -11.05
N GLN A 13 4.58 -7.66 -11.00
CA GLN A 13 3.37 -7.15 -10.37
C GLN A 13 3.65 -6.83 -8.91
N GLU A 14 4.52 -7.62 -8.32
CA GLU A 14 4.85 -7.48 -6.91
C GLU A 14 5.87 -6.35 -6.70
N GLN A 15 6.66 -6.04 -7.73
CA GLN A 15 7.61 -4.93 -7.66
C GLN A 15 6.86 -3.61 -7.45
N GLN A 16 5.75 -3.47 -8.15
CA GLN A 16 4.91 -2.29 -8.01
C GLN A 16 4.32 -2.23 -6.61
N PHE A 17 3.97 -3.39 -6.09
CA PHE A 17 3.41 -3.52 -4.76
C PHE A 17 4.40 -2.97 -3.73
N ARG A 18 5.69 -3.15 -3.99
CA ARG A 18 6.74 -2.64 -3.10
C ARG A 18 6.61 -1.14 -2.89
N GLN A 19 6.52 -0.39 -3.97
CA GLN A 19 6.46 1.06 -3.89
C GLN A 19 5.11 1.53 -3.38
N LEU A 20 4.06 0.85 -3.79
CA LEU A 20 2.71 1.24 -3.46
C LEU A 20 2.40 1.05 -1.98
N THR A 21 3.14 0.16 -1.32
CA THR A 21 2.95 -0.05 0.10
C THR A 21 3.94 0.77 0.94
N GLU A 22 5.07 1.13 0.36
CA GLU A 22 6.13 1.79 1.13
C GLU A 22 6.10 3.31 1.01
N GLU A 23 5.36 3.83 0.05
CA GLU A 23 5.22 5.29 -0.08
C GLU A 23 3.95 5.75 0.62
N LEU A 24 3.20 4.78 1.13
CA LEU A 24 1.97 5.06 1.84
C LEU A 24 2.23 5.09 3.34
N ARG A 25 1.76 6.15 3.99
CA ARG A 25 1.96 6.29 5.41
C ARG A 25 0.82 5.65 6.18
N CYS A 26 1.15 4.99 7.27
CA CYS A 26 0.17 4.41 8.15
C CYS A 26 0.38 4.93 9.57
N PRO A 27 -0.70 5.31 10.26
CA PRO A 27 -0.63 5.86 11.63
C PRO A 27 -0.05 4.85 12.63
N LYS A 28 1.28 4.88 12.75
CA LYS A 28 2.00 4.05 13.69
C LYS A 28 3.48 4.43 13.67
N CYS A 29 3.97 4.91 14.81
CA CYS A 29 5.35 5.38 14.92
C CYS A 29 6.33 4.21 14.84
N GLN A 30 5.92 3.06 15.32
CA GLN A 30 6.76 1.88 15.28
C GLN A 30 6.40 1.00 14.09
N ASN A 31 6.32 1.63 12.92
CA ASN A 31 5.99 0.94 11.70
C ASN A 31 6.42 1.77 10.50
N ASN A 32 7.19 1.16 9.61
CA ASN A 32 7.75 1.84 8.45
C ASN A 32 6.67 2.09 7.39
N SER A 33 5.90 1.05 7.10
CA SER A 33 4.88 1.13 6.06
C SER A 33 3.99 -0.12 6.14
N ILE A 34 2.90 -0.11 5.38
CA ILE A 34 1.95 -1.22 5.40
C ILE A 34 2.54 -2.46 4.72
N ALA A 35 3.73 -2.31 4.17
CA ALA A 35 4.42 -3.41 3.51
C ALA A 35 4.75 -4.52 4.51
N ASP A 36 5.25 -4.13 5.68
CA ASP A 36 5.62 -5.09 6.70
C ASP A 36 5.06 -4.66 8.05
N SER A 37 3.75 -4.47 8.10
CA SER A 37 3.09 -4.08 9.34
C SER A 37 2.61 -5.32 10.10
N ASN A 38 2.37 -6.39 9.35
CA ASN A 38 1.87 -7.66 9.90
C ASN A 38 0.46 -7.50 10.47
N SER A 39 -0.12 -6.32 10.28
CA SER A 39 -1.45 -6.02 10.75
C SER A 39 -2.50 -6.41 9.71
N MET A 40 -3.60 -6.96 10.22
CA MET A 40 -4.72 -7.41 9.40
C MET A 40 -5.28 -6.24 8.59
N ILE A 41 -5.23 -5.06 9.18
CA ILE A 41 -5.80 -3.87 8.57
C ILE A 41 -4.84 -3.34 7.49
N ALA A 42 -3.55 -3.57 7.69
CA ALA A 42 -2.56 -3.20 6.68
C ALA A 42 -2.79 -4.03 5.43
N THR A 43 -3.13 -5.29 5.63
CA THR A 43 -3.52 -6.17 4.53
C THR A 43 -4.75 -5.64 3.82
N ASP A 44 -5.71 -5.17 4.62
CA ASP A 44 -6.97 -4.60 4.11
C ASP A 44 -6.69 -3.54 3.05
N LEU A 45 -5.80 -2.61 3.40
CA LEU A 45 -5.42 -1.51 2.51
C LEU A 45 -4.61 -2.02 1.33
N ARG A 46 -3.81 -3.05 1.57
CA ARG A 46 -2.99 -3.63 0.52
C ARG A 46 -3.83 -4.30 -0.55
N GLN A 47 -5.02 -4.75 -0.17
CA GLN A 47 -5.98 -5.28 -1.12
C GLN A 47 -6.38 -4.19 -2.11
N LYS A 48 -6.51 -2.96 -1.61
CA LYS A 48 -6.82 -1.82 -2.46
C LYS A 48 -5.66 -1.57 -3.42
N VAL A 49 -4.44 -1.64 -2.89
CA VAL A 49 -3.24 -1.51 -3.71
C VAL A 49 -3.25 -2.56 -4.82
N TYR A 50 -3.73 -3.76 -4.51
CA TYR A 50 -3.88 -4.81 -5.50
C TYR A 50 -4.92 -4.44 -6.55
N GLU A 51 -6.09 -4.00 -6.11
CA GLU A 51 -7.18 -3.63 -7.03
C GLU A 51 -6.75 -2.47 -7.93
N LEU A 52 -6.20 -1.42 -7.34
CA LEU A 52 -5.84 -0.20 -8.06
C LEU A 52 -4.87 -0.47 -9.21
N MET A 53 -4.06 -1.51 -9.07
CA MET A 53 -3.14 -1.89 -10.13
C MET A 53 -3.90 -2.19 -11.41
N GLN A 54 -4.92 -3.04 -11.32
CA GLN A 54 -5.70 -3.44 -12.48
C GLN A 54 -6.83 -2.45 -12.74
N GLU A 55 -6.98 -1.47 -11.87
CA GLU A 55 -7.88 -0.34 -12.12
C GLU A 55 -7.19 0.65 -13.04
N GLY A 56 -5.86 0.56 -13.08
CA GLY A 56 -5.10 1.36 -13.99
C GLY A 56 -4.67 2.67 -13.37
N LYS A 57 -4.47 2.64 -12.05
CA LYS A 57 -4.04 3.81 -11.32
C LYS A 57 -2.54 3.97 -11.44
N SER A 58 -2.05 5.16 -11.17
CA SER A 58 -0.63 5.44 -11.18
C SER A 58 -0.10 5.39 -9.75
N LYS A 59 1.22 5.48 -9.57
CA LYS A 59 1.81 5.32 -8.25
C LYS A 59 1.24 6.34 -7.25
N LYS A 60 1.32 7.61 -7.61
CA LYS A 60 0.78 8.67 -6.78
C LYS A 60 -0.74 8.57 -6.71
N GLU A 61 -1.32 8.10 -7.79
CA GLU A 61 -2.76 7.93 -7.89
C GLU A 61 -3.24 6.83 -6.94
N ILE A 62 -2.51 5.73 -6.87
CA ILE A 62 -2.84 4.65 -5.94
C ILE A 62 -2.82 5.17 -4.50
N VAL A 63 -1.72 5.81 -4.12
CA VAL A 63 -1.58 6.29 -2.76
C VAL A 63 -2.56 7.44 -2.47
N ASP A 64 -2.83 8.26 -3.47
CA ASP A 64 -3.82 9.30 -3.35
C ASP A 64 -5.20 8.69 -3.17
N TYR A 65 -5.45 7.62 -3.90
CA TYR A 65 -6.71 6.88 -3.81
C TYR A 65 -6.89 6.40 -2.38
N MET A 66 -5.79 5.90 -1.83
CA MET A 66 -5.77 5.38 -0.47
C MET A 66 -6.19 6.46 0.52
N VAL A 67 -5.51 7.60 0.51
CA VAL A 67 -5.81 8.66 1.46
C VAL A 67 -7.18 9.27 1.19
N ALA A 68 -7.58 9.28 -0.07
CA ALA A 68 -8.85 9.86 -0.46
C ALA A 68 -10.01 9.08 0.16
N ARG A 69 -9.94 7.75 0.06
CA ARG A 69 -11.00 6.89 0.58
C ARG A 69 -10.68 6.42 1.99
N TYR A 70 -9.52 5.81 2.16
CA TYR A 70 -9.12 5.17 3.41
C TYR A 70 -8.28 6.10 4.27
N GLY A 71 -8.53 7.40 4.17
CA GLY A 71 -7.68 8.37 4.84
C GLY A 71 -7.69 8.29 6.35
N ASN A 72 -8.59 7.49 6.91
CA ASN A 72 -8.64 7.29 8.35
C ASN A 72 -7.66 6.20 8.76
N PHE A 73 -7.32 5.36 7.81
CA PHE A 73 -6.43 4.24 8.04
C PHE A 73 -5.07 4.51 7.43
N VAL A 74 -5.04 5.43 6.47
CA VAL A 74 -3.84 5.69 5.70
C VAL A 74 -3.50 7.19 5.72
N THR A 75 -2.33 7.53 5.19
CA THR A 75 -1.94 8.91 5.00
C THR A 75 -0.87 9.01 3.92
N TYR A 76 -0.84 10.09 3.16
CA TYR A 76 0.25 10.30 2.23
C TYR A 76 1.19 11.34 2.82
N ASP A 77 2.32 10.85 3.32
CA ASP A 77 3.27 11.66 4.06
C ASP A 77 4.61 10.95 4.06
N PRO A 78 5.70 11.67 4.33
CA PRO A 78 7.00 11.04 4.61
C PRO A 78 6.90 10.18 5.85
N PRO A 79 7.11 8.86 5.70
CA PRO A 79 6.88 7.89 6.76
C PRO A 79 8.08 7.71 7.68
N LEU A 80 8.06 6.63 8.44
CA LEU A 80 9.11 6.33 9.41
C LEU A 80 10.28 5.64 8.73
N THR A 81 10.38 5.86 7.44
CA THR A 81 11.48 5.34 6.64
C THR A 81 12.82 5.73 7.25
N PRO A 82 13.70 4.76 7.50
CA PRO A 82 15.02 5.00 8.10
C PRO A 82 15.92 5.82 7.18
N THR A 2 2.88 -15.78 -4.16
CA THR A 2 1.52 -16.13 -3.73
C THR A 2 1.31 -15.80 -2.25
N ILE A 3 0.94 -14.56 -1.98
CA ILE A 3 0.65 -14.13 -0.62
C ILE A 3 -0.84 -14.31 -0.32
N ASP A 4 -1.66 -14.08 -1.33
CA ASP A 4 -3.11 -14.14 -1.19
C ASP A 4 -3.73 -14.32 -2.57
N VAL A 5 -4.92 -13.78 -2.79
CA VAL A 5 -5.51 -13.72 -4.12
C VAL A 5 -4.72 -12.72 -4.97
N LEU A 6 -3.93 -11.92 -4.28
CA LEU A 6 -3.06 -10.94 -4.91
C LEU A 6 -1.88 -11.64 -5.57
N GLN A 7 -2.10 -12.15 -6.78
CA GLN A 7 -1.06 -12.87 -7.49
C GLN A 7 -0.27 -11.93 -8.38
N PHE A 8 1.00 -11.78 -8.04
CA PHE A 8 1.91 -10.92 -8.79
C PHE A 8 2.44 -11.66 -10.00
N LYS A 9 2.36 -10.96 -11.13
CA LYS A 9 2.84 -11.45 -12.40
C LYS A 9 4.28 -11.94 -12.29
N ASP A 10 5.05 -11.22 -11.48
CA ASP A 10 6.40 -11.60 -11.14
C ASP A 10 6.79 -10.85 -9.86
N GLU A 11 8.05 -10.91 -9.46
CA GLU A 11 8.47 -10.18 -8.28
C GLU A 11 8.37 -8.68 -8.52
N ALA A 12 8.47 -8.27 -9.79
CA ALA A 12 8.38 -6.87 -10.16
C ALA A 12 7.00 -6.30 -9.85
N GLN A 13 5.97 -7.08 -10.13
CA GLN A 13 4.61 -6.66 -9.79
C GLN A 13 4.51 -6.46 -8.29
N GLU A 14 5.19 -7.33 -7.56
CA GLU A 14 5.21 -7.25 -6.11
C GLU A 14 6.11 -6.09 -5.64
N GLN A 15 7.00 -5.64 -6.51
CA GLN A 15 7.84 -4.48 -6.22
C GLN A 15 7.02 -3.20 -6.34
N GLN A 16 6.10 -3.18 -7.28
CA GLN A 16 5.12 -2.10 -7.36
C GLN A 16 4.31 -2.08 -6.09
N PHE A 17 3.88 -3.27 -5.72
CA PHE A 17 3.15 -3.51 -4.48
C PHE A 17 3.98 -3.02 -3.30
N ARG A 18 5.30 -3.19 -3.41
CA ARG A 18 6.24 -2.71 -2.41
C ARG A 18 6.20 -1.18 -2.29
N GLN A 19 6.34 -0.52 -3.42
CA GLN A 19 6.44 0.94 -3.46
C GLN A 19 5.11 1.59 -3.10
N LEU A 20 4.03 1.02 -3.62
CA LEU A 20 2.71 1.54 -3.42
C LEU A 20 2.29 1.47 -1.94
N THR A 21 2.91 0.57 -1.18
CA THR A 21 2.60 0.44 0.24
C THR A 21 3.66 1.11 1.12
N GLU A 22 4.86 1.30 0.60
CA GLU A 22 5.96 1.85 1.41
C GLU A 22 6.09 3.36 1.25
N GLU A 23 5.32 3.94 0.32
CA GLU A 23 5.25 5.40 0.23
C GLU A 23 3.99 5.88 0.96
N LEU A 24 3.42 4.96 1.71
CA LEU A 24 2.22 5.24 2.47
C LEU A 24 2.56 5.47 3.94
N ARG A 25 2.00 6.52 4.51
CA ARG A 25 2.24 6.86 5.91
C ARG A 25 1.24 6.12 6.79
N CYS A 26 1.71 5.13 7.53
CA CYS A 26 0.86 4.45 8.49
C CYS A 26 1.31 4.82 9.91
N PRO A 27 0.36 5.28 10.74
CA PRO A 27 0.64 5.78 12.10
C PRO A 27 1.00 4.67 13.08
N LYS A 28 1.97 3.84 12.73
CA LYS A 28 2.45 2.80 13.61
C LYS A 28 3.76 3.20 14.26
N CYS A 29 4.52 4.07 13.57
CA CYS A 29 5.84 4.53 14.02
C CYS A 29 6.87 3.41 13.94
N GLN A 30 6.60 2.31 14.61
CA GLN A 30 7.48 1.15 14.62
C GLN A 30 7.52 0.52 13.24
N ASN A 31 6.38 0.55 12.57
CA ASN A 31 6.29 0.13 11.18
C ASN A 31 5.93 1.34 10.34
N ASN A 32 6.82 1.70 9.42
CA ASN A 32 6.65 2.91 8.63
C ASN A 32 5.57 2.73 7.59
N SER A 33 5.45 1.51 7.09
CA SER A 33 4.54 1.22 6.01
C SER A 33 3.68 -0.01 6.33
N ILE A 34 2.58 -0.15 5.59
CA ILE A 34 1.64 -1.25 5.79
C ILE A 34 2.15 -2.55 5.16
N ALA A 35 3.43 -2.59 4.87
CA ALA A 35 4.03 -3.74 4.19
C ALA A 35 4.42 -4.83 5.18
N ASP A 36 4.89 -4.42 6.35
CA ASP A 36 5.35 -5.37 7.36
C ASP A 36 4.59 -5.18 8.67
N SER A 37 3.44 -4.53 8.57
CA SER A 37 2.57 -4.33 9.72
C SER A 37 1.63 -5.52 9.90
N ASN A 38 1.45 -5.93 11.15
CA ASN A 38 0.65 -7.10 11.47
C ASN A 38 -0.84 -6.80 11.52
N SER A 39 -1.20 -5.59 11.12
CA SER A 39 -2.59 -5.18 11.12
C SER A 39 -3.37 -5.87 10.01
N MET A 40 -4.55 -6.36 10.37
CA MET A 40 -5.47 -6.96 9.43
C MET A 40 -5.93 -5.91 8.43
N ILE A 41 -6.07 -4.69 8.92
CA ILE A 41 -6.56 -3.59 8.12
C ILE A 41 -5.44 -3.07 7.22
N ALA A 42 -4.19 -3.20 7.67
CA ALA A 42 -3.04 -2.96 6.82
C ALA A 42 -3.12 -3.87 5.61
N THR A 43 -3.51 -5.12 5.86
CA THR A 43 -3.70 -6.11 4.81
C THR A 43 -4.86 -5.70 3.90
N ASP A 44 -5.92 -5.18 4.51
CA ASP A 44 -7.06 -4.63 3.79
C ASP A 44 -6.59 -3.63 2.74
N LEU A 45 -5.75 -2.71 3.19
CA LEU A 45 -5.19 -1.67 2.34
C LEU A 45 -4.31 -2.26 1.25
N ARG A 46 -3.57 -3.33 1.60
CA ARG A 46 -2.69 -4.02 0.66
C ARG A 46 -3.47 -4.50 -0.56
N GLN A 47 -4.66 -5.02 -0.32
CA GLN A 47 -5.49 -5.55 -1.40
C GLN A 47 -5.98 -4.42 -2.30
N LYS A 48 -6.29 -3.27 -1.71
CA LYS A 48 -6.70 -2.11 -2.50
C LYS A 48 -5.61 -1.76 -3.51
N VAL A 49 -4.38 -1.70 -3.03
CA VAL A 49 -3.22 -1.42 -3.87
C VAL A 49 -3.17 -2.34 -5.08
N TYR A 50 -3.45 -3.62 -4.89
CA TYR A 50 -3.45 -4.58 -5.99
C TYR A 50 -4.63 -4.33 -6.93
N GLU A 51 -5.79 -4.03 -6.36
CA GLU A 51 -6.98 -3.71 -7.16
C GLU A 51 -6.73 -2.45 -7.98
N LEU A 52 -6.11 -1.47 -7.36
CA LEU A 52 -5.81 -0.19 -8.01
C LEU A 52 -4.91 -0.36 -9.23
N MET A 53 -4.04 -1.36 -9.19
CA MET A 53 -3.17 -1.68 -10.32
C MET A 53 -4.02 -2.02 -11.55
N GLN A 54 -5.00 -2.89 -11.35
CA GLN A 54 -5.88 -3.33 -12.43
C GLN A 54 -7.00 -2.30 -12.67
N GLU A 55 -7.21 -1.41 -11.72
CA GLU A 55 -8.12 -0.28 -11.92
C GLU A 55 -7.51 0.69 -12.92
N GLY A 56 -6.20 0.67 -13.00
CA GLY A 56 -5.50 1.51 -13.96
C GLY A 56 -5.02 2.79 -13.32
N LYS A 57 -4.88 2.78 -12.01
CA LYS A 57 -4.41 3.95 -11.28
C LYS A 57 -2.91 4.13 -11.54
N SER A 58 -2.44 5.33 -11.30
CA SER A 58 -1.02 5.63 -11.43
C SER A 58 -0.35 5.42 -10.08
N LYS A 59 0.96 5.38 -10.06
CA LYS A 59 1.70 5.13 -8.81
C LYS A 59 1.26 6.07 -7.69
N LYS A 60 1.35 7.37 -7.92
CA LYS A 60 0.92 8.34 -6.92
C LYS A 60 -0.59 8.31 -6.77
N GLU A 61 -1.26 8.01 -7.86
CA GLU A 61 -2.72 7.88 -7.88
C GLU A 61 -3.18 6.77 -6.93
N ILE A 62 -2.45 5.66 -6.91
CA ILE A 62 -2.78 4.56 -6.00
C ILE A 62 -2.76 5.03 -4.56
N VAL A 63 -1.66 5.64 -4.15
CA VAL A 63 -1.51 6.09 -2.77
C VAL A 63 -2.47 7.23 -2.47
N ASP A 64 -2.74 8.06 -3.48
CA ASP A 64 -3.68 9.15 -3.33
C ASP A 64 -5.10 8.62 -3.20
N TYR A 65 -5.38 7.56 -3.93
CA TYR A 65 -6.67 6.88 -3.85
C TYR A 65 -6.84 6.33 -2.45
N MET A 66 -5.74 5.81 -1.92
CA MET A 66 -5.69 5.30 -0.56
C MET A 66 -6.04 6.39 0.43
N VAL A 67 -5.32 7.49 0.36
CA VAL A 67 -5.51 8.59 1.31
C VAL A 67 -6.87 9.26 1.13
N ALA A 68 -7.36 9.27 -0.09
CA ALA A 68 -8.66 9.87 -0.39
C ALA A 68 -9.81 9.06 0.20
N ARG A 69 -9.71 7.73 0.11
CA ARG A 69 -10.79 6.85 0.58
C ARG A 69 -10.53 6.32 1.99
N TYR A 70 -9.30 5.95 2.26
CA TYR A 70 -8.94 5.31 3.52
C TYR A 70 -8.16 6.26 4.41
N GLY A 71 -8.46 7.55 4.30
CA GLY A 71 -7.68 8.57 4.99
C GLY A 71 -7.85 8.53 6.51
N ASN A 72 -8.72 7.66 7.01
CA ASN A 72 -8.90 7.52 8.44
C ASN A 72 -7.79 6.66 9.04
N PHE A 73 -7.09 5.95 8.17
CA PHE A 73 -6.02 5.04 8.60
C PHE A 73 -4.73 5.33 7.85
N VAL A 74 -4.86 5.82 6.62
CA VAL A 74 -3.70 6.03 5.78
C VAL A 74 -3.48 7.52 5.52
N THR A 75 -2.22 7.90 5.32
CA THR A 75 -1.87 9.27 5.01
C THR A 75 -0.73 9.29 3.99
N TYR A 76 -0.68 10.30 3.14
CA TYR A 76 0.41 10.42 2.18
C TYR A 76 1.40 11.47 2.65
N ASP A 77 2.54 10.99 3.15
CA ASP A 77 3.59 11.85 3.68
C ASP A 77 4.88 11.04 3.73
N PRO A 78 6.04 11.72 3.83
CA PRO A 78 7.28 11.04 4.17
C PRO A 78 7.11 10.33 5.50
N PRO A 79 7.26 9.00 5.53
CA PRO A 79 6.79 8.16 6.63
C PRO A 79 7.26 8.64 8.01
N LEU A 80 8.51 8.35 8.36
CA LEU A 80 9.08 8.77 9.63
C LEU A 80 10.48 9.30 9.41
N THR A 81 10.86 9.41 8.15
CA THR A 81 12.20 9.81 7.76
C THR A 81 12.63 11.11 8.47
N PRO A 82 13.74 11.05 9.20
CA PRO A 82 14.31 12.22 9.90
C PRO A 82 14.86 13.23 8.91
N THR A 2 2.35 -20.00 1.72
CA THR A 2 0.93 -19.59 1.69
C THR A 2 0.82 -18.10 1.38
N ILE A 3 0.22 -17.79 0.24
CA ILE A 3 0.08 -16.41 -0.19
C ILE A 3 -1.41 -16.10 -0.42
N ASP A 4 -1.76 -14.83 -0.38
CA ASP A 4 -3.14 -14.40 -0.58
C ASP A 4 -3.56 -14.57 -2.05
N VAL A 5 -4.67 -13.93 -2.43
CA VAL A 5 -5.12 -13.96 -3.82
C VAL A 5 -4.29 -12.99 -4.66
N LEU A 6 -3.41 -12.25 -3.98
CA LEU A 6 -2.62 -11.21 -4.61
C LEU A 6 -1.45 -11.83 -5.37
N GLN A 7 -1.76 -12.41 -6.51
CA GLN A 7 -0.77 -13.08 -7.33
C GLN A 7 0.07 -12.08 -8.13
N PHE A 8 1.38 -12.10 -7.87
CA PHE A 8 2.31 -11.29 -8.63
C PHE A 8 3.10 -12.19 -9.57
N LYS A 9 3.02 -11.84 -10.84
CA LYS A 9 3.66 -12.55 -11.94
C LYS A 9 5.11 -12.85 -11.64
N ASP A 10 5.77 -11.91 -10.98
CA ASP A 10 7.18 -12.03 -10.65
C ASP A 10 7.48 -11.01 -9.58
N GLU A 11 8.73 -10.91 -9.14
CA GLU A 11 9.12 -9.88 -8.22
C GLU A 11 8.86 -8.52 -8.84
N ALA A 12 8.94 -8.47 -10.16
CA ALA A 12 8.69 -7.25 -10.91
C ALA A 12 7.30 -6.70 -10.64
N GLN A 13 6.29 -7.57 -10.67
CA GLN A 13 4.93 -7.10 -10.39
C GLN A 13 4.84 -6.67 -8.94
N GLU A 14 5.59 -7.38 -8.10
CA GLU A 14 5.59 -7.12 -6.68
C GLU A 14 6.46 -5.90 -6.35
N GLN A 15 7.23 -5.43 -7.33
CA GLN A 15 8.00 -4.19 -7.17
C GLN A 15 7.04 -3.01 -7.07
N GLN A 16 6.01 -3.02 -7.91
CA GLN A 16 4.95 -2.02 -7.84
C GLN A 16 4.31 -2.07 -6.47
N PHE A 17 4.03 -3.30 -6.03
CA PHE A 17 3.48 -3.54 -4.70
C PHE A 17 4.42 -2.98 -3.64
N ARG A 18 5.71 -3.26 -3.80
CA ARG A 18 6.74 -2.73 -2.89
C ARG A 18 6.61 -1.22 -2.75
N GLN A 19 6.56 -0.53 -3.87
CA GLN A 19 6.55 0.93 -3.87
C GLN A 19 5.21 1.48 -3.39
N LEU A 20 4.12 0.85 -3.80
CA LEU A 20 2.79 1.35 -3.49
C LEU A 20 2.48 1.17 -2.02
N THR A 21 3.16 0.20 -1.40
CA THR A 21 2.94 -0.09 0.00
C THR A 21 3.96 0.64 0.89
N GLU A 22 5.08 1.07 0.30
CA GLU A 22 6.11 1.73 1.09
C GLU A 22 5.99 3.26 1.02
N GLU A 23 5.47 3.77 -0.09
CA GLU A 23 5.30 5.21 -0.24
C GLU A 23 3.93 5.61 0.28
N LEU A 24 3.66 5.21 1.51
CA LEU A 24 2.41 5.48 2.19
C LEU A 24 2.66 5.64 3.69
N ARG A 25 2.01 6.63 4.29
CA ARG A 25 2.18 6.87 5.71
C ARG A 25 1.20 6.02 6.51
N CYS A 26 1.74 5.08 7.25
CA CYS A 26 0.96 4.33 8.23
C CYS A 26 1.25 4.87 9.62
N PRO A 27 0.34 5.72 10.16
CA PRO A 27 0.51 6.40 11.45
C PRO A 27 0.37 5.46 12.64
N LYS A 28 1.03 4.32 12.55
CA LYS A 28 1.07 3.36 13.65
C LYS A 28 2.42 3.46 14.35
N CYS A 29 3.36 4.14 13.68
CA CYS A 29 4.73 4.31 14.16
C CYS A 29 5.51 3.00 14.11
N GLN A 30 5.04 2.00 14.84
CA GLN A 30 5.66 0.69 14.83
C GLN A 30 5.14 -0.13 13.65
N ASN A 31 5.35 0.42 12.47
CA ASN A 31 4.88 -0.18 11.23
C ASN A 31 5.57 0.51 10.05
N ASN A 32 6.72 -0.02 9.66
CA ASN A 32 7.48 0.56 8.55
C ASN A 32 6.89 0.13 7.21
N SER A 33 5.91 0.90 6.74
CA SER A 33 5.21 0.63 5.48
C SER A 33 4.31 -0.61 5.61
N ILE A 34 3.17 -0.57 4.94
CA ILE A 34 2.20 -1.66 5.04
C ILE A 34 2.59 -2.84 4.16
N ALA A 35 3.77 -2.72 3.54
CA ALA A 35 4.27 -3.67 2.54
C ALA A 35 3.96 -5.12 2.89
N ASP A 36 4.41 -5.56 4.06
CA ASP A 36 4.08 -6.89 4.54
C ASP A 36 4.15 -6.91 6.05
N SER A 37 3.38 -6.01 6.67
CA SER A 37 3.36 -5.87 8.11
C SER A 37 2.58 -7.02 8.76
N ASN A 38 1.96 -7.85 7.91
CA ASN A 38 1.17 -9.01 8.34
C ASN A 38 -0.10 -8.59 9.08
N SER A 39 -0.31 -7.29 9.20
CA SER A 39 -1.47 -6.77 9.92
C SER A 39 -2.75 -6.95 9.12
N MET A 40 -3.86 -7.17 9.81
CA MET A 40 -5.16 -7.34 9.17
C MET A 40 -5.48 -6.13 8.31
N ILE A 41 -5.45 -4.99 8.95
CA ILE A 41 -5.83 -3.74 8.31
C ILE A 41 -4.76 -3.34 7.28
N ALA A 42 -3.51 -3.72 7.53
CA ALA A 42 -2.43 -3.48 6.58
C ALA A 42 -2.69 -4.27 5.29
N THR A 43 -3.30 -5.43 5.46
CA THR A 43 -3.68 -6.27 4.32
C THR A 43 -4.89 -5.67 3.61
N ASP A 44 -5.82 -5.16 4.40
CA ASP A 44 -7.02 -4.48 3.89
C ASP A 44 -6.62 -3.40 2.88
N LEU A 45 -5.67 -2.57 3.28
CA LEU A 45 -5.19 -1.48 2.45
C LEU A 45 -4.44 -2.01 1.22
N ARG A 46 -3.70 -3.09 1.41
CA ARG A 46 -2.94 -3.68 0.31
C ARG A 46 -3.85 -4.30 -0.72
N GLN A 47 -5.02 -4.75 -0.28
CA GLN A 47 -6.05 -5.22 -1.20
C GLN A 47 -6.48 -4.10 -2.14
N LYS A 48 -6.61 -2.90 -1.59
CA LYS A 48 -6.91 -1.74 -2.41
C LYS A 48 -5.80 -1.52 -3.43
N VAL A 49 -4.57 -1.50 -2.93
CA VAL A 49 -3.38 -1.35 -3.77
C VAL A 49 -3.38 -2.39 -4.91
N TYR A 50 -3.80 -3.62 -4.60
CA TYR A 50 -3.87 -4.67 -5.61
C TYR A 50 -4.91 -4.33 -6.67
N GLU A 51 -6.13 -3.99 -6.22
CA GLU A 51 -7.20 -3.60 -7.12
C GLU A 51 -6.76 -2.44 -8.00
N LEU A 52 -6.21 -1.41 -7.36
CA LEU A 52 -5.77 -0.20 -8.02
C LEU A 52 -4.77 -0.49 -9.15
N MET A 53 -3.95 -1.52 -8.97
CA MET A 53 -3.01 -1.94 -10.01
C MET A 53 -3.75 -2.31 -11.27
N GLN A 54 -4.75 -3.17 -11.14
CA GLN A 54 -5.50 -3.65 -12.28
C GLN A 54 -6.54 -2.61 -12.72
N GLU A 55 -6.88 -1.69 -11.82
CA GLU A 55 -7.76 -0.58 -12.17
C GLU A 55 -7.07 0.34 -13.18
N GLY A 56 -5.75 0.44 -13.05
CA GLY A 56 -4.98 1.25 -13.97
C GLY A 56 -4.53 2.53 -13.33
N LYS A 57 -4.44 2.52 -12.01
CA LYS A 57 -4.06 3.69 -11.26
C LYS A 57 -2.55 3.92 -11.38
N SER A 58 -2.16 5.16 -11.16
CA SER A 58 -0.76 5.54 -11.19
C SER A 58 -0.17 5.46 -9.79
N LYS A 59 1.14 5.54 -9.67
CA LYS A 59 1.79 5.37 -8.36
C LYS A 59 1.20 6.32 -7.32
N LYS A 60 1.20 7.61 -7.63
CA LYS A 60 0.59 8.60 -6.75
C LYS A 60 -0.91 8.41 -6.69
N GLU A 61 -1.48 8.06 -7.82
CA GLU A 61 -2.93 7.85 -7.90
C GLU A 61 -3.39 6.75 -6.94
N ILE A 62 -2.62 5.67 -6.85
CA ILE A 62 -2.95 4.59 -5.91
C ILE A 62 -2.96 5.12 -4.49
N VAL A 63 -1.87 5.77 -4.08
CA VAL A 63 -1.76 6.25 -2.71
C VAL A 63 -2.72 7.42 -2.47
N ASP A 64 -2.93 8.24 -3.47
CA ASP A 64 -3.91 9.31 -3.41
C ASP A 64 -5.29 8.74 -3.20
N TYR A 65 -5.56 7.64 -3.89
CA TYR A 65 -6.81 6.91 -3.76
C TYR A 65 -6.96 6.43 -2.33
N MET A 66 -5.86 5.89 -1.81
CA MET A 66 -5.81 5.39 -0.45
C MET A 66 -6.18 6.47 0.54
N VAL A 67 -5.46 7.59 0.50
CA VAL A 67 -5.69 8.66 1.48
C VAL A 67 -7.04 9.34 1.26
N ALA A 68 -7.50 9.35 0.01
CA ALA A 68 -8.76 9.98 -0.31
C ALA A 68 -9.91 9.21 0.31
N ARG A 69 -9.84 7.89 0.27
CA ARG A 69 -10.91 7.04 0.78
C ARG A 69 -10.60 6.54 2.19
N TYR A 70 -9.44 5.92 2.35
CA TYR A 70 -9.04 5.30 3.60
C TYR A 70 -8.21 6.25 4.45
N GLY A 71 -8.39 7.55 4.22
CA GLY A 71 -7.62 8.56 4.93
C GLY A 71 -7.92 8.62 6.40
N ASN A 72 -8.86 7.79 6.84
CA ASN A 72 -9.18 7.67 8.26
C ASN A 72 -8.02 7.00 8.99
N PHE A 73 -7.25 6.22 8.24
CA PHE A 73 -6.09 5.55 8.79
C PHE A 73 -4.84 5.89 7.98
N VAL A 74 -4.98 5.94 6.66
CA VAL A 74 -3.82 6.11 5.79
C VAL A 74 -3.61 7.59 5.47
N THR A 75 -2.39 7.92 5.07
CA THR A 75 -2.03 9.29 4.73
C THR A 75 -0.84 9.31 3.79
N TYR A 76 -0.80 10.26 2.86
CA TYR A 76 0.35 10.41 2.01
C TYR A 76 1.31 11.41 2.63
N ASP A 77 2.35 10.88 3.24
CA ASP A 77 3.28 11.67 4.04
C ASP A 77 4.59 10.92 4.18
N PRO A 78 5.68 11.63 4.50
CA PRO A 78 6.93 11.00 4.90
C PRO A 78 6.75 10.22 6.20
N PRO A 79 7.29 9.00 6.29
CA PRO A 79 7.11 8.13 7.45
C PRO A 79 7.97 8.57 8.63
N LEU A 80 8.22 7.63 9.55
CA LEU A 80 8.97 7.93 10.77
C LEU A 80 10.46 8.08 10.47
N THR A 81 10.81 7.98 9.19
CA THR A 81 12.16 8.18 8.73
C THR A 81 12.65 9.59 9.07
N PRO A 82 13.94 9.74 9.43
CA PRO A 82 14.52 11.04 9.79
C PRO A 82 14.36 12.07 8.67
N THR A 2 1.50 -13.96 -3.94
CA THR A 2 0.79 -15.09 -3.32
C THR A 2 0.57 -14.84 -1.83
N ILE A 3 -0.68 -14.95 -1.40
CA ILE A 3 -1.07 -14.71 0.00
C ILE A 3 -2.59 -14.73 0.12
N ASP A 4 -3.25 -14.17 -0.87
CA ASP A 4 -4.70 -14.01 -0.85
C ASP A 4 -5.19 -14.01 -2.29
N VAL A 5 -6.25 -13.26 -2.58
CA VAL A 5 -6.69 -13.05 -3.95
C VAL A 5 -5.66 -12.18 -4.69
N LEU A 6 -4.72 -11.65 -3.92
CA LEU A 6 -3.69 -10.77 -4.43
C LEU A 6 -2.59 -11.58 -5.11
N GLN A 7 -2.91 -12.08 -6.28
CA GLN A 7 -1.98 -12.90 -7.05
C GLN A 7 -1.24 -12.06 -8.08
N PHE A 8 0.06 -11.92 -7.88
CA PHE A 8 0.88 -11.10 -8.75
C PHE A 8 1.28 -11.88 -9.98
N LYS A 9 1.13 -11.22 -11.13
CA LYS A 9 1.48 -11.74 -12.43
C LYS A 9 2.88 -12.33 -12.42
N ASP A 10 3.77 -11.66 -11.71
CA ASP A 10 5.11 -12.14 -11.45
C ASP A 10 5.74 -11.21 -10.42
N GLU A 11 7.04 -11.29 -10.27
CA GLU A 11 7.74 -10.46 -9.31
C GLU A 11 7.49 -8.98 -9.59
N ALA A 12 7.32 -8.64 -10.87
CA ALA A 12 7.11 -7.25 -11.27
C ALA A 12 5.87 -6.64 -10.64
N GLN A 13 4.74 -7.35 -10.72
CA GLN A 13 3.51 -6.85 -10.13
C GLN A 13 3.70 -6.72 -8.63
N GLU A 14 4.48 -7.64 -8.08
CA GLU A 14 4.76 -7.66 -6.67
C GLU A 14 5.68 -6.49 -6.29
N GLN A 15 6.57 -6.09 -7.20
CA GLN A 15 7.45 -4.95 -6.95
C GLN A 15 6.63 -3.66 -6.90
N GLN A 16 5.66 -3.55 -7.79
CA GLN A 16 4.74 -2.42 -7.79
C GLN A 16 4.06 -2.33 -6.43
N PHE A 17 3.72 -3.51 -5.90
CA PHE A 17 3.13 -3.62 -4.59
C PHE A 17 4.07 -3.02 -3.54
N ARG A 18 5.36 -3.26 -3.70
CA ARG A 18 6.38 -2.71 -2.79
C ARG A 18 6.31 -1.19 -2.76
N GLN A 19 6.35 -0.57 -3.93
CA GLN A 19 6.42 0.88 -4.03
C GLN A 19 5.13 1.53 -3.58
N LEU A 20 4.02 0.90 -3.94
CA LEU A 20 2.71 1.44 -3.64
C LEU A 20 2.41 1.40 -2.15
N THR A 21 3.09 0.51 -1.42
CA THR A 21 2.89 0.41 0.01
C THR A 21 3.97 1.20 0.79
N GLU A 22 5.11 1.47 0.17
CA GLU A 22 6.22 2.11 0.87
C GLU A 22 6.11 3.64 0.90
N GLU A 23 5.32 4.22 0.00
CA GLU A 23 5.09 5.66 0.02
C GLU A 23 3.91 6.01 0.91
N LEU A 24 3.33 5.01 1.54
CA LEU A 24 2.17 5.21 2.37
C LEU A 24 2.52 5.10 3.84
N ARG A 25 1.96 6.01 4.65
CA ARG A 25 2.19 6.01 6.08
C ARG A 25 1.19 5.09 6.79
N CYS A 26 1.71 4.28 7.70
CA CYS A 26 0.86 3.54 8.61
C CYS A 26 0.98 4.14 10.01
N PRO A 27 -0.16 4.46 10.63
CA PRO A 27 -0.19 5.11 11.97
C PRO A 27 0.30 4.20 13.10
N LYS A 28 0.99 3.12 12.74
CA LYS A 28 1.65 2.27 13.72
C LYS A 28 2.97 2.91 14.14
N CYS A 29 3.46 3.82 13.28
CA CYS A 29 4.72 4.52 13.49
C CYS A 29 5.92 3.58 13.32
N GLN A 30 6.07 2.65 14.26
CA GLN A 30 7.18 1.72 14.24
C GLN A 30 6.92 0.57 13.28
N ASN A 31 6.99 0.89 12.00
CA ASN A 31 6.76 -0.04 10.91
C ASN A 31 6.89 0.71 9.60
N ASN A 32 6.59 2.02 9.71
CA ASN A 32 6.71 2.98 8.60
C ASN A 32 5.66 2.74 7.53
N SER A 33 5.87 1.71 6.72
CA SER A 33 5.01 1.43 5.59
C SER A 33 4.14 0.20 5.87
N ILE A 34 3.10 0.01 5.07
CA ILE A 34 2.23 -1.16 5.18
C ILE A 34 2.76 -2.30 4.33
N ALA A 35 3.91 -2.09 3.69
CA ALA A 35 4.50 -3.06 2.76
C ALA A 35 4.65 -4.42 3.43
N ASP A 36 5.23 -4.42 4.62
CA ASP A 36 5.28 -5.61 5.44
C ASP A 36 4.66 -5.29 6.80
N SER A 37 3.35 -5.36 6.84
CA SER A 37 2.61 -4.96 8.03
C SER A 37 2.00 -6.18 8.72
N ASN A 38 1.87 -6.07 10.04
CA ASN A 38 1.36 -7.17 10.86
C ASN A 38 -0.14 -7.05 11.03
N SER A 39 -0.72 -5.96 10.56
CA SER A 39 -2.11 -5.67 10.81
C SER A 39 -3.00 -6.25 9.71
N MET A 40 -4.12 -6.81 10.15
CA MET A 40 -5.12 -7.36 9.24
C MET A 40 -5.65 -6.27 8.35
N ILE A 41 -5.88 -5.11 8.93
CA ILE A 41 -6.45 -3.97 8.23
C ILE A 41 -5.38 -3.33 7.34
N ALA A 42 -4.12 -3.42 7.77
CA ALA A 42 -2.99 -2.97 6.96
C ALA A 42 -2.92 -3.80 5.68
N THR A 43 -3.28 -5.07 5.81
CA THR A 43 -3.38 -5.97 4.68
C THR A 43 -4.64 -5.66 3.85
N ASP A 44 -5.70 -5.33 4.56
CA ASP A 44 -6.97 -4.90 3.94
C ASP A 44 -6.71 -3.77 2.95
N LEU A 45 -5.97 -2.78 3.41
CA LEU A 45 -5.61 -1.62 2.60
C LEU A 45 -4.74 -2.03 1.42
N ARG A 46 -3.88 -3.02 1.64
CA ARG A 46 -2.99 -3.51 0.59
C ARG A 46 -3.77 -4.17 -0.54
N GLN A 47 -4.94 -4.72 -0.22
CA GLN A 47 -5.81 -5.28 -1.23
C GLN A 47 -6.28 -4.18 -2.18
N LYS A 48 -6.48 -2.98 -1.64
CA LYS A 48 -6.83 -1.82 -2.46
C LYS A 48 -5.71 -1.52 -3.43
N VAL A 49 -4.48 -1.56 -2.91
CA VAL A 49 -3.29 -1.37 -3.73
C VAL A 49 -3.28 -2.33 -4.92
N TYR A 50 -3.69 -3.57 -4.69
CA TYR A 50 -3.73 -4.57 -5.76
C TYR A 50 -4.85 -4.26 -6.76
N GLU A 51 -6.03 -3.93 -6.27
CA GLU A 51 -7.15 -3.56 -7.14
C GLU A 51 -6.79 -2.39 -8.04
N LEU A 52 -6.20 -1.37 -7.44
CA LEU A 52 -5.84 -0.15 -8.16
C LEU A 52 -4.85 -0.42 -9.28
N MET A 53 -4.02 -1.45 -9.10
CA MET A 53 -3.07 -1.85 -10.14
C MET A 53 -3.82 -2.22 -11.42
N GLN A 54 -4.82 -3.09 -11.29
CA GLN A 54 -5.56 -3.59 -12.44
C GLN A 54 -6.57 -2.56 -12.93
N GLU A 55 -6.89 -1.59 -12.08
CA GLU A 55 -7.73 -0.47 -12.51
C GLU A 55 -6.95 0.44 -13.45
N GLY A 56 -5.64 0.51 -13.23
CA GLY A 56 -4.79 1.32 -14.08
C GLY A 56 -4.45 2.64 -13.44
N LYS A 57 -4.44 2.66 -12.12
CA LYS A 57 -4.07 3.86 -11.37
C LYS A 57 -2.58 4.10 -11.52
N SER A 58 -2.17 5.33 -11.29
CA SER A 58 -0.76 5.68 -11.30
C SER A 58 -0.19 5.48 -9.90
N LYS A 59 1.13 5.51 -9.75
CA LYS A 59 1.75 5.20 -8.45
C LYS A 59 1.20 6.10 -7.36
N LYS A 60 1.29 7.40 -7.56
CA LYS A 60 0.79 8.36 -6.58
C LYS A 60 -0.73 8.31 -6.53
N GLU A 61 -1.32 7.97 -7.66
CA GLU A 61 -2.76 7.81 -7.74
C GLU A 61 -3.25 6.69 -6.83
N ILE A 62 -2.52 5.56 -6.79
CA ILE A 62 -2.88 4.47 -5.90
C ILE A 62 -2.89 4.95 -4.44
N VAL A 63 -1.80 5.59 -4.01
CA VAL A 63 -1.70 6.04 -2.63
C VAL A 63 -2.66 7.20 -2.36
N ASP A 64 -2.86 8.04 -3.35
CA ASP A 64 -3.84 9.13 -3.24
C ASP A 64 -5.24 8.57 -3.12
N TYR A 65 -5.49 7.51 -3.86
CA TYR A 65 -6.75 6.78 -3.78
C TYR A 65 -6.94 6.26 -2.36
N MET A 66 -5.86 5.72 -1.83
CA MET A 66 -5.82 5.23 -0.46
C MET A 66 -6.17 6.34 0.52
N VAL A 67 -5.42 7.44 0.45
CA VAL A 67 -5.59 8.54 1.39
C VAL A 67 -6.93 9.25 1.23
N ALA A 68 -7.44 9.25 0.01
CA ALA A 68 -8.71 9.91 -0.29
C ALA A 68 -9.89 9.14 0.31
N ARG A 69 -9.83 7.81 0.28
CA ARG A 69 -10.93 6.99 0.79
C ARG A 69 -10.65 6.50 2.21
N TYR A 70 -9.45 6.01 2.42
CA TYR A 70 -9.08 5.36 3.68
C TYR A 70 -8.22 6.28 4.53
N GLY A 71 -8.47 7.58 4.45
CA GLY A 71 -7.63 8.55 5.11
C GLY A 71 -7.71 8.52 6.63
N ASN A 72 -8.55 7.65 7.17
CA ASN A 72 -8.62 7.49 8.62
C ASN A 72 -7.62 6.44 9.09
N PHE A 73 -7.06 5.72 8.14
CA PHE A 73 -6.11 4.65 8.45
C PHE A 73 -4.82 4.82 7.66
N VAL A 74 -4.88 5.62 6.61
CA VAL A 74 -3.73 5.81 5.73
C VAL A 74 -3.44 7.31 5.56
N THR A 75 -2.20 7.64 5.26
CA THR A 75 -1.82 9.03 5.01
C THR A 75 -0.63 9.11 4.05
N TYR A 76 -0.68 10.04 3.10
CA TYR A 76 0.40 10.22 2.16
C TYR A 76 1.32 11.34 2.61
N ASP A 77 2.49 10.95 3.09
CA ASP A 77 3.46 11.86 3.65
C ASP A 77 4.84 11.23 3.60
N PRO A 78 5.91 12.04 3.70
CA PRO A 78 7.26 11.51 3.91
C PRO A 78 7.26 10.53 5.09
N PRO A 79 8.01 9.43 5.00
CA PRO A 79 7.89 8.32 5.92
C PRO A 79 8.49 8.62 7.29
N LEU A 80 8.53 7.60 8.14
CA LEU A 80 9.09 7.74 9.49
C LEU A 80 10.62 7.80 9.41
N THR A 81 11.11 7.94 8.20
CA THR A 81 12.54 8.06 7.94
C THR A 81 13.09 9.32 8.61
N PRO A 82 14.28 9.22 9.21
CA PRO A 82 14.95 10.36 9.87
C PRO A 82 15.30 11.46 8.87
N THR A 2 -8.70 -20.33 0.78
CA THR A 2 -9.18 -19.11 1.46
C THR A 2 -8.00 -18.19 1.76
N ILE A 3 -7.42 -17.65 0.71
CA ILE A 3 -6.28 -16.76 0.83
C ILE A 3 -6.36 -15.73 -0.29
N ASP A 4 -5.73 -14.58 -0.10
CA ASP A 4 -5.78 -13.50 -1.08
C ASP A 4 -5.42 -13.97 -2.48
N VAL A 5 -6.22 -13.53 -3.44
CA VAL A 5 -6.09 -13.92 -4.84
C VAL A 5 -5.15 -12.98 -5.58
N LEU A 6 -4.19 -12.46 -4.85
CA LEU A 6 -3.29 -11.46 -5.38
C LEU A 6 -2.28 -12.09 -6.33
N GLN A 7 -2.56 -11.95 -7.62
CA GLN A 7 -1.74 -12.56 -8.66
C GLN A 7 -0.79 -11.54 -9.28
N PHE A 8 0.45 -11.53 -8.82
CA PHE A 8 1.45 -10.67 -9.42
C PHE A 8 2.12 -11.40 -10.58
N LYS A 9 2.07 -10.74 -11.73
CA LYS A 9 2.59 -11.25 -12.98
C LYS A 9 4.00 -11.81 -12.83
N ASP A 10 4.77 -11.17 -11.99
CA ASP A 10 6.15 -11.52 -11.75
C ASP A 10 6.60 -10.75 -10.52
N GLU A 11 7.87 -10.77 -10.19
CA GLU A 11 8.35 -9.96 -9.08
C GLU A 11 8.18 -8.48 -9.43
N ALA A 12 8.14 -8.20 -10.73
CA ALA A 12 7.96 -6.85 -11.25
C ALA A 12 6.66 -6.23 -10.76
N GLN A 13 5.55 -6.98 -10.85
CA GLN A 13 4.27 -6.45 -10.38
C GLN A 13 4.32 -6.27 -8.87
N GLU A 14 5.09 -7.15 -8.25
CA GLU A 14 5.26 -7.12 -6.81
C GLU A 14 6.22 -5.97 -6.41
N GLN A 15 6.98 -5.45 -7.37
CA GLN A 15 7.81 -4.27 -7.15
C GLN A 15 6.92 -3.03 -7.09
N GLN A 16 5.89 -3.02 -7.93
CA GLN A 16 4.87 -1.99 -7.84
C GLN A 16 4.23 -2.04 -6.47
N PHE A 17 3.96 -3.27 -6.02
CA PHE A 17 3.44 -3.51 -4.69
C PHE A 17 4.40 -2.96 -3.64
N ARG A 18 5.70 -3.11 -3.89
CA ARG A 18 6.72 -2.57 -3.00
C ARG A 18 6.54 -1.07 -2.79
N GLN A 19 6.42 -0.33 -3.89
CA GLN A 19 6.33 1.13 -3.81
C GLN A 19 5.00 1.57 -3.23
N LEU A 20 3.94 0.92 -3.69
CA LEU A 20 2.59 1.34 -3.34
C LEU A 20 2.32 1.09 -1.87
N THR A 21 3.07 0.16 -1.28
CA THR A 21 2.88 -0.18 0.12
C THR A 21 3.89 0.52 1.01
N GLU A 22 4.99 1.05 0.44
CA GLU A 22 6.01 1.70 1.24
C GLU A 22 5.85 3.21 1.28
N GLU A 23 5.42 3.81 0.17
CA GLU A 23 5.28 5.27 0.12
C GLU A 23 4.01 5.72 0.84
N LEU A 24 3.11 4.76 1.09
CA LEU A 24 1.90 5.03 1.83
C LEU A 24 2.17 5.01 3.33
N ARG A 25 1.74 6.05 4.03
CA ARG A 25 1.98 6.14 5.46
C ARG A 25 0.84 5.53 6.25
N CYS A 26 1.21 4.85 7.32
CA CYS A 26 0.24 4.36 8.28
C CYS A 26 0.48 5.08 9.61
N PRO A 27 -0.58 5.26 10.41
CA PRO A 27 -0.45 5.85 11.75
C PRO A 27 0.18 4.86 12.73
N LYS A 28 1.41 4.47 12.43
CA LYS A 28 2.12 3.49 13.24
C LYS A 28 3.64 3.68 13.07
N CYS A 29 4.37 3.63 14.18
CA CYS A 29 5.81 3.72 14.15
C CYS A 29 6.42 2.32 14.06
N GLN A 30 5.69 1.38 14.59
CA GLN A 30 6.08 -0.01 14.57
C GLN A 30 5.72 -0.64 13.24
N ASN A 31 6.71 -1.25 12.58
CA ASN A 31 6.59 -1.71 11.19
C ASN A 31 6.62 -0.52 10.24
N ASN A 32 7.10 -0.72 9.03
CA ASN A 32 7.25 0.38 8.08
C ASN A 32 6.11 0.38 7.07
N SER A 33 5.25 1.39 7.19
CA SER A 33 4.14 1.58 6.28
C SER A 33 3.20 0.37 6.29
N ILE A 34 2.78 -0.11 5.12
CA ILE A 34 1.93 -1.29 5.08
C ILE A 34 2.61 -2.43 4.33
N ALA A 35 3.82 -2.17 3.83
CA ALA A 35 4.55 -3.12 2.99
C ALA A 35 4.72 -4.46 3.68
N ASP A 36 5.20 -4.44 4.91
CA ASP A 36 5.29 -5.64 5.72
C ASP A 36 5.00 -5.28 7.17
N SER A 37 3.74 -5.28 7.51
CA SER A 37 3.29 -4.90 8.84
C SER A 37 2.31 -5.94 9.36
N ASN A 38 2.31 -6.14 10.67
CA ASN A 38 1.47 -7.16 11.29
C ASN A 38 0.03 -6.71 11.42
N SER A 39 -0.27 -5.52 10.93
CA SER A 39 -1.64 -5.02 10.97
C SER A 39 -2.47 -5.70 9.90
N MET A 40 -3.55 -6.33 10.36
CA MET A 40 -4.51 -6.98 9.48
C MET A 40 -5.06 -5.98 8.48
N ILE A 41 -5.21 -4.74 8.96
CA ILE A 41 -5.80 -3.69 8.17
C ILE A 41 -4.81 -3.20 7.11
N ALA A 42 -3.52 -3.33 7.40
CA ALA A 42 -2.48 -3.02 6.43
C ALA A 42 -2.65 -3.90 5.20
N THR A 43 -2.99 -5.16 5.45
CA THR A 43 -3.28 -6.11 4.39
C THR A 43 -4.49 -5.67 3.57
N ASP A 44 -5.52 -5.16 4.26
CA ASP A 44 -6.72 -4.62 3.61
C ASP A 44 -6.33 -3.58 2.58
N LEU A 45 -5.47 -2.66 3.00
CA LEU A 45 -5.03 -1.55 2.17
C LEU A 45 -4.20 -2.09 1.01
N ARG A 46 -3.45 -3.14 1.26
CA ARG A 46 -2.64 -3.76 0.23
C ARG A 46 -3.52 -4.45 -0.81
N GLN A 47 -4.70 -4.90 -0.38
CA GLN A 47 -5.71 -5.39 -1.30
C GLN A 47 -6.16 -4.27 -2.22
N LYS A 48 -6.45 -3.10 -1.64
CA LYS A 48 -6.82 -1.93 -2.43
C LYS A 48 -5.70 -1.56 -3.39
N VAL A 49 -4.48 -1.59 -2.89
CA VAL A 49 -3.29 -1.40 -3.72
C VAL A 49 -3.33 -2.35 -4.92
N TYR A 50 -3.69 -3.60 -4.68
CA TYR A 50 -3.80 -4.60 -5.74
C TYR A 50 -4.95 -4.26 -6.70
N GLU A 51 -6.11 -3.90 -6.13
CA GLU A 51 -7.26 -3.52 -6.94
C GLU A 51 -6.92 -2.34 -7.83
N LEU A 52 -6.33 -1.30 -7.24
CA LEU A 52 -5.98 -0.09 -7.97
C LEU A 52 -4.98 -0.39 -9.09
N MET A 53 -4.16 -1.42 -8.91
CA MET A 53 -3.24 -1.86 -9.95
C MET A 53 -4.01 -2.23 -11.22
N GLN A 54 -5.05 -3.03 -11.05
CA GLN A 54 -5.81 -3.53 -12.18
C GLN A 54 -6.93 -2.58 -12.58
N GLU A 55 -7.20 -1.59 -11.73
CA GLU A 55 -8.14 -0.53 -12.08
C GLU A 55 -7.51 0.42 -13.09
N GLY A 56 -6.21 0.66 -12.92
CA GLY A 56 -5.50 1.50 -13.85
C GLY A 56 -4.96 2.75 -13.18
N LYS A 57 -4.63 2.61 -11.91
CA LYS A 57 -4.13 3.75 -11.14
C LYS A 57 -2.62 3.83 -11.25
N SER A 58 -2.10 5.02 -11.04
CA SER A 58 -0.67 5.28 -11.09
C SER A 58 -0.09 5.21 -9.68
N LYS A 59 1.22 5.28 -9.55
CA LYS A 59 1.87 5.09 -8.26
C LYS A 59 1.36 6.07 -7.22
N LYS A 60 1.47 7.35 -7.53
CA LYS A 60 1.00 8.40 -6.64
C LYS A 60 -0.53 8.36 -6.57
N GLU A 61 -1.12 7.91 -7.67
CA GLU A 61 -2.57 7.79 -7.77
C GLU A 61 -3.11 6.72 -6.82
N ILE A 62 -2.41 5.60 -6.69
CA ILE A 62 -2.82 4.56 -5.74
C ILE A 62 -2.80 5.10 -4.31
N VAL A 63 -1.67 5.68 -3.91
CA VAL A 63 -1.54 6.19 -2.55
C VAL A 63 -2.48 7.38 -2.32
N ASP A 64 -2.66 8.19 -3.35
CA ASP A 64 -3.60 9.31 -3.28
C ASP A 64 -5.02 8.79 -3.19
N TYR A 65 -5.28 7.69 -3.88
CA TYR A 65 -6.58 7.03 -3.83
C TYR A 65 -6.85 6.53 -2.42
N MET A 66 -5.81 5.95 -1.84
CA MET A 66 -5.87 5.42 -0.49
C MET A 66 -6.30 6.50 0.49
N VAL A 67 -5.57 7.61 0.52
CA VAL A 67 -5.90 8.69 1.44
C VAL A 67 -7.24 9.33 1.09
N ALA A 68 -7.59 9.29 -0.19
CA ALA A 68 -8.83 9.88 -0.65
C ALA A 68 -10.05 9.13 -0.10
N ARG A 69 -9.99 7.80 -0.13
CA ARG A 69 -11.11 6.97 0.31
C ARG A 69 -10.92 6.47 1.73
N TYR A 70 -9.70 6.08 2.06
CA TYR A 70 -9.39 5.46 3.34
C TYR A 70 -8.54 6.38 4.21
N GLY A 71 -8.75 7.69 4.07
CA GLY A 71 -7.87 8.65 4.73
C GLY A 71 -7.99 8.66 6.24
N ASN A 72 -9.00 8.00 6.77
CA ASN A 72 -9.17 7.90 8.22
C ASN A 72 -8.41 6.70 8.75
N PHE A 73 -7.83 5.94 7.84
CA PHE A 73 -7.02 4.78 8.19
C PHE A 73 -5.61 4.93 7.64
N VAL A 74 -5.50 5.61 6.51
CA VAL A 74 -4.23 5.77 5.81
C VAL A 74 -3.87 7.25 5.72
N THR A 75 -2.62 7.54 5.35
CA THR A 75 -2.17 8.90 5.16
C THR A 75 -1.01 8.95 4.17
N TYR A 76 -0.92 10.01 3.38
CA TYR A 76 0.22 10.16 2.49
C TYR A 76 1.20 11.17 3.11
N ASP A 77 2.28 10.61 3.64
CA ASP A 77 3.27 11.36 4.40
C ASP A 77 4.57 10.57 4.38
N PRO A 78 5.72 11.21 4.65
CA PRO A 78 7.00 10.51 4.78
C PRO A 78 6.90 9.40 5.83
N PRO A 79 7.27 8.17 5.46
CA PRO A 79 7.09 7.00 6.30
C PRO A 79 8.13 6.90 7.41
N LEU A 80 8.30 5.70 7.96
CA LEU A 80 9.20 5.48 9.08
C LEU A 80 10.64 5.39 8.62
N THR A 81 10.87 5.77 7.37
CA THR A 81 12.20 5.82 6.78
C THR A 81 13.16 6.63 7.67
N PRO A 82 14.27 6.01 8.09
CA PRO A 82 15.31 6.70 8.85
C PRO A 82 16.03 7.74 7.98
N THR A 2 -0.97 -21.50 -1.30
CA THR A 2 -2.20 -20.67 -1.41
C THR A 2 -1.86 -19.19 -1.21
N ILE A 3 -2.57 -18.32 -1.93
CA ILE A 3 -2.34 -16.89 -1.83
C ILE A 3 -3.67 -16.16 -2.03
N ASP A 4 -3.73 -14.91 -1.57
CA ASP A 4 -4.92 -14.07 -1.73
C ASP A 4 -5.30 -13.87 -3.20
N VAL A 5 -6.31 -13.05 -3.44
CA VAL A 5 -6.74 -12.72 -4.78
C VAL A 5 -5.72 -11.79 -5.45
N LEU A 6 -4.74 -11.36 -4.68
CA LEU A 6 -3.71 -10.46 -5.14
C LEU A 6 -2.69 -11.20 -5.98
N GLN A 7 -3.07 -11.56 -7.20
CA GLN A 7 -2.22 -12.32 -8.10
C GLN A 7 -1.20 -11.42 -8.79
N PHE A 8 0.03 -11.45 -8.30
CA PHE A 8 1.12 -10.72 -8.94
C PHE A 8 1.71 -11.57 -10.05
N LYS A 9 1.85 -10.94 -11.21
CA LYS A 9 2.40 -11.56 -12.40
C LYS A 9 3.75 -12.22 -12.11
N ASP A 10 4.50 -11.58 -11.23
CA ASP A 10 5.82 -12.05 -10.85
C ASP A 10 6.28 -11.18 -9.69
N GLU A 11 7.53 -11.30 -9.28
CA GLU A 11 8.02 -10.47 -8.18
C GLU A 11 8.01 -9.00 -8.61
N ALA A 12 8.11 -8.80 -9.92
CA ALA A 12 8.07 -7.46 -10.50
C ALA A 12 6.78 -6.73 -10.16
N GLN A 13 5.64 -7.41 -10.29
CA GLN A 13 4.37 -6.78 -9.97
C GLN A 13 4.31 -6.52 -8.47
N GLU A 14 4.94 -7.41 -7.73
CA GLU A 14 5.02 -7.29 -6.29
C GLU A 14 6.01 -6.19 -5.89
N GLN A 15 6.86 -5.77 -6.83
CA GLN A 15 7.77 -4.65 -6.62
C GLN A 15 6.99 -3.34 -6.65
N GLN A 16 6.06 -3.22 -7.60
CA GLN A 16 5.14 -2.09 -7.61
C GLN A 16 4.38 -2.09 -6.30
N PHE A 17 3.95 -3.28 -5.93
CA PHE A 17 3.26 -3.49 -4.67
C PHE A 17 4.13 -3.03 -3.51
N ARG A 18 5.44 -3.31 -3.61
CA ARG A 18 6.42 -2.86 -2.63
C ARG A 18 6.40 -1.34 -2.50
N GLN A 19 6.47 -0.65 -3.63
CA GLN A 19 6.51 0.80 -3.65
C GLN A 19 5.19 1.38 -3.15
N LEU A 20 4.10 0.80 -3.62
CA LEU A 20 2.77 1.29 -3.30
C LEU A 20 2.46 1.07 -1.82
N THR A 21 3.14 0.12 -1.19
CA THR A 21 2.96 -0.12 0.23
C THR A 21 4.00 0.65 1.06
N GLU A 22 5.14 0.99 0.46
CA GLU A 22 6.20 1.67 1.19
C GLU A 22 6.06 3.18 1.13
N GLU A 23 5.61 3.71 0.00
CA GLU A 23 5.41 5.15 -0.13
C GLU A 23 4.03 5.55 0.39
N LEU A 24 3.73 5.03 1.58
CA LEU A 24 2.49 5.32 2.27
C LEU A 24 2.78 5.47 3.76
N ARG A 25 2.14 6.44 4.40
CA ARG A 25 2.43 6.72 5.79
C ARG A 25 1.61 5.82 6.72
N CYS A 26 2.29 4.88 7.36
CA CYS A 26 1.66 4.05 8.36
C CYS A 26 1.59 4.78 9.69
N PRO A 27 0.38 4.97 10.23
CA PRO A 27 0.15 5.73 11.47
C PRO A 27 0.70 5.03 12.71
N LYS A 28 2.02 5.11 12.87
CA LYS A 28 2.69 4.54 14.03
C LYS A 28 4.09 5.10 14.15
N CYS A 29 4.77 5.21 12.99
CA CYS A 29 6.15 5.70 12.91
C CYS A 29 7.15 4.69 13.46
N GLN A 30 6.72 3.93 14.45
CA GLN A 30 7.54 2.88 15.04
C GLN A 30 7.21 1.53 14.41
N ASN A 31 6.80 1.60 13.17
CA ASN A 31 6.44 0.42 12.39
C ASN A 31 6.83 0.69 10.95
N ASN A 32 7.17 -0.36 10.21
CA ASN A 32 7.60 -0.20 8.83
C ASN A 32 6.39 -0.04 7.92
N SER A 33 6.64 0.02 6.63
CA SER A 33 5.57 0.17 5.64
C SER A 33 4.64 -1.05 5.69
N ILE A 34 3.40 -0.85 5.22
CA ILE A 34 2.36 -1.86 5.31
C ILE A 34 2.66 -3.09 4.45
N ALA A 35 3.78 -3.03 3.73
CA ALA A 35 4.25 -4.15 2.92
C ALA A 35 4.40 -5.41 3.77
N ASP A 36 5.04 -5.24 4.93
CA ASP A 36 5.29 -6.34 5.84
C ASP A 36 5.07 -5.89 7.28
N SER A 37 3.84 -5.54 7.61
CA SER A 37 3.50 -5.09 8.95
C SER A 37 2.86 -6.22 9.75
N ASN A 38 2.48 -7.29 9.05
CA ASN A 38 1.89 -8.48 9.67
C ASN A 38 0.48 -8.22 10.17
N SER A 39 -0.02 -7.01 9.95
CA SER A 39 -1.36 -6.64 10.40
C SER A 39 -2.37 -6.87 9.29
N MET A 40 -3.51 -7.44 9.67
CA MET A 40 -4.62 -7.69 8.75
C MET A 40 -5.09 -6.40 8.11
N ILE A 41 -5.02 -5.32 8.88
CA ILE A 41 -5.52 -4.04 8.42
C ILE A 41 -4.53 -3.41 7.44
N ALA A 42 -3.25 -3.73 7.61
CA ALA A 42 -2.24 -3.33 6.63
C ALA A 42 -2.52 -4.03 5.31
N THR A 43 -2.83 -5.32 5.41
CA THR A 43 -3.24 -6.11 4.26
C THR A 43 -4.52 -5.55 3.64
N ASP A 44 -5.41 -5.05 4.49
CA ASP A 44 -6.66 -4.42 4.05
C ASP A 44 -6.37 -3.35 2.99
N LEU A 45 -5.44 -2.47 3.32
CA LEU A 45 -5.04 -1.39 2.43
C LEU A 45 -4.28 -1.94 1.23
N ARG A 46 -3.48 -2.97 1.47
CA ARG A 46 -2.69 -3.58 0.40
C ARG A 46 -3.58 -4.14 -0.70
N GLN A 47 -4.75 -4.64 -0.32
CA GLN A 47 -5.70 -5.15 -1.30
C GLN A 47 -6.17 -4.03 -2.22
N LYS A 48 -6.37 -2.84 -1.65
CA LYS A 48 -6.73 -1.67 -2.45
C LYS A 48 -5.61 -1.35 -3.44
N VAL A 49 -4.38 -1.40 -2.94
CA VAL A 49 -3.18 -1.21 -3.76
C VAL A 49 -3.22 -2.14 -4.98
N TYR A 50 -3.70 -3.37 -4.79
CA TYR A 50 -3.78 -4.31 -5.90
C TYR A 50 -4.96 -4.00 -6.82
N GLU A 51 -6.14 -3.76 -6.24
CA GLU A 51 -7.33 -3.41 -7.02
C GLU A 51 -7.06 -2.23 -7.94
N LEU A 52 -6.34 -1.25 -7.40
CA LEU A 52 -6.01 -0.05 -8.14
C LEU A 52 -5.07 -0.36 -9.32
N MET A 53 -4.24 -1.40 -9.17
CA MET A 53 -3.40 -1.85 -10.27
C MET A 53 -4.26 -2.29 -11.46
N GLN A 54 -5.34 -3.02 -11.14
CA GLN A 54 -6.23 -3.55 -12.16
C GLN A 54 -6.97 -2.41 -12.82
N GLU A 55 -7.40 -1.48 -11.98
CA GLU A 55 -8.10 -0.28 -12.45
C GLU A 55 -7.20 0.53 -13.37
N GLY A 56 -5.90 0.50 -13.10
CA GLY A 56 -4.95 1.18 -13.95
C GLY A 56 -4.50 2.49 -13.36
N LYS A 57 -4.46 2.54 -12.03
CA LYS A 57 -4.05 3.74 -11.33
C LYS A 57 -2.55 3.94 -11.44
N SER A 58 -2.13 5.16 -11.25
CA SER A 58 -0.72 5.50 -11.25
C SER A 58 -0.16 5.35 -9.84
N LYS A 59 1.15 5.34 -9.70
CA LYS A 59 1.76 5.07 -8.39
C LYS A 59 1.28 6.04 -7.32
N LYS A 60 1.41 7.33 -7.58
CA LYS A 60 0.92 8.35 -6.66
C LYS A 60 -0.60 8.31 -6.60
N GLU A 61 -1.20 7.95 -7.72
CA GLU A 61 -2.65 7.80 -7.80
C GLU A 61 -3.15 6.71 -6.85
N ILE A 62 -2.40 5.62 -6.73
CA ILE A 62 -2.78 4.53 -5.83
C ILE A 62 -2.83 5.04 -4.39
N VAL A 63 -1.76 5.67 -3.94
CA VAL A 63 -1.67 6.17 -2.57
C VAL A 63 -2.65 7.33 -2.37
N ASP A 64 -2.86 8.12 -3.41
CA ASP A 64 -3.82 9.20 -3.37
C ASP A 64 -5.23 8.65 -3.22
N TYR A 65 -5.48 7.52 -3.88
CA TYR A 65 -6.76 6.83 -3.77
C TYR A 65 -6.92 6.31 -2.35
N MET A 66 -5.82 5.82 -1.80
CA MET A 66 -5.79 5.34 -0.43
C MET A 66 -6.24 6.42 0.53
N VAL A 67 -5.63 7.60 0.44
CA VAL A 67 -5.97 8.69 1.36
C VAL A 67 -7.35 9.25 1.05
N ALA A 68 -7.76 9.17 -0.21
CA ALA A 68 -9.05 9.68 -0.62
C ALA A 68 -10.18 8.90 0.05
N ARG A 69 -10.06 7.59 0.06
CA ARG A 69 -11.10 6.71 0.64
C ARG A 69 -10.75 6.32 2.08
N TYR A 70 -9.55 5.77 2.25
CA TYR A 70 -9.11 5.23 3.53
C TYR A 70 -8.34 6.28 4.31
N GLY A 71 -8.71 7.54 4.15
CA GLY A 71 -7.94 8.61 4.77
C GLY A 71 -8.12 8.69 6.27
N ASN A 72 -8.92 7.79 6.82
CA ASN A 72 -9.05 7.67 8.26
C ASN A 72 -8.08 6.63 8.80
N PHE A 73 -7.43 5.93 7.88
CA PHE A 73 -6.50 4.88 8.24
C PHE A 73 -5.12 5.13 7.62
N VAL A 74 -5.09 5.77 6.47
CA VAL A 74 -3.86 5.97 5.72
C VAL A 74 -3.50 7.46 5.65
N THR A 75 -2.30 7.76 5.17
CA THR A 75 -1.89 9.15 4.97
C THR A 75 -0.82 9.25 3.88
N TYR A 76 -0.94 10.26 3.03
CA TYR A 76 0.03 10.50 1.96
C TYR A 76 1.14 11.39 2.49
N ASP A 77 2.27 10.78 2.76
CA ASP A 77 3.41 11.47 3.37
C ASP A 77 4.70 10.69 3.11
N PRO A 78 5.86 11.36 3.22
CA PRO A 78 7.15 10.69 3.24
C PRO A 78 7.25 9.77 4.45
N PRO A 79 7.75 8.53 4.27
CA PRO A 79 7.76 7.53 5.31
C PRO A 79 8.91 7.73 6.30
N LEU A 80 9.12 6.73 7.15
CA LEU A 80 10.13 6.80 8.19
C LEU A 80 11.50 6.45 7.64
N THR A 81 11.61 6.50 6.32
CA THR A 81 12.85 6.20 5.61
C THR A 81 14.02 7.02 6.17
N PRO A 82 15.02 6.33 6.74
CA PRO A 82 16.20 6.97 7.33
C PRO A 82 17.08 7.65 6.29
N THR A 2 -4.10 -20.61 1.78
CA THR A 2 -4.41 -19.65 2.86
C THR A 2 -3.63 -18.35 2.67
N ILE A 3 -3.65 -17.83 1.44
CA ILE A 3 -2.92 -16.62 1.11
C ILE A 3 -3.88 -15.61 0.48
N ASP A 4 -3.54 -14.34 0.58
CA ASP A 4 -4.35 -13.26 0.02
C ASP A 4 -4.54 -13.41 -1.49
N VAL A 5 -5.58 -12.76 -1.99
CA VAL A 5 -5.94 -12.81 -3.41
C VAL A 5 -4.97 -11.95 -4.24
N LEU A 6 -3.93 -11.47 -3.58
CA LEU A 6 -2.96 -10.59 -4.22
C LEU A 6 -1.93 -11.43 -4.96
N GLN A 7 -2.29 -11.89 -6.14
CA GLN A 7 -1.43 -12.77 -6.92
C GLN A 7 -0.50 -11.96 -7.83
N PHE A 8 0.79 -12.18 -7.66
CA PHE A 8 1.80 -11.52 -8.49
C PHE A 8 2.37 -12.52 -9.47
N LYS A 9 2.49 -12.06 -10.71
CA LYS A 9 3.06 -12.86 -11.78
C LYS A 9 4.48 -13.28 -11.45
N ASP A 10 5.19 -12.37 -10.82
CA ASP A 10 6.56 -12.63 -10.38
C ASP A 10 6.89 -11.60 -9.32
N GLU A 11 8.12 -11.55 -8.84
CA GLU A 11 8.49 -10.54 -7.86
C GLU A 11 8.37 -9.15 -8.51
N ALA A 12 8.52 -9.11 -9.83
CA ALA A 12 8.37 -7.88 -10.60
C ALA A 12 6.98 -7.27 -10.42
N GLN A 13 5.96 -8.12 -10.42
CA GLN A 13 4.59 -7.63 -10.24
C GLN A 13 4.43 -7.15 -8.81
N GLU A 14 5.17 -7.79 -7.93
CA GLU A 14 5.14 -7.44 -6.51
C GLU A 14 6.01 -6.19 -6.25
N GLN A 15 6.84 -5.82 -7.21
CA GLN A 15 7.68 -4.63 -7.06
C GLN A 15 6.84 -3.37 -7.05
N GLN A 16 5.83 -3.31 -7.90
CA GLN A 16 4.86 -2.22 -7.86
C GLN A 16 4.19 -2.20 -6.49
N PHE A 17 3.82 -3.40 -6.05
CA PHE A 17 3.22 -3.58 -4.74
C PHE A 17 4.15 -3.08 -3.65
N ARG A 18 5.44 -3.37 -3.80
CA ARG A 18 6.47 -2.92 -2.88
C ARG A 18 6.44 -1.40 -2.73
N GLN A 19 6.46 -0.70 -3.85
CA GLN A 19 6.50 0.76 -3.82
C GLN A 19 5.19 1.33 -3.31
N LEU A 20 4.10 0.77 -3.79
CA LEU A 20 2.78 1.27 -3.47
C LEU A 20 2.46 1.08 -1.98
N THR A 21 3.14 0.13 -1.33
CA THR A 21 2.95 -0.08 0.09
C THR A 21 3.99 0.69 0.91
N GLU A 22 5.17 0.92 0.35
CA GLU A 22 6.25 1.55 1.10
C GLU A 22 6.20 3.07 1.01
N GLU A 23 5.62 3.61 -0.05
CA GLU A 23 5.50 5.06 -0.19
C GLU A 23 4.25 5.57 0.50
N LEU A 24 3.54 4.69 1.17
CA LEU A 24 2.34 5.06 1.93
C LEU A 24 2.72 5.39 3.37
N ARG A 25 2.20 6.51 3.86
CA ARG A 25 2.55 6.97 5.19
C ARG A 25 1.60 6.37 6.23
N CYS A 26 2.15 5.53 7.08
CA CYS A 26 1.38 4.90 8.16
C CYS A 26 1.47 5.74 9.43
N PRO A 27 0.35 5.92 10.13
CA PRO A 27 0.30 6.66 11.40
C PRO A 27 0.95 5.89 12.56
N LYS A 28 1.47 4.71 12.25
CA LYS A 28 2.17 3.89 13.23
C LYS A 28 3.65 4.26 13.28
N CYS A 29 4.21 4.57 12.10
CA CYS A 29 5.64 4.88 11.94
C CYS A 29 6.49 3.62 12.13
N GLN A 30 6.24 2.91 13.20
CA GLN A 30 6.94 1.69 13.48
C GLN A 30 6.37 0.56 12.66
N ASN A 31 7.16 -0.51 12.49
CA ASN A 31 6.82 -1.60 11.56
C ASN A 31 6.92 -1.11 10.13
N ASN A 32 7.43 0.12 9.98
CA ASN A 32 7.64 0.76 8.67
C ASN A 32 6.34 0.87 7.90
N SER A 33 6.46 1.09 6.60
CA SER A 33 5.31 1.17 5.73
C SER A 33 4.62 -0.19 5.65
N ILE A 34 3.42 -0.23 5.09
CA ILE A 34 2.53 -1.39 5.20
C ILE A 34 2.97 -2.57 4.32
N ALA A 35 4.27 -2.73 4.11
CA ALA A 35 4.77 -3.80 3.27
C ALA A 35 4.91 -5.10 4.06
N ASP A 36 5.53 -5.02 5.24
CA ASP A 36 5.71 -6.18 6.09
C ASP A 36 5.40 -5.83 7.54
N SER A 37 4.37 -5.01 7.73
CA SER A 37 4.00 -4.54 9.06
C SER A 37 3.26 -5.61 9.86
N ASN A 38 2.78 -6.65 9.15
CA ASN A 38 2.02 -7.76 9.77
C ASN A 38 0.67 -7.28 10.29
N SER A 39 0.34 -6.03 10.01
CA SER A 39 -0.91 -5.44 10.44
C SER A 39 -2.07 -5.97 9.60
N MET A 40 -3.15 -6.33 10.30
CA MET A 40 -4.37 -6.79 9.66
C MET A 40 -4.95 -5.67 8.81
N ILE A 41 -4.74 -4.45 9.27
CA ILE A 41 -5.27 -3.28 8.60
C ILE A 41 -4.40 -2.92 7.41
N ALA A 42 -3.11 -3.23 7.51
CA ALA A 42 -2.18 -3.03 6.40
C ALA A 42 -2.60 -3.89 5.22
N THR A 43 -3.05 -5.11 5.51
CA THR A 43 -3.58 -6.01 4.51
C THR A 43 -4.78 -5.40 3.79
N ASP A 44 -5.66 -4.77 4.56
CA ASP A 44 -6.84 -4.10 4.03
C ASP A 44 -6.44 -3.14 2.93
N LEU A 45 -5.46 -2.31 3.24
CA LEU A 45 -5.00 -1.28 2.32
C LEU A 45 -4.28 -1.91 1.13
N ARG A 46 -3.56 -2.98 1.37
CA ARG A 46 -2.80 -3.65 0.34
C ARG A 46 -3.70 -4.32 -0.68
N GLN A 47 -4.86 -4.79 -0.24
CA GLN A 47 -5.84 -5.34 -1.16
C GLN A 47 -6.39 -4.24 -2.05
N LYS A 48 -6.46 -3.02 -1.52
CA LYS A 48 -6.82 -1.86 -2.34
C LYS A 48 -5.73 -1.62 -3.38
N VAL A 49 -4.49 -1.54 -2.91
CA VAL A 49 -3.33 -1.36 -3.78
C VAL A 49 -3.33 -2.40 -4.92
N TYR A 50 -3.70 -3.62 -4.59
CA TYR A 50 -3.80 -4.68 -5.59
C TYR A 50 -4.85 -4.32 -6.65
N GLU A 51 -6.06 -3.99 -6.21
CA GLU A 51 -7.13 -3.59 -7.12
C GLU A 51 -6.70 -2.40 -7.97
N LEU A 52 -6.11 -1.42 -7.31
CA LEU A 52 -5.69 -0.18 -7.94
C LEU A 52 -4.75 -0.42 -9.12
N MET A 53 -3.96 -1.48 -9.03
CA MET A 53 -3.05 -1.84 -10.13
C MET A 53 -3.85 -2.13 -11.39
N GLN A 54 -4.87 -2.97 -11.27
CA GLN A 54 -5.68 -3.37 -12.42
C GLN A 54 -6.74 -2.31 -12.72
N GLU A 55 -7.01 -1.44 -11.74
CA GLU A 55 -7.88 -0.29 -11.98
C GLU A 55 -7.20 0.66 -12.95
N GLY A 56 -5.88 0.62 -12.97
CA GLY A 56 -5.12 1.44 -13.89
C GLY A 56 -4.67 2.72 -13.25
N LYS A 57 -4.55 2.70 -11.93
CA LYS A 57 -4.13 3.87 -11.19
C LYS A 57 -2.63 4.08 -11.39
N SER A 58 -2.18 5.29 -11.09
CA SER A 58 -0.78 5.64 -11.16
C SER A 58 -0.17 5.53 -9.77
N LYS A 59 1.16 5.58 -9.66
CA LYS A 59 1.82 5.35 -8.37
C LYS A 59 1.26 6.25 -7.28
N LYS A 60 1.30 7.56 -7.51
CA LYS A 60 0.75 8.52 -6.56
C LYS A 60 -0.76 8.38 -6.50
N GLU A 61 -1.34 8.10 -7.65
CA GLU A 61 -2.78 7.91 -7.77
C GLU A 61 -3.26 6.78 -6.86
N ILE A 62 -2.47 5.71 -6.76
CA ILE A 62 -2.82 4.58 -5.89
C ILE A 62 -2.87 5.04 -4.43
N VAL A 63 -1.80 5.67 -3.96
CA VAL A 63 -1.73 6.12 -2.58
C VAL A 63 -2.72 7.24 -2.33
N ASP A 64 -2.95 8.05 -3.35
CA ASP A 64 -3.90 9.14 -3.27
C ASP A 64 -5.32 8.60 -3.23
N TYR A 65 -5.53 7.50 -3.94
CA TYR A 65 -6.80 6.78 -3.91
C TYR A 65 -6.98 6.19 -2.53
N MET A 66 -5.88 5.75 -1.95
CA MET A 66 -5.87 5.25 -0.58
C MET A 66 -6.26 6.36 0.39
N VAL A 67 -5.62 7.52 0.28
CA VAL A 67 -5.87 8.62 1.20
C VAL A 67 -7.24 9.24 0.97
N ALA A 68 -7.71 9.20 -0.27
CA ALA A 68 -9.02 9.74 -0.60
C ALA A 68 -10.13 8.94 0.07
N ARG A 69 -10.03 7.61 0.02
CA ARG A 69 -11.05 6.72 0.58
C ARG A 69 -10.73 6.34 2.03
N TYR A 70 -9.52 5.86 2.24
CA TYR A 70 -9.10 5.30 3.52
C TYR A 70 -8.25 6.28 4.31
N GLY A 71 -8.52 7.57 4.16
CA GLY A 71 -7.67 8.58 4.76
C GLY A 71 -7.68 8.59 6.29
N ASN A 72 -8.66 7.94 6.88
CA ASN A 72 -8.71 7.81 8.34
C ASN A 72 -7.78 6.72 8.83
N PHE A 73 -7.25 5.93 7.90
CA PHE A 73 -6.35 4.84 8.23
C PHE A 73 -5.01 5.01 7.54
N VAL A 74 -5.02 5.66 6.39
CA VAL A 74 -3.82 5.87 5.60
C VAL A 74 -3.51 7.35 5.52
N THR A 75 -2.32 7.71 5.07
CA THR A 75 -1.95 9.11 4.93
C THR A 75 -0.92 9.31 3.82
N TYR A 76 -1.04 10.42 3.11
CA TYR A 76 -0.03 10.80 2.14
C TYR A 76 0.83 11.90 2.74
N ASP A 77 2.02 11.51 3.15
CA ASP A 77 2.90 12.34 3.96
C ASP A 77 4.31 11.81 3.78
N PRO A 78 5.35 12.59 4.14
CA PRO A 78 6.72 12.08 4.15
C PRO A 78 6.80 10.80 4.99
N PRO A 79 7.14 9.67 4.36
CA PRO A 79 7.03 8.36 4.95
C PRO A 79 8.28 7.95 5.74
N LEU A 80 8.33 6.67 6.09
CA LEU A 80 9.44 6.12 6.85
C LEU A 80 10.60 5.77 5.93
N THR A 81 10.55 6.32 4.74
CA THR A 81 11.59 6.14 3.74
C THR A 81 12.95 6.53 4.32
N PRO A 82 14.00 5.75 4.02
CA PRO A 82 15.37 6.04 4.49
C PRO A 82 15.92 7.31 3.85
N THR A 2 -2.46 -19.73 -5.10
CA THR A 2 -1.07 -19.29 -4.88
C THR A 2 -0.94 -18.61 -3.52
N ILE A 3 -1.75 -17.59 -3.32
CA ILE A 3 -1.78 -16.84 -2.07
C ILE A 3 -3.18 -16.28 -1.82
N ASP A 4 -3.54 -15.24 -2.54
CA ASP A 4 -4.82 -14.59 -2.36
C ASP A 4 -5.39 -14.29 -3.75
N VAL A 5 -6.22 -13.27 -3.86
CA VAL A 5 -6.64 -12.78 -5.18
C VAL A 5 -5.50 -11.98 -5.78
N LEU A 6 -4.55 -11.64 -4.92
CA LEU A 6 -3.40 -10.83 -5.28
C LEU A 6 -2.40 -11.67 -6.07
N GLN A 7 -2.50 -11.62 -7.39
CA GLN A 7 -1.62 -12.39 -8.26
C GLN A 7 -0.51 -11.52 -8.83
N PHE A 8 0.73 -11.84 -8.49
CA PHE A 8 1.87 -11.12 -9.05
C PHE A 8 2.55 -11.98 -10.08
N LYS A 9 2.65 -11.43 -11.29
CA LYS A 9 3.25 -12.10 -12.42
C LYS A 9 4.66 -12.57 -12.11
N ASP A 10 5.37 -11.75 -11.35
CA ASP A 10 6.72 -12.05 -10.94
C ASP A 10 7.05 -11.16 -9.75
N GLU A 11 8.28 -11.17 -9.28
CA GLU A 11 8.67 -10.30 -8.19
C GLU A 11 8.52 -8.84 -8.61
N ALA A 12 8.71 -8.59 -9.91
CA ALA A 12 8.55 -7.26 -10.48
C ALA A 12 7.17 -6.69 -10.24
N GLN A 13 6.15 -7.55 -10.36
CA GLN A 13 4.78 -7.10 -10.14
C GLN A 13 4.59 -6.79 -8.66
N GLU A 14 5.35 -7.51 -7.84
CA GLU A 14 5.31 -7.33 -6.41
C GLU A 14 6.18 -6.13 -6.00
N GLN A 15 7.05 -5.68 -6.89
CA GLN A 15 7.89 -4.51 -6.63
C GLN A 15 7.06 -3.23 -6.76
N GLN A 16 6.12 -3.21 -7.70
CA GLN A 16 5.14 -2.13 -7.74
C GLN A 16 4.40 -2.11 -6.41
N PHE A 17 4.02 -3.29 -5.97
CA PHE A 17 3.36 -3.49 -4.70
C PHE A 17 4.25 -2.98 -3.57
N ARG A 18 5.56 -3.19 -3.74
CA ARG A 18 6.55 -2.70 -2.77
C ARG A 18 6.46 -1.20 -2.57
N GLN A 19 6.47 -0.46 -3.68
CA GLN A 19 6.44 0.99 -3.61
C GLN A 19 5.08 1.49 -3.16
N LEU A 20 4.04 0.87 -3.70
CA LEU A 20 2.68 1.27 -3.40
C LEU A 20 2.34 1.05 -1.93
N THR A 21 3.07 0.15 -1.27
CA THR A 21 2.85 -0.10 0.15
C THR A 21 3.80 0.73 1.03
N GLU A 22 4.88 1.25 0.46
CA GLU A 22 5.85 2.01 1.26
C GLU A 22 5.57 3.50 1.22
N GLU A 23 4.97 3.97 0.14
CA GLU A 23 4.58 5.38 0.04
C GLU A 23 3.30 5.63 0.82
N LEU A 24 2.70 4.55 1.28
CA LEU A 24 1.50 4.64 2.10
C LEU A 24 1.81 4.31 3.55
N ARG A 25 1.36 5.18 4.44
CA ARG A 25 1.58 4.99 5.86
C ARG A 25 0.38 4.35 6.54
N CYS A 26 0.66 3.41 7.42
CA CYS A 26 -0.28 2.99 8.43
C CYS A 26 0.05 3.79 9.69
N PRO A 27 -0.96 4.25 10.45
CA PRO A 27 -0.75 5.06 11.66
C PRO A 27 -0.07 4.27 12.79
N LYS A 28 1.17 3.89 12.56
CA LYS A 28 1.97 3.15 13.53
C LYS A 28 3.44 3.24 13.16
N CYS A 29 4.22 3.87 14.03
CA CYS A 29 5.65 4.08 13.79
C CYS A 29 6.43 2.78 13.87
N GLN A 30 5.91 1.85 14.66
CA GLN A 30 6.57 0.58 14.88
C GLN A 30 6.13 -0.45 13.85
N ASN A 31 5.91 0.00 12.62
CA ASN A 31 5.51 -0.87 11.54
C ASN A 31 5.99 -0.28 10.22
N ASN A 32 6.52 -1.14 9.34
CA ASN A 32 7.09 -0.68 8.08
C ASN A 32 6.01 -0.31 7.08
N SER A 33 5.44 0.88 7.26
CA SER A 33 4.35 1.36 6.42
C SER A 33 3.20 0.36 6.41
N ILE A 34 3.02 -0.36 5.29
CA ILE A 34 2.11 -1.50 5.25
C ILE A 34 2.72 -2.62 4.41
N ALA A 35 3.93 -2.37 3.89
CA ALA A 35 4.57 -3.26 2.93
C ALA A 35 4.71 -4.68 3.48
N ASP A 36 5.48 -4.81 4.55
CA ASP A 36 5.59 -6.09 5.23
C ASP A 36 5.01 -5.95 6.62
N SER A 37 3.72 -6.21 6.74
CA SER A 37 3.01 -6.06 7.99
C SER A 37 2.04 -7.21 8.15
N ASN A 38 1.69 -7.53 9.39
CA ASN A 38 0.77 -8.62 9.65
C ASN A 38 -0.53 -8.09 10.20
N SER A 39 -0.66 -6.77 10.23
CA SER A 39 -1.89 -6.13 10.64
C SER A 39 -2.99 -6.42 9.63
N MET A 40 -4.16 -6.76 10.16
CA MET A 40 -5.35 -7.03 9.35
C MET A 40 -5.62 -5.87 8.40
N ILE A 41 -5.43 -4.67 8.93
CA ILE A 41 -5.77 -3.46 8.19
C ILE A 41 -4.65 -3.13 7.19
N ALA A 42 -3.41 -3.49 7.52
CA ALA A 42 -2.30 -3.30 6.60
C ALA A 42 -2.55 -4.10 5.33
N THR A 43 -2.96 -5.36 5.52
CA THR A 43 -3.33 -6.21 4.41
C THR A 43 -4.55 -5.65 3.68
N ASP A 44 -5.49 -5.10 4.45
CA ASP A 44 -6.69 -4.46 3.91
C ASP A 44 -6.32 -3.44 2.83
N LEU A 45 -5.37 -2.57 3.18
CA LEU A 45 -4.93 -1.51 2.29
C LEU A 45 -4.17 -2.09 1.11
N ARG A 46 -3.36 -3.11 1.38
CA ARG A 46 -2.55 -3.75 0.35
C ARG A 46 -3.42 -4.40 -0.72
N GLN A 47 -4.57 -4.92 -0.32
CA GLN A 47 -5.52 -5.48 -1.26
C GLN A 47 -6.07 -4.40 -2.17
N LYS A 48 -6.31 -3.21 -1.61
CA LYS A 48 -6.74 -2.07 -2.40
C LYS A 48 -5.67 -1.74 -3.43
N VAL A 49 -4.42 -1.67 -2.96
CA VAL A 49 -3.26 -1.42 -3.82
C VAL A 49 -3.24 -2.37 -5.03
N TYR A 50 -3.57 -3.64 -4.80
CA TYR A 50 -3.60 -4.61 -5.89
C TYR A 50 -4.76 -4.32 -6.84
N GLU A 51 -5.95 -4.11 -6.28
CA GLU A 51 -7.12 -3.74 -7.08
C GLU A 51 -6.82 -2.52 -7.94
N LEU A 52 -6.27 -1.50 -7.31
CA LEU A 52 -5.97 -0.23 -7.95
C LEU A 52 -5.04 -0.42 -9.15
N MET A 53 -4.18 -1.43 -9.10
CA MET A 53 -3.32 -1.75 -10.24
C MET A 53 -4.14 -2.05 -11.48
N GLN A 54 -5.12 -2.94 -11.33
CA GLN A 54 -5.97 -3.33 -12.46
C GLN A 54 -7.07 -2.30 -12.70
N GLU A 55 -7.20 -1.34 -11.78
CA GLU A 55 -8.11 -0.22 -11.97
C GLU A 55 -7.45 0.82 -12.87
N GLY A 56 -6.13 0.78 -12.93
CA GLY A 56 -5.40 1.66 -13.81
C GLY A 56 -4.85 2.87 -13.10
N LYS A 57 -4.79 2.77 -11.78
CA LYS A 57 -4.24 3.85 -10.97
C LYS A 57 -2.73 3.88 -11.14
N SER A 58 -2.18 5.06 -11.04
CA SER A 58 -0.75 5.27 -11.14
C SER A 58 -0.13 5.14 -9.77
N LYS A 59 1.18 5.14 -9.69
CA LYS A 59 1.86 4.93 -8.41
C LYS A 59 1.38 5.92 -7.34
N LYS A 60 1.48 7.20 -7.65
CA LYS A 60 1.00 8.23 -6.72
C LYS A 60 -0.51 8.19 -6.63
N GLU A 61 -1.13 7.84 -7.75
CA GLU A 61 -2.59 7.79 -7.84
C GLU A 61 -3.18 6.68 -6.95
N ILE A 62 -2.47 5.55 -6.80
CA ILE A 62 -2.91 4.50 -5.89
C ILE A 62 -2.92 4.99 -4.45
N VAL A 63 -1.79 5.55 -4.01
CA VAL A 63 -1.67 5.99 -2.63
C VAL A 63 -2.57 7.19 -2.35
N ASP A 64 -2.67 8.09 -3.33
CA ASP A 64 -3.57 9.23 -3.21
C ASP A 64 -5.01 8.76 -3.13
N TYR A 65 -5.32 7.72 -3.89
CA TYR A 65 -6.64 7.11 -3.87
C TYR A 65 -6.95 6.59 -2.48
N MET A 66 -5.96 5.94 -1.87
CA MET A 66 -6.13 5.36 -0.56
C MET A 66 -6.38 6.44 0.49
N VAL A 67 -5.61 7.53 0.46
CA VAL A 67 -5.82 8.60 1.43
C VAL A 67 -7.11 9.35 1.14
N ALA A 68 -7.49 9.38 -0.12
CA ALA A 68 -8.70 10.07 -0.53
C ALA A 68 -9.95 9.37 0.00
N ARG A 69 -9.96 8.04 -0.05
CA ARG A 69 -11.10 7.25 0.41
C ARG A 69 -10.91 6.76 1.84
N TYR A 70 -9.80 6.07 2.08
CA TYR A 70 -9.53 5.44 3.36
C TYR A 70 -8.69 6.37 4.25
N GLY A 71 -8.78 7.67 3.99
CA GLY A 71 -8.03 8.64 4.76
C GLY A 71 -8.49 8.74 6.19
N ASN A 72 -7.89 7.90 7.01
CA ASN A 72 -8.19 7.77 8.43
C ASN A 72 -7.38 6.61 8.96
N PHE A 73 -7.32 5.59 8.14
CA PHE A 73 -6.52 4.41 8.43
C PHE A 73 -5.25 4.44 7.57
N VAL A 74 -5.25 5.31 6.58
CA VAL A 74 -4.10 5.44 5.69
C VAL A 74 -3.64 6.90 5.64
N THR A 75 -2.39 7.12 5.26
CA THR A 75 -1.86 8.46 5.11
C THR A 75 -0.67 8.47 4.15
N TYR A 76 -0.59 9.49 3.29
CA TYR A 76 0.52 9.61 2.36
C TYR A 76 1.65 10.41 2.99
N ASP A 77 2.73 9.72 3.32
CA ASP A 77 3.85 10.31 4.03
C ASP A 77 5.11 9.49 3.78
N PRO A 78 6.31 10.08 4.02
CA PRO A 78 7.57 9.34 4.00
C PRO A 78 7.52 8.14 4.95
N PRO A 79 8.38 7.13 4.75
CA PRO A 79 8.29 5.90 5.51
C PRO A 79 8.90 6.07 6.90
N LEU A 80 8.93 4.97 7.65
CA LEU A 80 9.47 4.98 9.00
C LEU A 80 10.98 4.80 8.95
N THR A 81 11.52 5.07 7.78
CA THR A 81 12.94 5.01 7.51
C THR A 81 13.73 5.83 8.55
N PRO A 82 14.86 5.29 9.02
CA PRO A 82 15.71 5.96 10.01
C PRO A 82 16.20 7.31 9.53
N THR A 2 -1.65 -18.34 -2.06
CA THR A 2 -0.48 -18.30 -1.17
C THR A 2 -0.75 -17.41 0.04
N ILE A 3 -0.96 -16.13 -0.21
CA ILE A 3 -1.29 -15.19 0.86
C ILE A 3 -2.80 -14.94 0.85
N ASP A 4 -3.34 -14.72 -0.34
CA ASP A 4 -4.75 -14.47 -0.53
C ASP A 4 -5.06 -14.59 -2.01
N VAL A 5 -6.08 -13.90 -2.49
CA VAL A 5 -6.34 -13.83 -3.93
C VAL A 5 -5.31 -12.89 -4.56
N LEU A 6 -4.67 -12.11 -3.70
CA LEU A 6 -3.69 -11.12 -4.10
C LEU A 6 -2.36 -11.80 -4.42
N GLN A 7 -2.27 -12.41 -5.58
CA GLN A 7 -1.07 -13.12 -5.98
C GLN A 7 -0.31 -12.36 -7.05
N PHE A 8 1.00 -12.23 -6.84
CA PHE A 8 1.87 -11.50 -7.73
C PHE A 8 2.41 -12.42 -8.81
N LYS A 9 2.26 -11.95 -10.05
CA LYS A 9 2.74 -12.65 -11.24
C LYS A 9 4.18 -13.11 -11.06
N ASP A 10 4.96 -12.31 -10.37
CA ASP A 10 6.33 -12.62 -10.03
C ASP A 10 6.78 -11.59 -9.02
N GLU A 11 8.07 -11.55 -8.68
CA GLU A 11 8.55 -10.54 -7.75
C GLU A 11 8.34 -9.16 -8.34
N ALA A 12 8.33 -9.10 -9.67
CA ALA A 12 8.12 -7.86 -10.41
C ALA A 12 6.79 -7.20 -10.04
N GLN A 13 5.74 -8.01 -9.95
CA GLN A 13 4.43 -7.49 -9.59
C GLN A 13 4.47 -7.04 -8.15
N GLU A 14 5.26 -7.75 -7.36
CA GLU A 14 5.45 -7.43 -5.95
C GLU A 14 6.32 -6.17 -5.80
N GLN A 15 7.01 -5.78 -6.88
CA GLN A 15 7.82 -4.56 -6.88
C GLN A 15 6.93 -3.32 -7.02
N GLN A 16 5.86 -3.43 -7.81
CA GLN A 16 4.87 -2.36 -7.85
C GLN A 16 4.22 -2.25 -6.50
N PHE A 17 3.88 -3.42 -5.96
CA PHE A 17 3.36 -3.52 -4.61
C PHE A 17 4.35 -2.91 -3.63
N ARG A 18 5.62 -3.21 -3.87
CA ARG A 18 6.74 -2.73 -3.07
C ARG A 18 6.65 -1.22 -2.86
N GLN A 19 6.53 -0.49 -3.96
CA GLN A 19 6.46 0.96 -3.89
C GLN A 19 5.13 1.42 -3.33
N LEU A 20 4.05 0.81 -3.83
CA LEU A 20 2.72 1.24 -3.50
C LEU A 20 2.40 1.06 -2.02
N THR A 21 3.13 0.17 -1.36
CA THR A 21 2.94 -0.02 0.07
C THR A 21 4.01 0.70 0.90
N GLU A 22 5.21 0.91 0.32
CA GLU A 22 6.30 1.47 1.10
C GLU A 22 6.45 2.98 0.91
N GLU A 23 5.79 3.52 -0.11
CA GLU A 23 5.75 4.97 -0.30
C GLU A 23 4.52 5.54 0.39
N LEU A 24 3.83 4.68 1.13
CA LEU A 24 2.64 5.07 1.87
C LEU A 24 2.97 5.25 3.35
N ARG A 25 2.29 6.17 4.00
CA ARG A 25 2.52 6.44 5.41
C ARG A 25 1.34 5.95 6.23
N CYS A 26 1.63 5.48 7.44
CA CYS A 26 0.60 5.12 8.39
C CYS A 26 0.94 5.72 9.76
N PRO A 27 -0.08 6.17 10.51
CA PRO A 27 0.11 6.78 11.84
C PRO A 27 0.50 5.76 12.90
N LYS A 28 1.70 5.21 12.77
CA LYS A 28 2.19 4.20 13.69
C LYS A 28 3.61 4.53 14.16
N CYS A 29 4.16 5.63 13.62
CA CYS A 29 5.57 6.02 13.85
C CYS A 29 6.51 5.05 13.13
N GLN A 30 6.37 3.77 13.44
CA GLN A 30 7.17 2.74 12.80
C GLN A 30 6.29 1.92 11.86
N ASN A 31 6.92 1.08 11.04
CA ASN A 31 6.18 0.22 10.11
C ASN A 31 5.28 1.05 9.19
N ASN A 32 5.77 2.22 8.80
CA ASN A 32 5.02 3.11 7.91
C ASN A 32 4.68 2.40 6.63
N SER A 33 5.68 1.73 6.07
CA SER A 33 5.49 0.93 4.89
C SER A 33 4.64 -0.30 5.21
N ILE A 34 3.40 -0.31 4.72
CA ILE A 34 2.47 -1.41 4.99
C ILE A 34 2.82 -2.66 4.20
N ALA A 35 3.97 -2.62 3.51
CA ALA A 35 4.43 -3.74 2.69
C ALA A 35 4.58 -5.01 3.50
N ASP A 36 5.08 -4.87 4.72
CA ASP A 36 5.22 -6.00 5.61
C ASP A 36 4.96 -5.58 7.05
N SER A 37 3.81 -4.96 7.27
CA SER A 37 3.39 -4.62 8.61
C SER A 37 2.65 -5.81 9.23
N ASN A 38 2.18 -6.70 8.36
CA ASN A 38 1.49 -7.94 8.75
C ASN A 38 0.19 -7.66 9.51
N SER A 39 -0.19 -6.39 9.58
CA SER A 39 -1.44 -6.01 10.21
C SER A 39 -2.62 -6.41 9.33
N MET A 40 -3.67 -6.90 9.97
CA MET A 40 -4.89 -7.30 9.29
C MET A 40 -5.42 -6.15 8.45
N ILE A 41 -5.38 -4.96 9.02
CA ILE A 41 -5.90 -3.78 8.36
C ILE A 41 -4.89 -3.27 7.33
N ALA A 42 -3.60 -3.48 7.61
CA ALA A 42 -2.56 -3.15 6.63
C ALA A 42 -2.78 -3.95 5.36
N THR A 43 -3.22 -5.19 5.54
CA THR A 43 -3.59 -6.05 4.43
C THR A 43 -4.80 -5.51 3.67
N ASP A 44 -5.80 -5.04 4.41
CA ASP A 44 -6.99 -4.43 3.81
C ASP A 44 -6.61 -3.33 2.83
N LEU A 45 -5.72 -2.46 3.27
CA LEU A 45 -5.22 -1.37 2.45
C LEU A 45 -4.47 -1.91 1.24
N ARG A 46 -3.70 -2.98 1.46
CA ARG A 46 -2.91 -3.59 0.40
C ARG A 46 -3.80 -4.24 -0.65
N GLN A 47 -4.99 -4.66 -0.25
CA GLN A 47 -5.97 -5.18 -1.19
C GLN A 47 -6.36 -4.09 -2.16
N LYS A 48 -6.56 -2.88 -1.64
CA LYS A 48 -6.88 -1.73 -2.48
C LYS A 48 -5.73 -1.47 -3.44
N VAL A 49 -4.52 -1.47 -2.91
CA VAL A 49 -3.30 -1.35 -3.71
C VAL A 49 -3.30 -2.35 -4.85
N TYR A 50 -3.70 -3.59 -4.55
CA TYR A 50 -3.75 -4.64 -5.56
C TYR A 50 -4.80 -4.35 -6.62
N GLU A 51 -6.00 -3.96 -6.18
CA GLU A 51 -7.09 -3.64 -7.08
C GLU A 51 -6.77 -2.42 -7.95
N LEU A 52 -6.15 -1.41 -7.34
CA LEU A 52 -5.83 -0.17 -8.03
C LEU A 52 -4.83 -0.41 -9.15
N MET A 53 -3.95 -1.40 -8.96
CA MET A 53 -2.98 -1.76 -10.01
C MET A 53 -3.71 -2.15 -11.28
N GLN A 54 -4.70 -3.01 -11.13
CA GLN A 54 -5.44 -3.54 -12.27
C GLN A 54 -6.52 -2.57 -12.73
N GLU A 55 -6.90 -1.62 -11.87
CA GLU A 55 -7.81 -0.56 -12.29
C GLU A 55 -7.10 0.37 -13.27
N GLY A 56 -5.80 0.52 -13.08
CA GLY A 56 -5.03 1.35 -13.97
C GLY A 56 -4.64 2.65 -13.32
N LYS A 57 -4.56 2.64 -11.99
CA LYS A 57 -4.20 3.84 -11.24
C LYS A 57 -2.71 4.10 -11.40
N SER A 58 -2.32 5.34 -11.19
CA SER A 58 -0.93 5.73 -11.24
C SER A 58 -0.31 5.51 -9.87
N LYS A 59 1.01 5.49 -9.77
CA LYS A 59 1.69 5.24 -8.49
C LYS A 59 1.15 6.14 -7.38
N LYS A 60 1.22 7.44 -7.59
CA LYS A 60 0.71 8.40 -6.62
C LYS A 60 -0.81 8.32 -6.55
N GLU A 61 -1.42 8.00 -7.67
CA GLU A 61 -2.87 7.84 -7.74
C GLU A 61 -3.34 6.70 -6.82
N ILE A 62 -2.57 5.62 -6.73
CA ILE A 62 -2.91 4.54 -5.81
C ILE A 62 -2.93 5.05 -4.37
N VAL A 63 -1.83 5.69 -3.96
CA VAL A 63 -1.72 6.18 -2.59
C VAL A 63 -2.68 7.34 -2.33
N ASP A 64 -2.90 8.15 -3.36
CA ASP A 64 -3.87 9.24 -3.28
C ASP A 64 -5.28 8.69 -3.17
N TYR A 65 -5.51 7.56 -3.82
CA TYR A 65 -6.78 6.84 -3.71
C TYR A 65 -6.94 6.40 -2.28
N MET A 66 -5.85 5.87 -1.73
CA MET A 66 -5.81 5.42 -0.35
C MET A 66 -6.14 6.55 0.59
N VAL A 67 -5.43 7.66 0.46
CA VAL A 67 -5.67 8.80 1.34
C VAL A 67 -7.05 9.40 1.15
N ALA A 68 -7.58 9.28 -0.06
CA ALA A 68 -8.91 9.79 -0.36
C ALA A 68 -10.00 8.93 0.28
N ARG A 69 -9.94 7.62 0.07
CA ARG A 69 -11.00 6.72 0.54
C ARG A 69 -10.69 6.16 1.93
N TYR A 70 -9.42 5.85 2.17
CA TYR A 70 -8.98 5.26 3.43
C TYR A 70 -8.19 6.26 4.26
N GLY A 71 -8.50 7.54 4.08
CA GLY A 71 -7.74 8.59 4.73
C GLY A 71 -7.85 8.60 6.24
N ASN A 72 -8.86 7.91 6.77
CA ASN A 72 -9.00 7.78 8.21
C ASN A 72 -7.98 6.80 8.77
N PHE A 73 -7.33 6.07 7.87
CA PHE A 73 -6.35 5.07 8.25
C PHE A 73 -4.97 5.40 7.68
N VAL A 74 -4.95 5.82 6.43
CA VAL A 74 -3.69 6.00 5.71
C VAL A 74 -3.28 7.48 5.65
N THR A 75 -2.06 7.74 5.18
CA THR A 75 -1.59 9.10 5.00
C THR A 75 -0.57 9.18 3.87
N TYR A 76 -0.65 10.22 3.06
CA TYR A 76 0.31 10.42 1.98
C TYR A 76 1.40 11.37 2.44
N ASP A 77 2.54 10.79 2.80
CA ASP A 77 3.68 11.54 3.29
C ASP A 77 4.93 10.71 3.18
N PRO A 78 6.11 11.34 3.18
CA PRO A 78 7.38 10.63 3.36
C PRO A 78 7.44 10.02 4.75
N PRO A 79 7.94 8.79 4.89
CA PRO A 79 7.97 8.09 6.16
C PRO A 79 9.10 8.61 7.04
N LEU A 80 9.21 8.06 8.24
CA LEU A 80 10.26 8.45 9.18
C LEU A 80 11.63 7.97 8.69
N THR A 81 11.63 7.42 7.49
CA THR A 81 12.84 6.91 6.85
C THR A 81 13.90 8.02 6.74
N PRO A 82 15.19 7.66 6.90
CA PRO A 82 16.30 8.59 6.72
C PRO A 82 16.36 9.13 5.29
N THR A 2 0.70 -18.40 -5.61
CA THR A 2 1.81 -18.45 -4.64
C THR A 2 1.35 -18.05 -3.24
N ILE A 3 0.31 -17.23 -3.13
CA ILE A 3 -0.13 -16.75 -1.84
C ILE A 3 -1.64 -16.48 -1.81
N ASP A 4 -2.14 -15.67 -2.72
CA ASP A 4 -3.55 -15.30 -2.73
C ASP A 4 -4.03 -15.17 -4.17
N VAL A 5 -5.15 -14.50 -4.38
CA VAL A 5 -5.60 -14.16 -5.73
C VAL A 5 -4.75 -13.00 -6.23
N LEU A 6 -4.03 -12.39 -5.29
CA LEU A 6 -3.13 -11.29 -5.58
C LEU A 6 -1.86 -11.83 -6.21
N GLN A 7 -1.96 -12.20 -7.47
CA GLN A 7 -0.87 -12.83 -8.17
C GLN A 7 -0.08 -11.84 -9.01
N PHE A 8 1.16 -11.64 -8.62
CA PHE A 8 2.06 -10.77 -9.35
C PHE A 8 2.60 -11.50 -10.56
N LYS A 9 2.41 -10.87 -11.72
CA LYS A 9 2.86 -11.38 -13.00
C LYS A 9 4.34 -11.78 -12.95
N ASP A 10 5.08 -11.07 -12.14
CA ASP A 10 6.51 -11.29 -11.99
C ASP A 10 6.97 -10.53 -10.76
N GLU A 11 8.24 -10.64 -10.41
CA GLU A 11 8.81 -9.85 -9.35
C GLU A 11 8.53 -8.36 -9.61
N ALA A 12 8.54 -7.99 -10.88
CA ALA A 12 8.29 -6.61 -11.28
C ALA A 12 6.93 -6.12 -10.82
N GLN A 13 5.90 -6.97 -10.96
CA GLN A 13 4.56 -6.58 -10.52
C GLN A 13 4.56 -6.45 -9.01
N GLU A 14 5.38 -7.29 -8.38
CA GLU A 14 5.51 -7.30 -6.93
C GLU A 14 6.26 -6.05 -6.46
N GLN A 15 7.22 -5.60 -7.25
CA GLN A 15 7.99 -4.40 -6.94
C GLN A 15 7.05 -3.20 -6.82
N GLN A 16 6.05 -3.14 -7.70
CA GLN A 16 5.06 -2.08 -7.63
C GLN A 16 4.33 -2.16 -6.30
N PHE A 17 3.93 -3.37 -5.94
CA PHE A 17 3.25 -3.62 -4.68
C PHE A 17 4.12 -3.18 -3.50
N ARG A 18 5.43 -3.35 -3.66
CA ARG A 18 6.39 -2.89 -2.66
C ARG A 18 6.33 -1.37 -2.52
N GLN A 19 6.46 -0.68 -3.66
CA GLN A 19 6.59 0.78 -3.67
C GLN A 19 5.28 1.46 -3.31
N LEU A 20 4.18 0.92 -3.82
CA LEU A 20 2.87 1.48 -3.60
C LEU A 20 2.51 1.46 -2.11
N THR A 21 3.14 0.56 -1.36
CA THR A 21 2.87 0.48 0.06
C THR A 21 3.97 1.16 0.89
N GLU A 22 5.02 1.66 0.21
CA GLU A 22 6.10 2.36 0.91
C GLU A 22 5.70 3.79 1.23
N GLU A 23 5.06 4.46 0.27
CA GLU A 23 4.67 5.86 0.45
C GLU A 23 3.36 5.97 1.22
N LEU A 24 2.77 4.84 1.54
CA LEU A 24 1.50 4.82 2.26
C LEU A 24 1.72 4.44 3.72
N ARG A 25 1.42 5.38 4.60
CA ARG A 25 1.68 5.21 6.02
C ARG A 25 0.53 4.52 6.75
N CYS A 26 0.90 3.75 7.76
CA CYS A 26 0.00 3.39 8.83
C CYS A 26 0.36 4.26 10.03
N PRO A 27 -0.38 5.36 10.23
CA PRO A 27 0.01 6.44 11.17
C PRO A 27 -0.07 6.07 12.64
N LYS A 28 0.64 5.02 13.03
CA LYS A 28 0.75 4.65 14.43
C LYS A 28 2.17 4.86 14.93
N CYS A 29 2.99 5.50 14.08
CA CYS A 29 4.40 5.79 14.40
C CYS A 29 5.26 4.53 14.41
N GLN A 30 4.61 3.38 14.35
CA GLN A 30 5.30 2.11 14.38
C GLN A 30 5.18 1.43 13.04
N ASN A 31 6.18 0.62 12.69
CA ASN A 31 6.25 -0.06 11.39
C ASN A 31 6.64 0.93 10.30
N ASN A 32 7.25 0.43 9.24
CA ASN A 32 7.61 1.27 8.11
C ASN A 32 6.54 1.19 7.04
N SER A 33 5.50 2.01 7.23
CA SER A 33 4.38 2.07 6.30
C SER A 33 3.60 0.75 6.29
N ILE A 34 2.67 0.60 5.35
CA ILE A 34 1.90 -0.64 5.26
C ILE A 34 2.65 -1.68 4.43
N ALA A 35 3.85 -1.34 4.00
CA ALA A 35 4.68 -2.26 3.23
C ALA A 35 5.23 -3.37 4.12
N ASP A 36 5.63 -2.99 5.32
CA ASP A 36 6.06 -3.95 6.33
C ASP A 36 5.43 -3.58 7.66
N SER A 37 4.24 -4.10 7.90
CA SER A 37 3.48 -3.74 9.08
C SER A 37 2.80 -4.97 9.67
N ASN A 38 2.57 -4.93 10.98
CA ASN A 38 1.96 -6.05 11.69
C ASN A 38 0.48 -5.78 11.92
N SER A 39 -0.04 -4.72 11.30
CA SER A 39 -1.44 -4.37 11.43
C SER A 39 -2.28 -5.19 10.47
N MET A 40 -3.31 -5.82 11.02
CA MET A 40 -4.25 -6.62 10.25
C MET A 40 -4.95 -5.75 9.21
N ILE A 41 -5.13 -4.49 9.58
CA ILE A 41 -5.85 -3.55 8.75
C ILE A 41 -4.99 -3.09 7.59
N ALA A 42 -3.67 -3.09 7.79
CA ALA A 42 -2.72 -2.74 6.73
C ALA A 42 -2.91 -3.68 5.54
N THR A 43 -3.13 -4.95 5.84
CA THR A 43 -3.36 -5.97 4.83
C THR A 43 -4.59 -5.63 3.98
N ASP A 44 -5.64 -5.15 4.64
CA ASP A 44 -6.86 -4.71 3.97
C ASP A 44 -6.54 -3.66 2.91
N LEU A 45 -5.68 -2.74 3.29
CA LEU A 45 -5.27 -1.64 2.42
C LEU A 45 -4.41 -2.15 1.26
N ARG A 46 -3.57 -3.14 1.56
CA ARG A 46 -2.69 -3.74 0.57
C ARG A 46 -3.50 -4.33 -0.59
N GLN A 47 -4.71 -4.79 -0.28
CA GLN A 47 -5.61 -5.30 -1.30
C GLN A 47 -6.07 -4.20 -2.24
N LYS A 48 -6.31 -3.02 -1.69
CA LYS A 48 -6.68 -1.86 -2.50
C LYS A 48 -5.57 -1.52 -3.48
N VAL A 49 -4.35 -1.58 -2.99
CA VAL A 49 -3.17 -1.37 -3.81
C VAL A 49 -3.16 -2.30 -5.01
N TYR A 50 -3.57 -3.55 -4.79
CA TYR A 50 -3.61 -4.54 -5.87
C TYR A 50 -4.74 -4.24 -6.85
N GLU A 51 -5.92 -3.94 -6.31
CA GLU A 51 -7.09 -3.61 -7.16
C GLU A 51 -6.78 -2.42 -8.07
N LEU A 52 -6.26 -1.36 -7.47
CA LEU A 52 -5.94 -0.12 -8.18
C LEU A 52 -4.98 -0.36 -9.34
N MET A 53 -4.13 -1.38 -9.22
CA MET A 53 -3.19 -1.72 -10.29
C MET A 53 -3.94 -2.03 -11.57
N GLN A 54 -4.98 -2.87 -11.47
CA GLN A 54 -5.75 -3.26 -12.64
C GLN A 54 -6.88 -2.26 -12.90
N GLU A 55 -7.20 -1.44 -11.91
CA GLU A 55 -8.16 -0.35 -12.12
C GLU A 55 -7.58 0.66 -13.09
N GLY A 56 -6.26 0.80 -13.07
CA GLY A 56 -5.59 1.65 -14.01
C GLY A 56 -5.02 2.89 -13.35
N LYS A 57 -4.66 2.75 -12.09
CA LYS A 57 -4.16 3.86 -11.31
C LYS A 57 -2.66 4.00 -11.50
N SER A 58 -2.13 5.18 -11.18
CA SER A 58 -0.71 5.43 -11.22
C SER A 58 -0.13 5.26 -9.83
N LYS A 59 1.19 5.25 -9.71
CA LYS A 59 1.83 4.94 -8.44
C LYS A 59 1.32 5.83 -7.31
N LYS A 60 1.45 7.13 -7.47
CA LYS A 60 0.96 8.07 -6.46
C LYS A 60 -0.55 8.05 -6.42
N GLU A 61 -1.15 7.79 -7.56
CA GLU A 61 -2.59 7.68 -7.68
C GLU A 61 -3.15 6.56 -6.79
N ILE A 62 -2.45 5.43 -6.73
CA ILE A 62 -2.86 4.33 -5.86
C ILE A 62 -2.90 4.78 -4.40
N VAL A 63 -1.81 5.34 -3.92
CA VAL A 63 -1.74 5.78 -2.54
C VAL A 63 -2.68 6.95 -2.29
N ASP A 64 -2.81 7.84 -3.28
CA ASP A 64 -3.73 8.96 -3.19
C ASP A 64 -5.17 8.44 -3.12
N TYR A 65 -5.44 7.42 -3.91
CA TYR A 65 -6.74 6.77 -3.90
C TYR A 65 -7.03 6.29 -2.49
N MET A 66 -6.04 5.67 -1.88
CA MET A 66 -6.17 5.15 -0.53
C MET A 66 -6.38 6.29 0.47
N VAL A 67 -5.57 7.34 0.38
CA VAL A 67 -5.63 8.42 1.36
C VAL A 67 -6.89 9.26 1.19
N ALA A 68 -7.38 9.34 -0.04
CA ALA A 68 -8.58 10.10 -0.35
C ALA A 68 -9.82 9.44 0.23
N ARG A 69 -9.89 8.12 0.13
CA ARG A 69 -11.06 7.38 0.62
C ARG A 69 -10.82 6.81 2.01
N TYR A 70 -9.72 6.08 2.15
CA TYR A 70 -9.41 5.37 3.38
C TYR A 70 -8.51 6.22 4.27
N GLY A 71 -8.66 7.54 4.18
CA GLY A 71 -7.74 8.45 4.84
C GLY A 71 -7.88 8.47 6.35
N ASN A 72 -8.71 7.61 6.92
CA ASN A 72 -8.84 7.54 8.35
C ASN A 72 -7.81 6.59 8.93
N PHE A 73 -7.42 5.63 8.12
CA PHE A 73 -6.46 4.60 8.53
C PHE A 73 -5.16 4.77 7.77
N VAL A 74 -5.23 5.39 6.60
CA VAL A 74 -4.07 5.52 5.74
C VAL A 74 -3.67 7.00 5.63
N THR A 75 -2.41 7.25 5.30
CA THR A 75 -1.94 8.61 5.09
C THR A 75 -0.72 8.62 4.16
N TYR A 76 -0.66 9.58 3.24
CA TYR A 76 0.43 9.68 2.30
C TYR A 76 1.56 10.54 2.87
N ASP A 77 2.63 9.87 3.26
CA ASP A 77 3.77 10.53 3.90
C ASP A 77 5.02 9.67 3.74
N PRO A 78 6.21 10.25 3.92
CA PRO A 78 7.47 9.49 3.97
C PRO A 78 7.48 8.51 5.16
N PRO A 79 8.57 7.77 5.43
CA PRO A 79 8.62 6.88 6.57
C PRO A 79 8.70 7.66 7.88
N LEU A 80 8.84 6.95 8.99
CA LEU A 80 8.97 7.61 10.30
C LEU A 80 10.39 8.11 10.48
N THR A 81 11.12 8.12 9.38
CA THR A 81 12.46 8.63 9.35
C THR A 81 12.51 10.06 9.87
N PRO A 82 13.49 10.39 10.71
CA PRO A 82 13.67 11.75 11.22
C PRO A 82 14.13 12.72 10.14
N THR A 2 1.13 -17.09 1.28
CA THR A 2 -0.13 -16.69 0.61
C THR A 2 -1.10 -16.07 1.61
N ILE A 3 -2.05 -15.29 1.10
CA ILE A 3 -3.06 -14.66 1.94
C ILE A 3 -4.34 -14.44 1.13
N ASP A 4 -4.19 -14.00 -0.10
CA ASP A 4 -5.33 -13.65 -0.94
C ASP A 4 -5.05 -14.06 -2.40
N VAL A 5 -5.91 -13.64 -3.31
CA VAL A 5 -5.75 -13.93 -4.72
C VAL A 5 -4.59 -13.14 -5.33
N LEU A 6 -4.04 -12.21 -4.56
CA LEU A 6 -3.03 -11.27 -5.03
C LEU A 6 -1.89 -11.96 -5.77
N GLN A 7 -1.87 -11.79 -7.09
CA GLN A 7 -0.85 -12.39 -7.93
C GLN A 7 0.08 -11.33 -8.50
N PHE A 8 1.33 -11.72 -8.72
CA PHE A 8 2.33 -10.86 -9.32
C PHE A 8 3.03 -11.61 -10.43
N LYS A 9 2.97 -11.02 -11.62
CA LYS A 9 3.57 -11.56 -12.83
C LYS A 9 5.01 -11.97 -12.60
N ASP A 10 5.71 -11.18 -11.80
CA ASP A 10 7.09 -11.44 -11.50
C ASP A 10 7.46 -10.60 -10.28
N GLU A 11 8.70 -10.63 -9.84
CA GLU A 11 9.11 -9.84 -8.69
C GLU A 11 8.86 -8.36 -8.97
N ALA A 12 8.98 -7.97 -10.24
CA ALA A 12 8.74 -6.59 -10.68
C ALA A 12 7.33 -6.14 -10.34
N GLN A 13 6.34 -7.01 -10.58
CA GLN A 13 4.96 -6.67 -10.30
C GLN A 13 4.79 -6.49 -8.80
N GLU A 14 5.59 -7.25 -8.07
CA GLU A 14 5.57 -7.20 -6.61
C GLU A 14 6.36 -5.98 -6.11
N GLN A 15 7.25 -5.45 -6.95
CA GLN A 15 7.97 -4.22 -6.63
C GLN A 15 7.03 -3.03 -6.73
N GLN A 16 6.12 -3.09 -7.70
CA GLN A 16 5.04 -2.11 -7.77
C GLN A 16 4.28 -2.13 -6.46
N PHE A 17 3.97 -3.32 -6.00
CA PHE A 17 3.32 -3.52 -4.73
C PHE A 17 4.17 -2.92 -3.62
N ARG A 18 5.49 -3.12 -3.72
CA ARG A 18 6.44 -2.58 -2.75
C ARG A 18 6.31 -1.05 -2.64
N GLN A 19 6.38 -0.39 -3.78
CA GLN A 19 6.35 1.08 -3.80
C GLN A 19 5.01 1.58 -3.34
N LEU A 20 3.96 0.90 -3.79
CA LEU A 20 2.60 1.29 -3.49
C LEU A 20 2.27 1.09 -2.01
N THR A 21 3.02 0.20 -1.35
CA THR A 21 2.81 -0.03 0.07
C THR A 21 3.84 0.74 0.92
N GLU A 22 4.90 1.23 0.31
CA GLU A 22 5.94 1.93 1.06
C GLU A 22 5.74 3.44 1.06
N GLU A 23 5.22 3.98 -0.03
CA GLU A 23 5.04 5.42 -0.14
C GLU A 23 3.68 5.81 0.44
N LEU A 24 3.42 5.32 1.65
CA LEU A 24 2.17 5.58 2.34
C LEU A 24 2.42 5.75 3.83
N ARG A 25 1.84 6.79 4.41
CA ARG A 25 2.04 7.07 5.82
C ARG A 25 1.02 6.32 6.66
N CYS A 26 1.49 5.32 7.37
CA CYS A 26 0.68 4.63 8.35
C CYS A 26 1.05 5.11 9.75
N PRO A 27 0.06 5.58 10.54
CA PRO A 27 0.29 6.17 11.87
C PRO A 27 0.68 5.15 12.94
N LYS A 28 1.46 4.16 12.54
CA LYS A 28 1.98 3.18 13.47
C LYS A 28 3.27 3.69 14.09
N CYS A 29 4.01 4.48 13.30
CA CYS A 29 5.31 5.04 13.71
C CYS A 29 6.38 3.96 13.73
N GLN A 30 6.06 2.81 14.30
CA GLN A 30 6.98 1.70 14.38
C GLN A 30 6.89 0.84 13.12
N ASN A 31 5.95 1.20 12.27
CA ASN A 31 5.80 0.64 10.94
C ASN A 31 5.67 1.78 9.95
N ASN A 32 6.70 1.99 9.15
CA ASN A 32 6.78 3.15 8.25
C ASN A 32 6.06 2.90 6.94
N SER A 33 5.71 1.65 6.69
CA SER A 33 5.04 1.27 5.46
C SER A 33 4.15 0.06 5.69
N ILE A 34 3.02 0.00 5.00
CA ILE A 34 2.10 -1.14 5.13
C ILE A 34 2.69 -2.38 4.48
N ALA A 35 3.83 -2.21 3.82
CA ALA A 35 4.60 -3.33 3.30
C ALA A 35 5.26 -4.09 4.44
N ASP A 36 5.51 -3.38 5.53
CA ASP A 36 6.14 -3.95 6.71
C ASP A 36 5.09 -4.20 7.78
N SER A 37 3.93 -3.57 7.61
CA SER A 37 2.85 -3.68 8.59
C SER A 37 2.04 -4.95 8.36
N ASN A 38 2.11 -5.86 9.31
CA ASN A 38 1.38 -7.12 9.24
C ASN A 38 -0.02 -6.94 9.84
N SER A 39 -0.41 -5.70 10.01
CA SER A 39 -1.70 -5.36 10.56
C SER A 39 -2.83 -5.89 9.68
N MET A 40 -3.89 -6.36 10.31
CA MET A 40 -5.05 -6.90 9.61
C MET A 40 -5.54 -5.90 8.58
N ILE A 41 -5.72 -4.67 9.04
CA ILE A 41 -6.26 -3.60 8.23
C ILE A 41 -5.20 -3.09 7.24
N ALA A 42 -3.93 -3.20 7.63
CA ALA A 42 -2.82 -2.84 6.74
C ALA A 42 -2.84 -3.74 5.50
N THR A 43 -3.16 -5.01 5.71
CA THR A 43 -3.33 -5.95 4.62
C THR A 43 -4.54 -5.57 3.77
N ASP A 44 -5.61 -5.17 4.44
CA ASP A 44 -6.83 -4.67 3.77
C ASP A 44 -6.46 -3.57 2.78
N LEU A 45 -5.66 -2.62 3.25
CA LEU A 45 -5.18 -1.50 2.44
C LEU A 45 -4.37 -2.01 1.26
N ARG A 46 -3.61 -3.06 1.48
CA ARG A 46 -2.76 -3.64 0.44
C ARG A 46 -3.60 -4.29 -0.65
N GLN A 47 -4.78 -4.76 -0.30
CA GLN A 47 -5.70 -5.33 -1.26
C GLN A 47 -6.23 -4.23 -2.18
N LYS A 48 -6.43 -3.03 -1.62
CA LYS A 48 -6.81 -1.87 -2.42
C LYS A 48 -5.71 -1.56 -3.43
N VAL A 49 -4.47 -1.59 -2.95
CA VAL A 49 -3.29 -1.42 -3.80
C VAL A 49 -3.35 -2.39 -4.98
N TYR A 50 -3.76 -3.62 -4.72
CA TYR A 50 -3.88 -4.63 -5.77
C TYR A 50 -5.02 -4.27 -6.75
N GLU A 51 -6.19 -3.93 -6.21
CA GLU A 51 -7.33 -3.55 -7.02
C GLU A 51 -6.98 -2.36 -7.93
N LEU A 52 -6.36 -1.36 -7.34
CA LEU A 52 -5.99 -0.15 -8.06
C LEU A 52 -5.01 -0.45 -9.20
N MET A 53 -4.21 -1.49 -9.05
CA MET A 53 -3.28 -1.91 -10.11
C MET A 53 -4.05 -2.27 -11.37
N GLN A 54 -5.06 -3.14 -11.24
CA GLN A 54 -5.82 -3.59 -12.39
C GLN A 54 -6.78 -2.51 -12.87
N GLU A 55 -7.06 -1.54 -12.01
CA GLU A 55 -7.88 -0.41 -12.40
C GLU A 55 -7.10 0.53 -13.32
N GLY A 56 -5.79 0.54 -13.14
CA GLY A 56 -4.94 1.33 -14.00
C GLY A 56 -4.51 2.62 -13.35
N LYS A 57 -4.50 2.61 -12.02
CA LYS A 57 -4.08 3.77 -11.26
C LYS A 57 -2.57 3.95 -11.36
N SER A 58 -2.11 5.15 -11.15
CA SER A 58 -0.69 5.47 -11.17
C SER A 58 -0.12 5.32 -9.77
N LYS A 59 1.19 5.36 -9.62
CA LYS A 59 1.81 5.17 -8.30
C LYS A 59 1.27 6.17 -7.30
N LYS A 60 1.36 7.46 -7.63
CA LYS A 60 0.82 8.51 -6.78
C LYS A 60 -0.69 8.37 -6.67
N GLU A 61 -1.31 7.98 -7.77
CA GLU A 61 -2.75 7.79 -7.83
C GLU A 61 -3.23 6.70 -6.87
N ILE A 62 -2.48 5.59 -6.78
CA ILE A 62 -2.82 4.52 -5.85
C ILE A 62 -2.81 5.05 -4.41
N VAL A 63 -1.71 5.67 -4.02
CA VAL A 63 -1.58 6.17 -2.65
C VAL A 63 -2.53 7.33 -2.40
N ASP A 64 -2.74 8.16 -3.41
CA ASP A 64 -3.68 9.26 -3.33
C ASP A 64 -5.09 8.72 -3.14
N TYR A 65 -5.38 7.63 -3.85
CA TYR A 65 -6.67 6.96 -3.73
C TYR A 65 -6.84 6.42 -2.32
N MET A 66 -5.74 5.89 -1.79
CA MET A 66 -5.71 5.35 -0.44
C MET A 66 -6.09 6.42 0.57
N VAL A 67 -5.35 7.52 0.56
CA VAL A 67 -5.60 8.59 1.52
C VAL A 67 -6.96 9.24 1.30
N ALA A 68 -7.41 9.22 0.05
CA ALA A 68 -8.68 9.82 -0.29
C ALA A 68 -9.84 9.01 0.30
N ARG A 69 -9.83 7.70 0.06
CA ARG A 69 -10.93 6.84 0.51
C ARG A 69 -10.69 6.32 1.93
N TYR A 70 -9.48 5.87 2.19
CA TYR A 70 -9.12 5.26 3.47
C TYR A 70 -8.43 6.27 4.38
N GLY A 71 -8.77 7.54 4.22
CA GLY A 71 -8.09 8.59 4.97
C GLY A 71 -8.51 8.66 6.43
N ASN A 72 -9.17 7.61 6.90
CA ASN A 72 -9.52 7.50 8.31
C ASN A 72 -8.41 6.78 9.04
N PHE A 73 -7.48 6.23 8.27
CA PHE A 73 -6.35 5.49 8.81
C PHE A 73 -5.07 5.87 8.06
N VAL A 74 -5.15 5.92 6.74
CA VAL A 74 -3.97 6.14 5.91
C VAL A 74 -3.80 7.64 5.60
N THR A 75 -2.57 8.03 5.28
CA THR A 75 -2.26 9.41 4.97
C THR A 75 -1.04 9.50 4.06
N TYR A 76 -0.96 10.54 3.24
CA TYR A 76 0.21 10.74 2.40
C TYR A 76 1.01 11.92 2.93
N ASP A 77 2.11 11.61 3.59
CA ASP A 77 2.90 12.61 4.33
C ASP A 77 4.32 12.11 4.52
N PRO A 78 5.26 13.01 4.83
CA PRO A 78 6.62 12.62 5.22
C PRO A 78 6.63 11.53 6.30
N PRO A 79 7.53 10.55 6.18
CA PRO A 79 7.57 9.40 7.08
C PRO A 79 8.34 9.69 8.37
N LEU A 80 8.80 8.64 9.02
CA LEU A 80 9.47 8.76 10.32
C LEU A 80 10.93 9.18 10.14
N THR A 81 11.30 9.49 8.91
CA THR A 81 12.63 9.93 8.58
C THR A 81 13.01 11.17 9.41
N PRO A 82 14.20 11.16 10.02
CA PRO A 82 14.71 12.31 10.80
C PRO A 82 15.02 13.51 9.92
N THR A 2 2.10 -18.40 -2.50
CA THR A 2 1.45 -18.85 -1.26
C THR A 2 1.32 -17.68 -0.28
N ILE A 3 0.43 -16.74 -0.58
CA ILE A 3 0.18 -15.61 0.30
C ILE A 3 -1.32 -15.34 0.41
N ASP A 4 -1.90 -14.71 -0.59
CA ASP A 4 -3.29 -14.34 -0.54
C ASP A 4 -3.91 -14.48 -1.94
N VAL A 5 -5.04 -13.84 -2.17
CA VAL A 5 -5.65 -13.83 -3.50
C VAL A 5 -4.80 -12.96 -4.43
N LEU A 6 -3.99 -12.11 -3.81
CA LEU A 6 -3.16 -11.17 -4.52
C LEU A 6 -2.11 -11.91 -5.35
N GLN A 7 -2.27 -11.84 -6.67
CA GLN A 7 -1.35 -12.50 -7.58
C GLN A 7 -0.39 -11.48 -8.19
N PHE A 8 0.76 -11.94 -8.62
CA PHE A 8 1.76 -11.07 -9.21
C PHE A 8 2.33 -11.70 -10.47
N LYS A 9 2.25 -10.93 -11.56
CA LYS A 9 2.75 -11.31 -12.86
C LYS A 9 4.18 -11.83 -12.77
N ASP A 10 4.94 -11.18 -11.92
CA ASP A 10 6.33 -11.54 -11.66
C ASP A 10 6.72 -10.88 -10.35
N GLU A 11 7.97 -10.95 -9.95
CA GLU A 11 8.37 -10.31 -8.72
C GLU A 11 8.22 -8.80 -8.86
N ALA A 12 8.35 -8.32 -10.11
CA ALA A 12 8.20 -6.90 -10.42
C ALA A 12 6.82 -6.39 -10.05
N GLN A 13 5.80 -7.20 -10.25
CA GLN A 13 4.45 -6.78 -9.89
C GLN A 13 4.36 -6.66 -8.39
N GLU A 14 5.13 -7.50 -7.72
CA GLU A 14 5.19 -7.50 -6.28
C GLU A 14 6.10 -6.35 -5.79
N GLN A 15 7.04 -5.94 -6.64
CA GLN A 15 7.91 -4.81 -6.33
C GLN A 15 7.12 -3.51 -6.40
N GLN A 16 6.20 -3.43 -7.35
CA GLN A 16 5.26 -2.31 -7.38
C GLN A 16 4.43 -2.32 -6.12
N PHE A 17 4.01 -3.52 -5.74
CA PHE A 17 3.26 -3.72 -4.51
C PHE A 17 4.08 -3.25 -3.33
N ARG A 18 5.40 -3.42 -3.41
CA ARG A 18 6.33 -2.93 -2.40
C ARG A 18 6.28 -1.42 -2.30
N GLN A 19 6.42 -0.74 -3.44
CA GLN A 19 6.46 0.72 -3.46
C GLN A 19 5.11 1.31 -3.07
N LEU A 20 4.06 0.73 -3.63
CA LEU A 20 2.71 1.22 -3.41
C LEU A 20 2.31 1.08 -1.94
N THR A 21 2.96 0.17 -1.22
CA THR A 21 2.68 0.00 0.21
C THR A 21 3.67 0.76 1.08
N GLU A 22 4.87 1.04 0.56
CA GLU A 22 5.91 1.66 1.37
C GLU A 22 5.99 3.17 1.17
N GLU A 23 5.50 3.67 0.04
CA GLU A 23 5.49 5.10 -0.21
C GLU A 23 4.26 5.73 0.45
N LEU A 24 3.53 4.89 1.18
CA LEU A 24 2.36 5.32 1.93
C LEU A 24 2.74 5.60 3.38
N ARG A 25 2.29 6.73 3.90
CA ARG A 25 2.61 7.11 5.27
C ARG A 25 1.55 6.61 6.23
N CYS A 26 1.98 5.93 7.27
CA CYS A 26 1.10 5.56 8.37
C CYS A 26 1.61 6.20 9.65
N PRO A 27 0.74 6.98 10.34
CA PRO A 27 1.15 7.78 11.50
C PRO A 27 1.37 6.96 12.78
N LYS A 28 1.84 5.73 12.62
CA LYS A 28 2.18 4.88 13.75
C LYS A 28 3.58 5.20 14.25
N CYS A 29 4.45 5.66 13.34
CA CYS A 29 5.83 6.03 13.65
C CYS A 29 6.71 4.83 13.93
N GLN A 30 6.16 3.82 14.58
CA GLN A 30 6.87 2.59 14.86
C GLN A 30 6.64 1.56 13.77
N ASN A 31 5.46 1.62 13.17
CA ASN A 31 5.13 0.75 12.05
C ASN A 31 5.08 1.60 10.79
N ASN A 32 6.21 1.71 10.12
CA ASN A 32 6.32 2.57 8.96
C ASN A 32 6.08 1.79 7.68
N SER A 33 5.16 2.29 6.86
CA SER A 33 4.75 1.64 5.62
C SER A 33 3.96 0.36 5.93
N ILE A 34 2.76 0.25 5.34
CA ILE A 34 1.87 -0.88 5.60
C ILE A 34 2.50 -2.19 5.16
N ALA A 35 3.55 -2.10 4.35
CA ALA A 35 4.29 -3.28 3.90
C ALA A 35 5.11 -3.88 5.04
N ASP A 36 5.43 -3.05 6.03
CA ASP A 36 6.18 -3.51 7.19
C ASP A 36 5.26 -3.61 8.39
N SER A 37 4.16 -2.87 8.36
CA SER A 37 3.20 -2.88 9.45
C SER A 37 2.57 -4.27 9.60
N ASN A 38 2.23 -4.88 8.46
CA ASN A 38 1.75 -6.28 8.39
C ASN A 38 0.42 -6.47 9.14
N SER A 39 -0.17 -5.36 9.58
CA SER A 39 -1.45 -5.39 10.28
C SER A 39 -2.55 -5.99 9.41
N MET A 40 -3.57 -6.57 10.04
CA MET A 40 -4.72 -7.11 9.31
C MET A 40 -5.27 -6.04 8.39
N ILE A 41 -5.43 -4.85 8.95
CA ILE A 41 -6.03 -3.74 8.25
C ILE A 41 -5.03 -3.14 7.25
N ALA A 42 -3.73 -3.25 7.56
CA ALA A 42 -2.69 -2.83 6.63
C ALA A 42 -2.77 -3.70 5.38
N THR A 43 -2.99 -4.99 5.59
CA THR A 43 -3.21 -5.92 4.49
C THR A 43 -4.50 -5.58 3.76
N ASP A 44 -5.51 -5.19 4.52
CA ASP A 44 -6.78 -4.72 3.96
C ASP A 44 -6.54 -3.63 2.92
N LEU A 45 -5.72 -2.66 3.31
CA LEU A 45 -5.36 -1.55 2.44
C LEU A 45 -4.51 -2.02 1.26
N ARG A 46 -3.69 -3.03 1.51
CA ARG A 46 -2.83 -3.58 0.48
C ARG A 46 -3.65 -4.21 -0.65
N GLN A 47 -4.84 -4.69 -0.32
CA GLN A 47 -5.75 -5.21 -1.32
C GLN A 47 -6.18 -4.10 -2.28
N LYS A 48 -6.40 -2.90 -1.73
CA LYS A 48 -6.73 -1.74 -2.54
C LYS A 48 -5.60 -1.44 -3.52
N VAL A 49 -4.37 -1.50 -3.02
CA VAL A 49 -3.18 -1.36 -3.86
C VAL A 49 -3.25 -2.31 -5.05
N TYR A 50 -3.63 -3.54 -4.80
CA TYR A 50 -3.71 -4.55 -5.85
C TYR A 50 -4.85 -4.23 -6.81
N GLU A 51 -6.01 -3.85 -6.27
CA GLU A 51 -7.15 -3.45 -7.10
C GLU A 51 -6.78 -2.29 -8.01
N LEU A 52 -6.20 -1.25 -7.43
CA LEU A 52 -5.84 -0.04 -8.16
C LEU A 52 -4.86 -0.34 -9.29
N MET A 53 -4.05 -1.38 -9.13
CA MET A 53 -3.14 -1.82 -10.20
C MET A 53 -3.94 -2.19 -11.44
N GLN A 54 -4.91 -3.07 -11.28
CA GLN A 54 -5.71 -3.53 -12.40
C GLN A 54 -6.77 -2.51 -12.80
N GLU A 55 -7.06 -1.57 -11.89
CA GLU A 55 -7.94 -0.47 -12.21
C GLU A 55 -7.28 0.46 -13.22
N GLY A 56 -5.95 0.52 -13.15
CA GLY A 56 -5.21 1.32 -14.09
C GLY A 56 -4.79 2.64 -13.49
N LYS A 57 -4.50 2.62 -12.20
CA LYS A 57 -4.12 3.83 -11.49
C LYS A 57 -2.62 4.08 -11.64
N SER A 58 -2.22 5.31 -11.39
CA SER A 58 -0.81 5.67 -11.40
C SER A 58 -0.24 5.55 -9.99
N LYS A 59 1.07 5.61 -9.84
CA LYS A 59 1.71 5.37 -8.55
C LYS A 59 1.16 6.31 -7.47
N LYS A 60 1.21 7.60 -7.75
CA LYS A 60 0.65 8.59 -6.82
C LYS A 60 -0.85 8.45 -6.77
N GLU A 61 -1.44 8.09 -7.90
CA GLU A 61 -2.88 7.90 -7.99
C GLU A 61 -3.34 6.77 -7.07
N ILE A 62 -2.56 5.70 -6.96
CA ILE A 62 -2.88 4.60 -6.05
C ILE A 62 -2.90 5.12 -4.61
N VAL A 63 -1.83 5.78 -4.20
CA VAL A 63 -1.72 6.25 -2.83
C VAL A 63 -2.69 7.40 -2.57
N ASP A 64 -2.92 8.23 -3.58
CA ASP A 64 -3.89 9.31 -3.49
C ASP A 64 -5.29 8.74 -3.32
N TYR A 65 -5.52 7.60 -3.96
CA TYR A 65 -6.78 6.88 -3.83
C TYR A 65 -6.91 6.39 -2.39
N MET A 66 -5.81 5.87 -1.88
CA MET A 66 -5.74 5.37 -0.52
C MET A 66 -6.14 6.43 0.47
N VAL A 67 -5.46 7.58 0.43
CA VAL A 67 -5.73 8.65 1.38
C VAL A 67 -7.14 9.21 1.20
N ALA A 68 -7.62 9.16 -0.04
CA ALA A 68 -8.93 9.66 -0.37
C ALA A 68 -10.02 8.89 0.37
N ARG A 69 -9.91 7.56 0.35
CA ARG A 69 -10.93 6.70 0.96
C ARG A 69 -10.52 6.26 2.36
N TYR A 70 -9.27 5.86 2.50
CA TYR A 70 -8.76 5.25 3.73
C TYR A 70 -7.92 6.25 4.52
N GLY A 71 -8.23 7.53 4.39
CA GLY A 71 -7.43 8.57 5.01
C GLY A 71 -7.64 8.70 6.51
N ASN A 72 -8.20 7.67 7.13
CA ASN A 72 -8.34 7.62 8.58
C ASN A 72 -7.30 6.70 9.19
N PHE A 73 -6.38 6.26 8.34
CA PHE A 73 -5.25 5.45 8.78
C PHE A 73 -4.07 5.67 7.85
N VAL A 74 -4.37 5.89 6.57
CA VAL A 74 -3.33 6.11 5.58
C VAL A 74 -3.13 7.61 5.36
N THR A 75 -1.96 7.97 4.85
CA THR A 75 -1.66 9.35 4.50
C THR A 75 -0.53 9.39 3.47
N TYR A 76 -0.61 10.29 2.48
CA TYR A 76 0.47 10.41 1.53
C TYR A 76 1.43 11.49 1.98
N ASP A 77 2.56 11.08 2.51
CA ASP A 77 3.57 11.98 3.04
C ASP A 77 4.91 11.27 3.15
N PRO A 78 6.00 12.04 3.24
CA PRO A 78 7.33 11.47 3.54
C PRO A 78 7.32 10.74 4.88
N PRO A 79 8.15 9.70 5.03
CA PRO A 79 8.18 8.88 6.24
C PRO A 79 8.91 9.59 7.38
N LEU A 80 9.21 8.84 8.43
CA LEU A 80 9.88 9.38 9.62
C LEU A 80 11.38 9.55 9.37
N THR A 81 11.75 9.45 8.11
CA THR A 81 13.13 9.61 7.69
C THR A 81 13.73 10.91 8.24
N PRO A 82 14.87 10.81 8.93
CA PRO A 82 15.58 11.96 9.48
C PRO A 82 16.06 12.92 8.40
N THR A 2 1.98 -16.53 -3.29
CA THR A 2 0.61 -16.35 -2.76
C THR A 2 0.65 -15.66 -1.40
N ILE A 3 -0.51 -15.25 -0.91
CA ILE A 3 -0.63 -14.54 0.37
C ILE A 3 -2.09 -14.28 0.69
N ASP A 4 -2.84 -13.85 -0.31
CA ASP A 4 -4.26 -13.54 -0.16
C ASP A 4 -4.89 -13.61 -1.55
N VAL A 5 -5.86 -12.75 -1.83
CA VAL A 5 -6.37 -12.60 -3.18
C VAL A 5 -5.35 -11.82 -4.01
N LEU A 6 -4.33 -11.33 -3.33
CA LEU A 6 -3.29 -10.53 -3.95
C LEU A 6 -2.28 -11.42 -4.66
N GLN A 7 -2.64 -11.87 -5.86
CA GLN A 7 -1.77 -12.74 -6.64
C GLN A 7 -0.86 -11.93 -7.54
N PHE A 8 0.41 -11.84 -7.17
CA PHE A 8 1.39 -11.14 -7.97
C PHE A 8 1.89 -12.05 -9.08
N LYS A 9 1.78 -11.53 -10.30
CA LYS A 9 2.19 -12.22 -11.51
C LYS A 9 3.63 -12.70 -11.39
N ASP A 10 4.45 -11.87 -10.76
CA ASP A 10 5.85 -12.16 -10.54
C ASP A 10 6.37 -11.26 -9.43
N GLU A 11 7.66 -11.34 -9.12
CA GLU A 11 8.26 -10.41 -8.19
C GLU A 11 8.12 -9.00 -8.75
N ALA A 12 8.09 -8.91 -10.09
CA ALA A 12 7.90 -7.65 -10.78
C ALA A 12 6.59 -6.98 -10.38
N GLN A 13 5.52 -7.77 -10.23
CA GLN A 13 4.24 -7.22 -9.81
C GLN A 13 4.33 -6.80 -8.36
N GLU A 14 5.13 -7.53 -7.62
CA GLU A 14 5.35 -7.24 -6.21
C GLU A 14 6.27 -6.04 -6.04
N GLN A 15 7.02 -5.68 -7.08
CA GLN A 15 7.85 -4.49 -7.07
C GLN A 15 6.98 -3.24 -7.09
N GLN A 16 5.91 -3.27 -7.87
CA GLN A 16 4.93 -2.18 -7.86
C GLN A 16 4.28 -2.13 -6.49
N PHE A 17 3.88 -3.29 -6.01
CA PHE A 17 3.30 -3.44 -4.69
C PHE A 17 4.26 -2.91 -3.64
N ARG A 18 5.54 -3.20 -3.85
CA ARG A 18 6.62 -2.76 -2.97
C ARG A 18 6.56 -1.26 -2.75
N GLN A 19 6.52 -0.50 -3.84
CA GLN A 19 6.50 0.95 -3.77
C GLN A 19 5.15 1.45 -3.28
N LEU A 20 4.09 0.81 -3.77
CA LEU A 20 2.73 1.24 -3.47
C LEU A 20 2.40 1.08 -1.99
N THR A 21 3.12 0.20 -1.31
CA THR A 21 2.90 -0.01 0.12
C THR A 21 3.91 0.77 0.97
N GLU A 22 5.01 1.22 0.37
CA GLU A 22 6.05 1.90 1.14
C GLU A 22 5.94 3.41 1.05
N GLU A 23 5.30 3.93 0.00
CA GLU A 23 5.09 5.36 -0.10
C GLU A 23 3.72 5.73 0.46
N LEU A 24 3.46 5.25 1.66
CA LEU A 24 2.20 5.52 2.35
C LEU A 24 2.44 5.68 3.83
N ARG A 25 1.78 6.67 4.43
CA ARG A 25 1.94 6.92 5.84
C ARG A 25 0.98 6.10 6.67
N CYS A 26 1.52 5.12 7.37
CA CYS A 26 0.80 4.40 8.40
C CYS A 26 1.20 4.98 9.76
N PRO A 27 0.26 5.66 10.42
CA PRO A 27 0.53 6.41 11.67
C PRO A 27 0.83 5.50 12.87
N LYS A 28 1.80 4.62 12.73
CA LYS A 28 2.28 3.85 13.85
C LYS A 28 3.59 4.43 14.35
N CYS A 29 4.43 4.88 13.40
CA CYS A 29 5.72 5.51 13.71
C CYS A 29 6.74 4.49 14.19
N GLN A 30 6.32 3.66 15.14
CA GLN A 30 7.14 2.64 15.74
C GLN A 30 7.37 1.49 14.77
N ASN A 31 6.50 1.40 13.78
CA ASN A 31 6.63 0.39 12.74
C ASN A 31 6.72 1.11 11.40
N ASN A 32 7.12 0.39 10.37
CA ASN A 32 7.31 0.98 9.05
C ASN A 32 6.04 0.91 8.21
N SER A 33 6.19 1.17 6.92
CA SER A 33 5.07 1.21 5.98
C SER A 33 4.32 -0.12 5.93
N ILE A 34 3.13 -0.09 5.34
CA ILE A 34 2.22 -1.24 5.34
C ILE A 34 2.76 -2.42 4.55
N ALA A 35 3.92 -2.25 3.94
CA ALA A 35 4.61 -3.34 3.27
C ALA A 35 5.11 -4.35 4.30
N ASP A 36 5.46 -3.83 5.46
CA ASP A 36 5.95 -4.66 6.56
C ASP A 36 5.40 -4.12 7.88
N SER A 37 4.15 -4.47 8.15
CA SER A 37 3.44 -3.91 9.30
C SER A 37 2.72 -5.01 10.10
N ASN A 38 2.36 -4.69 11.33
CA ASN A 38 1.72 -5.65 12.22
C ASN A 38 0.22 -5.40 12.25
N SER A 39 -0.24 -4.52 11.39
CA SER A 39 -1.65 -4.17 11.34
C SER A 39 -2.40 -5.04 10.35
N MET A 40 -3.50 -5.61 10.82
CA MET A 40 -4.39 -6.41 9.97
C MET A 40 -5.03 -5.51 8.92
N ILE A 41 -5.24 -4.27 9.30
CA ILE A 41 -5.91 -3.30 8.45
C ILE A 41 -4.98 -2.88 7.31
N ALA A 42 -3.67 -2.96 7.56
CA ALA A 42 -2.67 -2.69 6.53
C ALA A 42 -2.91 -3.61 5.32
N THR A 43 -3.32 -4.82 5.60
CA THR A 43 -3.65 -5.78 4.56
C THR A 43 -4.85 -5.31 3.74
N ASP A 44 -5.86 -4.77 4.41
CA ASP A 44 -7.04 -4.22 3.75
C ASP A 44 -6.62 -3.17 2.74
N LEU A 45 -5.71 -2.30 3.16
CA LEU A 45 -5.17 -1.25 2.31
C LEU A 45 -4.41 -1.85 1.14
N ARG A 46 -3.64 -2.90 1.43
CA ARG A 46 -2.82 -3.56 0.43
C ARG A 46 -3.69 -4.24 -0.63
N GLN A 47 -4.89 -4.66 -0.23
CA GLN A 47 -5.83 -5.20 -1.19
C GLN A 47 -6.25 -4.11 -2.16
N LYS A 48 -6.46 -2.90 -1.63
CA LYS A 48 -6.77 -1.75 -2.48
C LYS A 48 -5.62 -1.49 -3.44
N VAL A 49 -4.40 -1.50 -2.92
CA VAL A 49 -3.19 -1.37 -3.73
C VAL A 49 -3.19 -2.37 -4.88
N TYR A 50 -3.62 -3.60 -4.59
CA TYR A 50 -3.69 -4.63 -5.61
C TYR A 50 -4.79 -4.33 -6.64
N GLU A 51 -5.98 -3.99 -6.16
CA GLU A 51 -7.09 -3.63 -7.05
C GLU A 51 -6.71 -2.49 -7.97
N LEU A 52 -6.15 -1.43 -7.38
CA LEU A 52 -5.80 -0.21 -8.10
C LEU A 52 -4.87 -0.48 -9.28
N MET A 53 -4.05 -1.52 -9.16
CA MET A 53 -3.18 -1.92 -10.26
C MET A 53 -4.03 -2.26 -11.49
N GLN A 54 -5.14 -2.97 -11.26
CA GLN A 54 -6.04 -3.37 -12.34
C GLN A 54 -6.90 -2.19 -12.74
N GLU A 55 -7.32 -1.44 -11.73
CA GLU A 55 -8.16 -0.25 -11.94
C GLU A 55 -7.47 0.76 -12.85
N GLY A 56 -6.14 0.67 -12.91
CA GLY A 56 -5.39 1.47 -13.84
C GLY A 56 -4.95 2.77 -13.20
N LYS A 57 -4.46 2.67 -11.98
CA LYS A 57 -4.02 3.82 -11.25
C LYS A 57 -2.50 3.98 -11.38
N SER A 58 -2.05 5.20 -11.18
CA SER A 58 -0.63 5.52 -11.21
C SER A 58 -0.06 5.32 -9.80
N LYS A 59 1.25 5.39 -9.65
CA LYS A 59 1.85 5.14 -8.34
C LYS A 59 1.33 6.16 -7.31
N LYS A 60 1.48 7.43 -7.63
CA LYS A 60 0.98 8.51 -6.77
C LYS A 60 -0.54 8.47 -6.70
N GLU A 61 -1.14 7.94 -7.76
CA GLU A 61 -2.59 7.81 -7.83
C GLU A 61 -3.09 6.72 -6.87
N ILE A 62 -2.37 5.60 -6.80
CA ILE A 62 -2.73 4.53 -5.88
C ILE A 62 -2.73 5.03 -4.44
N VAL A 63 -1.64 5.67 -4.03
CA VAL A 63 -1.54 6.20 -2.68
C VAL A 63 -2.55 7.33 -2.44
N ASP A 64 -2.80 8.12 -3.48
CA ASP A 64 -3.84 9.15 -3.41
C ASP A 64 -5.19 8.51 -3.18
N TYR A 65 -5.43 7.41 -3.88
CA TYR A 65 -6.67 6.67 -3.75
C TYR A 65 -6.81 6.14 -2.33
N MET A 66 -5.69 5.70 -1.78
CA MET A 66 -5.63 5.21 -0.41
C MET A 66 -6.10 6.28 0.56
N VAL A 67 -5.49 7.45 0.52
CA VAL A 67 -5.84 8.52 1.46
C VAL A 67 -7.24 9.06 1.17
N ALA A 68 -7.64 9.00 -0.09
CA ALA A 68 -8.93 9.52 -0.49
C ALA A 68 -10.08 8.69 0.11
N ARG A 69 -9.96 7.38 0.07
CA ARG A 69 -10.99 6.49 0.58
C ARG A 69 -10.70 6.03 2.00
N TYR A 70 -9.45 5.68 2.25
CA TYR A 70 -9.04 5.10 3.52
C TYR A 70 -8.35 6.14 4.38
N GLY A 71 -8.66 7.41 4.14
CA GLY A 71 -8.00 8.50 4.84
C GLY A 71 -8.36 8.56 6.31
N ASN A 72 -9.22 7.65 6.74
CA ASN A 72 -9.58 7.51 8.14
C ASN A 72 -8.41 6.99 8.95
N PHE A 73 -7.44 6.40 8.26
CA PHE A 73 -6.27 5.83 8.91
C PHE A 73 -5.00 6.15 8.12
N VAL A 74 -5.10 6.15 6.79
CA VAL A 74 -3.92 6.30 5.96
C VAL A 74 -3.69 7.77 5.62
N THR A 75 -2.47 8.10 5.23
CA THR A 75 -2.12 9.48 4.92
C THR A 75 -0.99 9.56 3.90
N TYR A 76 -0.98 10.60 3.08
CA TYR A 76 0.11 10.83 2.16
C TYR A 76 0.90 12.06 2.62
N ASP A 77 2.07 11.80 3.17
CA ASP A 77 2.90 12.82 3.78
C ASP A 77 4.33 12.33 3.80
N PRO A 78 5.32 13.22 3.98
CA PRO A 78 6.72 12.83 4.16
C PRO A 78 6.83 11.81 5.29
N PRO A 79 7.59 10.73 5.11
CA PRO A 79 7.61 9.62 6.04
C PRO A 79 8.39 9.92 7.31
N LEU A 80 8.86 8.89 7.99
CA LEU A 80 9.56 9.05 9.26
C LEU A 80 11.02 9.43 9.03
N THR A 81 11.35 9.69 7.77
CA THR A 81 12.70 10.10 7.39
C THR A 81 13.09 11.41 8.07
N PRO A 82 14.27 11.43 8.71
CA PRO A 82 14.85 12.66 9.24
C PRO A 82 15.29 13.60 8.13
N THR A 2 0.93 -22.07 -0.51
CA THR A 2 0.07 -21.03 0.10
C THR A 2 0.58 -19.62 -0.27
N ILE A 3 -0.37 -18.71 -0.48
CA ILE A 3 -0.05 -17.33 -0.83
C ILE A 3 -1.38 -16.57 -0.97
N ASP A 4 -1.36 -15.27 -0.71
CA ASP A 4 -2.56 -14.44 -0.79
C ASP A 4 -3.17 -14.44 -2.20
N VAL A 5 -4.41 -13.98 -2.27
CA VAL A 5 -5.14 -13.92 -3.54
C VAL A 5 -4.63 -12.77 -4.41
N LEU A 6 -3.64 -12.06 -3.90
CA LEU A 6 -3.09 -10.90 -4.59
C LEU A 6 -2.18 -11.37 -5.73
N GLN A 7 -2.76 -11.49 -6.91
CA GLN A 7 -2.04 -12.00 -8.07
C GLN A 7 -1.27 -10.90 -8.80
N PHE A 8 0.04 -11.06 -8.82
CA PHE A 8 0.89 -10.15 -9.58
C PHE A 8 1.17 -10.75 -10.94
N LYS A 9 0.96 -9.92 -11.96
CA LYS A 9 1.13 -10.30 -13.36
C LYS A 9 2.52 -10.89 -13.60
N ASP A 10 3.48 -10.40 -12.85
CA ASP A 10 4.84 -10.90 -12.89
C ASP A 10 5.56 -10.38 -11.65
N GLU A 11 6.86 -10.56 -11.58
CA GLU A 11 7.62 -10.07 -10.44
C GLU A 11 7.55 -8.55 -10.38
N ALA A 12 7.41 -7.90 -11.53
CA ALA A 12 7.35 -6.45 -11.60
C ALA A 12 6.08 -5.91 -10.96
N GLN A 13 4.94 -6.57 -11.20
CA GLN A 13 3.69 -6.16 -10.58
C GLN A 13 3.84 -6.25 -9.06
N GLU A 14 4.63 -7.23 -8.64
CA GLU A 14 4.91 -7.44 -7.24
C GLU A 14 5.82 -6.33 -6.71
N GLN A 15 6.74 -5.87 -7.54
CA GLN A 15 7.62 -4.77 -7.19
C GLN A 15 6.81 -3.48 -7.04
N GLN A 16 5.80 -3.33 -7.90
CA GLN A 16 4.88 -2.20 -7.80
C GLN A 16 4.21 -2.20 -6.43
N PHE A 17 3.83 -3.40 -6.00
CA PHE A 17 3.23 -3.59 -4.69
C PHE A 17 4.17 -3.09 -3.59
N ARG A 18 5.46 -3.33 -3.78
CA ARG A 18 6.47 -2.87 -2.84
C ARG A 18 6.43 -1.35 -2.67
N GLN A 19 6.47 -0.64 -3.78
CA GLN A 19 6.52 0.82 -3.77
C GLN A 19 5.21 1.40 -3.27
N LEU A 20 4.12 0.84 -3.77
CA LEU A 20 2.79 1.33 -3.43
C LEU A 20 2.50 1.14 -1.94
N THR A 21 3.20 0.22 -1.29
CA THR A 21 3.04 0.02 0.14
C THR A 21 4.12 0.75 0.95
N GLU A 22 5.09 1.34 0.27
CA GLU A 22 6.17 2.05 0.96
C GLU A 22 5.88 3.55 1.12
N GLU A 23 5.26 4.15 0.11
CA GLU A 23 5.01 5.59 0.14
C GLU A 23 3.69 5.93 0.84
N LEU A 24 3.08 4.94 1.48
CA LEU A 24 1.86 5.17 2.23
C LEU A 24 2.14 5.13 3.72
N ARG A 25 1.66 6.14 4.43
CA ARG A 25 1.81 6.23 5.87
C ARG A 25 0.70 5.51 6.60
N CYS A 26 1.07 4.67 7.55
CA CYS A 26 0.12 4.11 8.50
C CYS A 26 0.58 4.47 9.91
N PRO A 27 0.00 5.55 10.49
CA PRO A 27 0.39 6.17 11.76
C PRO A 27 1.12 5.25 12.74
N LYS A 28 2.44 5.19 12.60
CA LYS A 28 3.28 4.37 13.45
C LYS A 28 4.75 4.60 13.09
N CYS A 29 5.56 4.88 14.10
CA CYS A 29 6.99 5.14 13.91
C CYS A 29 7.71 3.89 13.46
N GLN A 30 7.23 2.75 13.93
CA GLN A 30 7.86 1.48 13.64
C GLN A 30 7.34 0.91 12.33
N ASN A 31 6.05 0.63 12.28
CA ASN A 31 5.42 0.15 11.05
C ASN A 31 4.88 1.34 10.27
N ASN A 32 5.80 2.16 9.78
CA ASN A 32 5.45 3.41 9.10
C ASN A 32 4.89 3.19 7.70
N SER A 33 5.10 2.00 7.15
CA SER A 33 4.62 1.68 5.82
C SER A 33 3.86 0.36 5.86
N ILE A 34 2.77 0.29 5.09
CA ILE A 34 1.89 -0.88 5.12
C ILE A 34 2.56 -2.12 4.54
N ALA A 35 3.70 -1.92 3.85
CA ALA A 35 4.49 -3.03 3.32
C ALA A 35 4.76 -4.07 4.41
N ASP A 36 5.35 -3.61 5.50
CA ASP A 36 5.58 -4.46 6.66
C ASP A 36 4.97 -3.80 7.88
N SER A 37 3.65 -3.91 7.97
CA SER A 37 2.89 -3.24 9.01
C SER A 37 2.26 -4.26 9.96
N ASN A 38 2.05 -5.49 9.45
CA ASN A 38 1.55 -6.61 10.24
C ASN A 38 0.09 -6.44 10.65
N SER A 39 -0.54 -5.36 10.19
CA SER A 39 -1.91 -5.07 10.57
C SER A 39 -2.91 -5.76 9.65
N MET A 40 -4.00 -6.25 10.25
CA MET A 40 -5.09 -6.89 9.52
C MET A 40 -5.66 -5.92 8.50
N ILE A 41 -5.86 -4.70 8.94
CA ILE A 41 -6.50 -3.68 8.13
C ILE A 41 -5.50 -3.09 7.14
N ALA A 42 -4.22 -3.06 7.55
CA ALA A 42 -3.15 -2.62 6.66
C ALA A 42 -3.05 -3.53 5.45
N THR A 43 -3.34 -4.81 5.66
CA THR A 43 -3.42 -5.77 4.57
C THR A 43 -4.62 -5.48 3.67
N ASP A 44 -5.73 -5.09 4.28
CA ASP A 44 -6.92 -4.67 3.53
C ASP A 44 -6.56 -3.51 2.61
N LEU A 45 -5.77 -2.60 3.14
CA LEU A 45 -5.25 -1.47 2.38
C LEU A 45 -4.41 -1.97 1.20
N ARG A 46 -3.61 -2.99 1.46
CA ARG A 46 -2.77 -3.58 0.43
C ARG A 46 -3.60 -4.28 -0.63
N GLN A 47 -4.77 -4.77 -0.23
CA GLN A 47 -5.73 -5.31 -1.18
C GLN A 47 -6.18 -4.22 -2.14
N LYS A 48 -6.41 -3.03 -1.59
CA LYS A 48 -6.76 -1.88 -2.41
C LYS A 48 -5.65 -1.60 -3.42
N VAL A 49 -4.42 -1.56 -2.92
CA VAL A 49 -3.24 -1.40 -3.76
C VAL A 49 -3.24 -2.43 -4.90
N TYR A 50 -3.61 -3.67 -4.58
CA TYR A 50 -3.74 -4.72 -5.59
C TYR A 50 -4.81 -4.35 -6.63
N GLU A 51 -6.01 -4.00 -6.16
CA GLU A 51 -7.09 -3.61 -7.05
C GLU A 51 -6.69 -2.44 -7.94
N LEU A 52 -6.13 -1.42 -7.31
CA LEU A 52 -5.75 -0.17 -7.99
C LEU A 52 -4.80 -0.41 -9.15
N MET A 53 -3.98 -1.45 -9.06
CA MET A 53 -3.09 -1.81 -10.15
C MET A 53 -3.88 -2.12 -11.41
N GLN A 54 -4.91 -2.95 -11.26
CA GLN A 54 -5.71 -3.35 -12.40
C GLN A 54 -6.86 -2.38 -12.63
N GLU A 55 -7.06 -1.45 -11.70
CA GLU A 55 -8.01 -0.36 -11.89
C GLU A 55 -7.43 0.64 -12.89
N GLY A 56 -6.11 0.69 -12.94
CA GLY A 56 -5.44 1.53 -13.90
C GLY A 56 -4.94 2.80 -13.28
N LYS A 57 -4.64 2.73 -11.99
CA LYS A 57 -4.17 3.89 -11.25
C LYS A 57 -2.68 4.07 -11.48
N SER A 58 -2.21 5.29 -11.23
CA SER A 58 -0.80 5.60 -11.30
C SER A 58 -0.20 5.44 -9.91
N LYS A 59 1.11 5.40 -9.81
CA LYS A 59 1.79 5.14 -8.53
C LYS A 59 1.27 6.04 -7.42
N LYS A 60 1.41 7.34 -7.60
CA LYS A 60 0.95 8.29 -6.60
C LYS A 60 -0.58 8.30 -6.54
N GLU A 61 -1.19 8.02 -7.67
CA GLU A 61 -2.65 7.91 -7.75
C GLU A 61 -3.16 6.79 -6.85
N ILE A 62 -2.42 5.68 -6.77
CA ILE A 62 -2.79 4.56 -5.91
C ILE A 62 -2.83 5.01 -4.44
N VAL A 63 -1.74 5.61 -3.98
CA VAL A 63 -1.65 6.04 -2.59
C VAL A 63 -2.62 7.19 -2.33
N ASP A 64 -2.81 8.03 -3.33
CA ASP A 64 -3.74 9.14 -3.23
C ASP A 64 -5.18 8.64 -3.19
N TYR A 65 -5.43 7.58 -3.93
CA TYR A 65 -6.72 6.90 -3.90
C TYR A 65 -6.95 6.34 -2.49
N MET A 66 -5.90 5.77 -1.94
CA MET A 66 -5.93 5.21 -0.60
C MET A 66 -6.24 6.30 0.43
N VAL A 67 -5.51 7.40 0.36
CA VAL A 67 -5.69 8.49 1.34
C VAL A 67 -7.03 9.19 1.14
N ALA A 68 -7.50 9.22 -0.10
CA ALA A 68 -8.78 9.84 -0.41
C ALA A 68 -9.93 9.05 0.23
N ARG A 69 -9.94 7.74 0.03
CA ARG A 69 -11.01 6.89 0.54
C ARG A 69 -10.74 6.44 1.97
N TYR A 70 -9.58 5.83 2.19
CA TYR A 70 -9.24 5.23 3.47
C TYR A 70 -8.47 6.22 4.36
N GLY A 71 -8.76 7.49 4.19
CA GLY A 71 -7.97 8.52 4.85
C GLY A 71 -8.25 8.67 6.34
N ASN A 72 -8.92 7.70 6.94
CA ASN A 72 -9.14 7.70 8.37
C ASN A 72 -8.01 6.96 9.07
N PHE A 73 -7.37 6.08 8.32
CA PHE A 73 -6.30 5.27 8.86
C PHE A 73 -5.01 5.50 8.07
N VAL A 74 -5.15 5.77 6.78
CA VAL A 74 -3.98 5.95 5.92
C VAL A 74 -3.69 7.44 5.73
N THR A 75 -2.45 7.76 5.39
CA THR A 75 -2.07 9.14 5.12
C THR A 75 -0.90 9.19 4.13
N TYR A 76 -0.89 10.19 3.26
CA TYR A 76 0.23 10.39 2.35
C TYR A 76 1.16 11.46 2.90
N ASP A 77 2.29 11.02 3.42
CA ASP A 77 3.27 11.90 4.03
C ASP A 77 4.62 11.22 4.04
N PRO A 78 5.72 11.99 4.17
CA PRO A 78 7.07 11.43 4.31
C PRO A 78 7.17 10.50 5.51
N PRO A 79 7.66 9.28 5.31
CA PRO A 79 7.73 8.27 6.35
C PRO A 79 8.96 8.44 7.22
N LEU A 80 9.23 7.43 8.05
CA LEU A 80 10.35 7.47 8.99
C LEU A 80 11.62 7.01 8.31
N THR A 81 11.57 6.95 6.99
CA THR A 81 12.69 6.52 6.16
C THR A 81 13.99 7.23 6.55
N PRO A 82 14.96 6.47 7.08
CA PRO A 82 16.24 7.03 7.53
C PRO A 82 17.11 7.53 6.37
N THR A 2 -0.39 -17.74 -1.77
CA THR A 2 0.63 -17.70 -0.70
C THR A 2 0.63 -16.33 -0.01
N ILE A 3 -0.40 -15.53 -0.26
CA ILE A 3 -0.49 -14.19 0.31
C ILE A 3 -1.95 -13.75 0.46
N ASP A 4 -2.70 -13.82 -0.65
CA ASP A 4 -4.10 -13.45 -0.67
C ASP A 4 -4.64 -13.61 -2.09
N VAL A 5 -5.75 -12.96 -2.41
CA VAL A 5 -6.28 -12.97 -3.78
C VAL A 5 -5.34 -12.20 -4.69
N LEU A 6 -4.42 -11.48 -4.07
CA LEU A 6 -3.44 -10.66 -4.78
C LEU A 6 -2.41 -11.55 -5.44
N GLN A 7 -2.62 -11.86 -6.71
CA GLN A 7 -1.74 -12.77 -7.44
C GLN A 7 -0.73 -12.01 -8.28
N PHE A 8 0.49 -11.89 -7.76
CA PHE A 8 1.56 -11.23 -8.49
C PHE A 8 2.08 -12.14 -9.59
N LYS A 9 2.09 -11.59 -10.79
CA LYS A 9 2.57 -12.29 -11.97
C LYS A 9 3.99 -12.82 -11.76
N ASP A 10 4.81 -12.00 -11.11
CA ASP A 10 6.17 -12.38 -10.77
C ASP A 10 6.73 -11.31 -9.84
N GLU A 11 8.04 -11.30 -9.65
CA GLU A 11 8.66 -10.33 -8.75
C GLU A 11 8.34 -8.91 -9.19
N ALA A 12 8.23 -8.71 -10.51
CA ALA A 12 7.94 -7.39 -11.07
C ALA A 12 6.63 -6.86 -10.54
N GLN A 13 5.61 -7.69 -10.58
CA GLN A 13 4.30 -7.30 -10.11
C GLN A 13 4.37 -7.01 -8.63
N GLU A 14 5.24 -7.73 -7.94
CA GLU A 14 5.44 -7.56 -6.52
C GLU A 14 6.27 -6.29 -6.23
N GLN A 15 7.10 -5.88 -7.20
CA GLN A 15 7.87 -4.64 -7.08
C GLN A 15 6.95 -3.43 -6.98
N GLN A 16 5.88 -3.44 -7.77
CA GLN A 16 4.91 -2.36 -7.71
C GLN A 16 4.23 -2.35 -6.35
N PHE A 17 3.82 -3.54 -5.92
CA PHE A 17 3.23 -3.71 -4.60
C PHE A 17 4.21 -3.26 -3.52
N ARG A 18 5.47 -3.60 -3.73
CA ARG A 18 6.58 -3.20 -2.87
C ARG A 18 6.56 -1.69 -2.64
N GLN A 19 6.50 -0.94 -3.73
CA GLN A 19 6.52 0.52 -3.66
C GLN A 19 5.21 1.06 -3.14
N LEU A 20 4.11 0.57 -3.70
CA LEU A 20 2.80 1.12 -3.41
C LEU A 20 2.45 0.98 -1.93
N THR A 21 3.07 0.02 -1.27
CA THR A 21 2.85 -0.15 0.16
C THR A 21 3.73 0.77 0.99
N GLU A 22 4.97 1.01 0.53
CA GLU A 22 5.93 1.76 1.34
C GLU A 22 6.03 3.22 0.92
N GLU A 23 5.43 3.55 -0.23
CA GLU A 23 5.34 4.94 -0.68
C GLU A 23 4.11 5.58 -0.04
N LEU A 24 3.33 4.73 0.62
CA LEU A 24 2.16 5.15 1.37
C LEU A 24 2.53 5.41 2.83
N ARG A 25 1.98 6.48 3.39
CA ARG A 25 2.24 6.81 4.78
C ARG A 25 1.22 6.18 5.70
N CYS A 26 1.69 5.64 6.80
CA CYS A 26 0.81 5.14 7.84
C CYS A 26 1.00 5.99 9.09
N PRO A 27 -0.09 6.26 9.83
CA PRO A 27 -0.03 6.98 11.12
C PRO A 27 0.84 6.22 12.12
N LYS A 28 1.36 6.94 13.12
CA LYS A 28 2.32 6.40 14.07
C LYS A 28 3.69 6.27 13.42
N CYS A 29 4.59 7.15 13.81
CA CYS A 29 5.91 7.25 13.19
C CYS A 29 6.73 5.99 13.40
N GLN A 30 6.62 5.42 14.60
CA GLN A 30 7.39 4.22 14.94
C GLN A 30 6.66 2.96 14.48
N ASN A 31 6.24 2.99 13.22
CA ASN A 31 5.54 1.88 12.60
C ASN A 31 5.80 1.92 11.10
N ASN A 32 6.40 0.85 10.58
CA ASN A 32 6.72 0.79 9.15
C ASN A 32 5.46 0.77 8.31
N SER A 33 5.59 1.15 7.04
CA SER A 33 4.47 1.20 6.12
C SER A 33 3.72 -0.13 6.07
N ILE A 34 2.52 -0.09 5.48
CA ILE A 34 1.55 -1.20 5.55
C ILE A 34 2.12 -2.54 5.10
N ALA A 35 3.26 -2.52 4.43
CA ALA A 35 3.92 -3.74 3.98
C ALA A 35 4.43 -4.56 5.16
N ASP A 36 4.91 -3.87 6.19
CA ASP A 36 5.53 -4.53 7.33
C ASP A 36 4.70 -4.37 8.59
N SER A 37 3.52 -3.79 8.46
CA SER A 37 2.65 -3.59 9.61
C SER A 37 2.02 -4.90 10.07
N ASN A 38 1.83 -5.82 9.11
CA ASN A 38 1.26 -7.15 9.37
C ASN A 38 -0.19 -7.09 9.88
N SER A 39 -0.70 -5.89 10.00
CA SER A 39 -2.06 -5.68 10.48
C SER A 39 -3.08 -6.18 9.48
N MET A 40 -4.20 -6.68 9.98
CA MET A 40 -5.30 -7.12 9.14
C MET A 40 -5.76 -5.97 8.25
N ILE A 41 -5.88 -4.80 8.87
CA ILE A 41 -6.35 -3.62 8.20
C ILE A 41 -5.26 -3.08 7.28
N ALA A 42 -4.00 -3.31 7.65
CA ALA A 42 -2.87 -2.95 6.80
C ALA A 42 -2.88 -3.79 5.54
N THR A 43 -3.25 -5.05 5.69
CA THR A 43 -3.44 -5.95 4.56
C THR A 43 -4.62 -5.50 3.71
N ASP A 44 -5.68 -5.03 4.37
CA ASP A 44 -6.85 -4.47 3.69
C ASP A 44 -6.41 -3.40 2.69
N LEU A 45 -5.58 -2.49 3.18
CA LEU A 45 -5.08 -1.39 2.37
C LEU A 45 -4.20 -1.91 1.24
N ARG A 46 -3.43 -2.95 1.53
CA ARG A 46 -2.58 -3.57 0.54
C ARG A 46 -3.39 -4.20 -0.58
N GLN A 47 -4.60 -4.64 -0.25
CA GLN A 47 -5.51 -5.18 -1.24
C GLN A 47 -5.96 -4.07 -2.18
N LYS A 48 -6.23 -2.90 -1.62
CA LYS A 48 -6.60 -1.73 -2.42
C LYS A 48 -5.48 -1.40 -3.40
N VAL A 49 -4.24 -1.48 -2.91
CA VAL A 49 -3.07 -1.28 -3.76
C VAL A 49 -3.11 -2.23 -4.97
N TYR A 50 -3.50 -3.47 -4.74
CA TYR A 50 -3.57 -4.46 -5.80
C TYR A 50 -4.73 -4.18 -6.74
N GLU A 51 -5.90 -3.86 -6.17
CA GLU A 51 -7.08 -3.54 -6.96
C GLU A 51 -6.80 -2.36 -7.88
N LEU A 52 -6.22 -1.31 -7.32
CA LEU A 52 -5.92 -0.09 -8.05
C LEU A 52 -4.99 -0.35 -9.24
N MET A 53 -4.15 -1.39 -9.12
CA MET A 53 -3.28 -1.78 -10.22
C MET A 53 -4.11 -2.10 -11.46
N GLN A 54 -5.09 -2.99 -11.30
CA GLN A 54 -5.91 -3.41 -12.43
C GLN A 54 -6.93 -2.33 -12.79
N GLU A 55 -7.23 -1.45 -11.83
CA GLU A 55 -8.08 -0.30 -12.09
C GLU A 55 -7.38 0.66 -13.04
N GLY A 56 -6.06 0.64 -13.00
CA GLY A 56 -5.28 1.44 -13.91
C GLY A 56 -4.85 2.73 -13.28
N LYS A 57 -4.50 2.67 -12.00
CA LYS A 57 -4.05 3.85 -11.29
C LYS A 57 -2.54 3.99 -11.41
N SER A 58 -2.07 5.19 -11.18
CA SER A 58 -0.65 5.49 -11.18
C SER A 58 -0.12 5.38 -9.75
N LYS A 59 1.19 5.47 -9.56
CA LYS A 59 1.77 5.28 -8.23
C LYS A 59 1.18 6.28 -7.24
N LYS A 60 1.29 7.56 -7.56
CA LYS A 60 0.74 8.62 -6.71
C LYS A 60 -0.76 8.56 -6.69
N GLU A 61 -1.32 8.08 -7.79
CA GLU A 61 -2.77 7.93 -7.91
C GLU A 61 -3.26 6.83 -6.97
N ILE A 62 -2.47 5.77 -6.83
CA ILE A 62 -2.81 4.68 -5.92
C ILE A 62 -2.83 5.19 -4.47
N VAL A 63 -1.75 5.84 -4.06
CA VAL A 63 -1.66 6.35 -2.70
C VAL A 63 -2.69 7.45 -2.48
N ASP A 64 -2.96 8.22 -3.52
CA ASP A 64 -3.97 9.27 -3.45
C ASP A 64 -5.36 8.67 -3.30
N TYR A 65 -5.59 7.54 -3.96
CA TYR A 65 -6.85 6.82 -3.84
C TYR A 65 -6.98 6.30 -2.42
N MET A 66 -5.84 5.83 -1.89
CA MET A 66 -5.77 5.32 -0.54
C MET A 66 -6.21 6.40 0.44
N VAL A 67 -5.65 7.59 0.35
CA VAL A 67 -6.00 8.66 1.27
C VAL A 67 -7.41 9.17 0.99
N ALA A 68 -7.82 9.10 -0.26
CA ALA A 68 -9.12 9.58 -0.68
C ALA A 68 -10.25 8.81 0.03
N ARG A 69 -10.10 7.50 0.11
CA ARG A 69 -11.10 6.67 0.78
C ARG A 69 -10.66 6.32 2.20
N TYR A 70 -9.46 5.79 2.32
CA TYR A 70 -8.96 5.23 3.57
C TYR A 70 -8.12 6.26 4.32
N GLY A 71 -8.49 7.53 4.21
CA GLY A 71 -7.66 8.58 4.76
C GLY A 71 -7.66 8.66 6.27
N ASN A 72 -8.41 7.79 6.92
CA ASN A 72 -8.40 7.70 8.38
C ASN A 72 -7.49 6.58 8.83
N PHE A 73 -6.96 5.83 7.87
CA PHE A 73 -6.04 4.74 8.14
C PHE A 73 -4.72 4.96 7.42
N VAL A 74 -4.76 5.77 6.37
CA VAL A 74 -3.59 6.01 5.53
C VAL A 74 -3.31 7.51 5.46
N THR A 75 -2.14 7.86 4.92
CA THR A 75 -1.79 9.26 4.68
C THR A 75 -0.84 9.37 3.49
N TYR A 76 -0.88 10.50 2.79
CA TYR A 76 0.13 10.77 1.79
C TYR A 76 0.96 11.97 2.24
N ASP A 77 2.16 11.67 2.68
CA ASP A 77 3.08 12.66 3.23
C ASP A 77 4.48 12.09 3.15
N PRO A 78 5.52 12.93 3.23
CA PRO A 78 6.90 12.46 3.36
C PRO A 78 7.03 11.56 4.60
N PRO A 79 7.59 10.37 4.44
CA PRO A 79 7.64 9.39 5.51
C PRO A 79 8.81 9.64 6.45
N LEU A 80 9.00 8.72 7.40
CA LEU A 80 10.07 8.83 8.38
C LEU A 80 11.39 8.38 7.76
N THR A 81 11.37 8.24 6.46
CA THR A 81 12.55 7.87 5.69
C THR A 81 13.70 8.83 5.96
N PRO A 82 14.93 8.32 6.12
CA PRO A 82 16.12 9.14 6.38
C PRO A 82 16.37 10.15 5.27
#